data_8GAE
#
_entry.id   8GAE
#
_cell.length_a   1.00
_cell.length_b   1.00
_cell.length_c   1.00
_cell.angle_alpha   90.00
_cell.angle_beta   90.00
_cell.angle_gamma   90.00
#
_symmetry.space_group_name_H-M   'P 1'
#
loop_
_entity.id
_entity.type
_entity.pdbx_description
1 polymer 'Heat shock protein HSP 90-beta'
2 polymer 'Hsp90 co-chaperone Cdc37'
3 polymer 'RAF proto-oncogene serine/threonine-protein kinase'
4 polymer 'Serine/threonine-protein phosphatase 5'
5 non-polymer 'POTASSIUM ION'
6 non-polymer 'MAGNESIUM ION'
7 non-polymer "ADENOSINE-5'-DIPHOSPHATE"
8 non-polymer "ADENOSINE-5'-TRIPHOSPHATE"
9 non-polymer 'MANGANESE (II) ION'
#
loop_
_entity_poly.entity_id
_entity_poly.type
_entity_poly.pdbx_seq_one_letter_code
_entity_poly.pdbx_strand_id
1 'polypeptide(L)'
;GPGMPEEVHHGEEEVETFAFQAEIAQLMSLIINTFYSNKEIFLRELISNASDALDKIRYESLTDPSKLDSGKELKIDIIP
NPQERTLTLVDTGIGMTKADLINNLGTIAKSGTKAFMEALQAGADISMIGQFGVGFYSAYLVAEKVVVITKHNDDEQYAW
ESSAGGSFTVRADHGEPIGRGTKVILHLKEDQTEYLEERRVKEVVKKHSQFIGYPITLYLEKEREKEISDDEAEEEKGEK
EEEDKDDEEKPKIEDVGSDEEDDSGKDKKKKTKKIKEKYIDQEELNKTKPIWTRNPDDITQEEYGEFYKSLTNDWEDHLA
VKHFSVEGQLEFRALLFIPRRAPFDLFENKKKKNNIKLYVRRVFIMDSCDELIPEYLNFIRGVVDSEDLPLNISREMLQQ
SKILKVIRKNIVKKCLELFSELAEDKENYKKFYEAFSKNLKLGIHEDSTNRRRLSELLRYHTSQSGDEMTSLSEYVSRMK
ETQKSIYYITGESKEQVANSAFVERVRKRGFEVVYMTEPIDEYCVQQLKEFDGKSLVSVTKEGLELPEDEEEKKKMEESK
AKFENLCKLMKEILDKKVEKVTISNRLVSSPCCIVTSTYGWTANMERIMKAQALRDNSTMGYMMAKKHLEINPDHPIVET
LRQKAEADKNDKAVKDLVVLLFETALLSSGFSLEDPQTHSNRIYRMIKLGLGIDEDEVAAEEPNAAVPDEIPPLEGDEDA
SRMEEVD
;
A,B
2 'polypeptide(L)'
;MVDYSVWDHIEV(SEP)DDEDETHPNIDTASLFRWRHQARVERMEQFQKEKEELDRGCRECKRKVAECQRKLKELEVAEG
GKAELERLQAEAQQLRKEERSWEQKLEEMRKKEKSMPWNVDTLSKDGFSKSMVNTKPEKTEEDSEEVREQKHKTFVEKYE
KQIKHFGMLRRWDDSQKYLSDNVHLVCEETANYLVIWCIDLEVEEKCALMEQVAHQTIVMQFILELAKSLKVDPRACFRQ
FFTKIKTADRQYMEGFNDELEAFKERVRGRAKLRIEKAMKEYEEEERKKRLGPGGLDPVEVYESLPEELQKCFDVKDVQM
LQDAISKMDPTDAKYHMQRCIDSGLWVPNSKASEAKEGEEAGPGDPLLEAVPKTGDEKDVSVLEVLFQ
;
C
3 'polypeptide(L)'
;NILLFMGYMTKDNLAIVTQWCEGSSLYKHLHVQETKFQMFQLIDIARQTAQGMDYLHAKNIIHRDMKSNNIFLHEGLTVK
IGDFGLATVKSRWSGSQQVEQPTGSVLWMAPEVIRMQDNNPFSFQSDVYSYGIVLYELMTGELPYSHINNRDQIIFMVGR
GYASPDLSKLYKNCPKAMKRLVADCVKKVKEERPLFPQILSSIELLQ
;
D
4 'polypeptide(L)'
;GPGSMAMAEGERTECAEPPRDEPPADGALKRAEELKTQANDYFKAKDYENAIKFYSQAIELNPSNAIYYGNRSLAYLRTE
CYGYALGDATRAIELDKKYIKGYYRRAASNMALGKFRAALRDYETVVKVKPHDKDAKMKYQECNKIVKQKAFERAIAGDE
HKRSVVDSLDIESMTIEDEYSGPKLEDGKVTISFMKELMQWYKDQKKLHRKCAYQILVQVKEVLSKLSTLVETTLKETEK
ITVCGDTHGQFYDLLNIFELNGLPSETNPYIFNGDFVDRGSFSVEVILTLFGFKLLYPDHFHLLRGNAETDNMNQIYGFE
GEVKAKYTAQMYELFSEVFEWLPLAQCINGKVLIMHGGLFSEDGVTLDDIRKIERNRQPPDSGPMCDLLWSDPQPQNGRS
ISKRGVSCQFGPDVTKAFLEENNLDYIIRSHEVKAEGYEVAHGGRCVTVFSAPNYCDQMGNKASYIHLQGSDLRPQFHQF
TAVPHPNVKPMAYANTLLQLGMM
;
E
#
# COMPACT_ATOMS: atom_id res chain seq x y z
N GLU A 13 15.60 17.47 -70.78
CA GLU A 13 16.60 17.90 -69.90
C GLU A 13 17.54 16.75 -69.54
N GLU A 14 18.81 16.89 -69.71
CA GLU A 14 19.81 15.95 -69.32
C GLU A 14 19.66 15.70 -67.83
N VAL A 15 19.53 14.43 -67.43
CA VAL A 15 19.40 14.00 -66.04
C VAL A 15 20.53 13.04 -65.70
N GLU A 16 21.28 13.37 -64.67
CA GLU A 16 22.35 12.50 -64.18
C GLU A 16 21.76 11.70 -63.02
N THR A 17 21.82 10.38 -63.11
CA THR A 17 21.38 9.39 -62.18
C THR A 17 22.56 8.89 -61.37
N PHE A 18 22.49 8.92 -60.08
CA PHE A 18 23.48 8.55 -59.14
C PHE A 18 22.97 7.51 -58.17
N ALA A 19 23.83 6.88 -57.44
CA ALA A 19 23.58 5.94 -56.41
C ALA A 19 24.00 6.48 -55.05
N PHE A 20 23.20 6.17 -54.04
CA PHE A 20 23.52 6.65 -52.70
C PHE A 20 24.82 5.99 -52.24
N GLN A 21 25.75 6.78 -51.72
CA GLN A 21 27.02 6.33 -51.13
C GLN A 21 26.88 6.23 -49.60
N ALA A 22 27.93 5.91 -48.87
CA ALA A 22 27.95 6.01 -47.41
C ALA A 22 29.33 6.45 -46.88
N GLU A 23 29.35 7.07 -45.70
CA GLU A 23 30.58 7.43 -45.00
C GLU A 23 30.82 6.45 -43.84
N ILE A 24 31.80 5.56 -43.97
CA ILE A 24 31.84 4.33 -43.15
C ILE A 24 32.32 4.58 -41.72
N ALA A 25 33.28 5.46 -41.50
CA ALA A 25 33.71 5.99 -40.23
C ALA A 25 32.49 6.54 -39.50
N GLN A 26 31.71 7.36 -40.13
CA GLN A 26 30.52 7.98 -39.60
C GLN A 26 29.51 6.90 -39.24
N LEU A 27 29.17 5.94 -40.12
CA LEU A 27 28.26 4.85 -39.78
C LEU A 27 28.73 4.02 -38.59
N MET A 28 30.00 3.63 -38.53
CA MET A 28 30.53 2.92 -37.37
C MET A 28 30.36 3.74 -36.10
N SER A 29 30.63 5.05 -36.16
CA SER A 29 30.51 5.90 -34.99
C SER A 29 29.05 6.02 -34.53
N LEU A 30 28.06 6.08 -35.43
CA LEU A 30 26.63 6.07 -35.07
C LEU A 30 26.23 4.73 -34.47
N ILE A 31 26.54 3.62 -35.13
CA ILE A 31 26.16 2.28 -34.68
C ILE A 31 26.69 2.01 -33.26
N ILE A 32 27.89 2.46 -32.96
CA ILE A 32 28.50 2.25 -31.66
C ILE A 32 28.00 3.27 -30.62
N ASN A 33 27.93 4.57 -30.92
CA ASN A 33 27.60 5.60 -29.92
C ASN A 33 26.11 5.91 -29.76
N THR A 34 25.24 5.68 -30.74
CA THR A 34 23.90 6.30 -30.74
C THR A 34 22.74 5.36 -30.96
N PHE A 35 22.95 4.09 -31.30
CA PHE A 35 21.84 3.14 -31.50
C PHE A 35 21.34 2.55 -30.19
N TYR A 36 22.24 2.04 -29.34
CA TYR A 36 21.90 1.18 -28.21
C TYR A 36 21.96 1.94 -26.89
N SER A 37 20.96 1.78 -26.03
CA SER A 37 20.79 2.55 -24.78
C SER A 37 21.69 2.09 -23.61
N ASN A 38 22.24 0.87 -23.70
CA ASN A 38 22.80 0.13 -22.58
C ASN A 38 23.88 -0.86 -23.06
N LYS A 39 24.97 -1.00 -22.30
CA LYS A 39 26.15 -1.79 -22.69
C LYS A 39 25.87 -3.29 -22.68
N GLU A 40 24.97 -3.75 -21.82
CA GLU A 40 24.62 -5.16 -21.64
C GLU A 40 24.13 -5.84 -22.92
N ILE A 41 23.56 -5.08 -23.85
CA ILE A 41 23.04 -5.57 -25.11
C ILE A 41 24.11 -6.27 -25.95
N PHE A 42 25.42 -6.06 -25.79
CA PHE A 42 26.48 -6.65 -26.67
C PHE A 42 26.41 -8.21 -26.41
N LEU A 43 26.09 -8.66 -25.20
CA LEU A 43 25.98 -10.09 -24.94
C LEU A 43 24.63 -10.66 -25.40
N ARG A 44 23.56 -9.89 -25.39
CA ARG A 44 22.28 -10.27 -26.00
C ARG A 44 22.46 -10.52 -27.49
N GLU A 45 23.16 -9.64 -28.20
CA GLU A 45 23.39 -9.81 -29.64
C GLU A 45 24.25 -11.03 -29.94
N LEU A 46 25.39 -11.19 -29.28
CA LEU A 46 26.27 -12.32 -29.54
C LEU A 46 25.62 -13.68 -29.21
N ILE A 47 24.90 -13.81 -28.12
CA ILE A 47 24.14 -15.03 -27.83
C ILE A 47 23.05 -15.27 -28.86
N SER A 48 22.40 -14.22 -29.39
CA SER A 48 21.42 -14.39 -30.46
C SER A 48 22.06 -14.98 -31.70
N ASN A 49 23.20 -14.44 -32.14
CA ASN A 49 23.90 -14.93 -33.32
C ASN A 49 24.30 -16.41 -33.19
N ALA A 50 24.77 -16.84 -32.02
CA ALA A 50 25.04 -18.23 -31.75
C ALA A 50 23.79 -19.10 -31.92
N SER A 51 22.66 -18.65 -31.41
CA SER A 51 21.41 -19.39 -31.58
C SER A 51 21.06 -19.55 -33.06
N ASP A 52 21.25 -18.53 -33.88
CA ASP A 52 20.99 -18.67 -35.32
C ASP A 52 21.96 -19.62 -35.99
N ALA A 53 23.25 -19.56 -35.67
CA ALA A 53 24.22 -20.47 -36.22
C ALA A 53 23.97 -21.92 -35.84
N LEU A 54 23.44 -22.21 -34.65
CA LEU A 54 23.04 -23.54 -34.24
C LEU A 54 21.73 -23.96 -34.92
N ASP A 55 20.74 -23.07 -34.97
CA ASP A 55 19.52 -23.29 -35.73
C ASP A 55 19.77 -23.57 -37.20
N LYS A 56 20.81 -22.99 -37.80
CA LYS A 56 21.17 -23.34 -39.17
C LYS A 56 21.66 -24.77 -39.21
N ILE A 57 22.78 -25.16 -38.60
CA ILE A 57 23.33 -26.52 -38.82
C ILE A 57 22.40 -27.67 -38.43
N ARG A 58 21.51 -27.50 -37.44
CA ARG A 58 20.43 -28.45 -37.21
C ARG A 58 19.53 -28.60 -38.44
N TYR A 59 19.24 -27.53 -39.14
CA TYR A 59 18.26 -27.55 -40.23
C TYR A 59 18.75 -28.35 -41.43
N GLU A 60 19.96 -28.12 -41.93
CA GLU A 60 20.47 -28.94 -43.03
C GLU A 60 20.60 -30.39 -42.61
N SER A 61 21.10 -30.68 -41.41
CA SER A 61 21.30 -32.05 -41.00
C SER A 61 20.03 -32.82 -40.72
N LEU A 62 18.91 -32.15 -40.51
CA LEU A 62 17.58 -32.76 -40.55
C LEU A 62 17.28 -33.41 -41.91
N THR A 63 18.00 -33.03 -42.96
CA THR A 63 17.96 -33.63 -44.30
C THR A 63 19.23 -34.40 -44.69
N ASP A 64 20.33 -34.29 -44.01
CA ASP A 64 21.69 -34.75 -44.28
C ASP A 64 22.50 -34.98 -42.98
N PRO A 65 22.33 -36.09 -42.21
CA PRO A 65 23.06 -36.32 -40.97
C PRO A 65 24.59 -36.35 -41.09
N SER A 66 25.17 -36.48 -42.29
CA SER A 66 26.62 -36.45 -42.49
C SER A 66 27.25 -35.10 -42.08
N LYS A 67 26.47 -34.02 -42.08
CA LYS A 67 26.96 -32.68 -41.71
C LYS A 67 27.38 -32.55 -40.24
N LEU A 68 26.97 -33.48 -39.38
CA LEU A 68 27.35 -33.56 -37.96
C LEU A 68 28.62 -34.41 -37.72
N ASP A 69 29.35 -34.81 -38.75
CA ASP A 69 30.60 -35.55 -38.58
C ASP A 69 31.67 -34.82 -37.73
N SER A 70 31.65 -33.47 -37.71
CA SER A 70 32.64 -32.69 -36.95
C SER A 70 32.26 -32.45 -35.48
N GLY A 71 30.97 -32.49 -35.14
CA GLY A 71 30.38 -32.49 -33.85
C GLY A 71 28.89 -32.76 -33.83
N LYS A 72 28.33 -33.16 -32.73
CA LYS A 72 26.96 -33.46 -32.52
C LYS A 72 26.24 -32.54 -31.56
N GLU A 73 26.74 -32.25 -30.40
CA GLU A 73 26.14 -31.44 -29.40
C GLU A 73 26.22 -29.99 -29.82
N LEU A 74 25.11 -29.27 -29.70
CA LEU A 74 24.97 -27.88 -30.08
C LEU A 74 24.89 -27.09 -28.76
N LYS A 75 25.78 -26.13 -28.50
CA LYS A 75 25.89 -25.39 -27.29
C LYS A 75 26.59 -24.05 -27.46
N ILE A 76 26.46 -23.25 -26.42
CA ILE A 76 27.21 -22.03 -26.23
C ILE A 76 28.03 -22.17 -24.96
N ASP A 77 29.29 -21.81 -25.02
CA ASP A 77 30.14 -21.71 -23.86
C ASP A 77 30.62 -20.27 -23.72
N ILE A 78 30.64 -19.74 -22.50
CA ILE A 78 31.23 -18.44 -22.17
C ILE A 78 32.42 -18.69 -21.27
N ILE A 79 33.57 -18.17 -21.63
CA ILE A 79 34.86 -18.42 -21.04
C ILE A 79 35.60 -17.13 -20.71
N PRO A 80 35.24 -16.44 -19.64
CA PRO A 80 35.99 -15.24 -19.26
C PRO A 80 37.41 -15.59 -18.82
N ASN A 81 38.31 -14.68 -18.96
CA ASN A 81 39.70 -14.79 -18.62
C ASN A 81 40.23 -13.46 -18.09
N PRO A 82 40.19 -13.27 -16.76
CA PRO A 82 40.69 -12.06 -16.11
C PRO A 82 42.17 -11.76 -16.33
N GLN A 83 42.99 -12.74 -16.70
CA GLN A 83 44.40 -12.62 -16.89
C GLN A 83 44.69 -11.75 -18.10
N GLU A 84 44.10 -12.00 -19.23
CA GLU A 84 44.21 -11.26 -20.45
C GLU A 84 43.08 -10.27 -20.64
N ARG A 85 42.14 -10.14 -19.69
CA ARG A 85 40.99 -9.23 -19.78
C ARG A 85 40.13 -9.50 -21.02
N THR A 86 39.86 -10.76 -21.32
CA THR A 86 39.21 -11.26 -22.48
C THR A 86 38.01 -12.13 -22.12
N LEU A 87 36.94 -11.90 -22.86
CA LEU A 87 35.77 -12.76 -22.84
C LEU A 87 35.78 -13.53 -24.14
N THR A 88 35.66 -14.84 -24.02
CA THR A 88 35.59 -15.74 -25.15
C THR A 88 34.23 -16.38 -25.18
N LEU A 89 33.51 -16.28 -26.30
CA LEU A 89 32.25 -16.95 -26.52
C LEU A 89 32.41 -17.99 -27.63
N VAL A 90 32.03 -19.22 -27.39
CA VAL A 90 32.17 -20.24 -28.41
C VAL A 90 30.88 -20.96 -28.62
N ASP A 91 30.70 -21.25 -29.90
CA ASP A 91 29.54 -21.84 -30.53
C ASP A 91 30.02 -23.03 -31.34
N THR A 92 29.15 -23.99 -31.51
CA THR A 92 29.28 -25.14 -32.34
C THR A 92 28.31 -25.10 -33.52
N GLY A 93 28.06 -23.98 -34.10
CA GLY A 93 27.14 -23.73 -35.15
C GLY A 93 27.75 -24.02 -36.51
N ILE A 94 27.12 -23.47 -37.54
CA ILE A 94 27.58 -23.69 -38.91
C ILE A 94 28.98 -23.12 -39.15
N GLY A 95 29.32 -21.95 -38.60
CA GLY A 95 30.59 -21.28 -38.88
C GLY A 95 30.57 -20.53 -40.21
N MET A 96 31.61 -19.76 -40.52
CA MET A 96 31.69 -18.92 -41.71
C MET A 96 32.84 -19.31 -42.64
N THR A 97 32.55 -19.40 -43.94
CA THR A 97 33.49 -19.57 -45.05
C THR A 97 34.36 -18.31 -45.19
N LYS A 98 35.50 -18.32 -45.87
CA LYS A 98 36.27 -17.08 -46.14
C LYS A 98 35.42 -16.00 -46.82
N ALA A 99 34.64 -16.40 -47.81
CA ALA A 99 33.70 -15.51 -48.47
C ALA A 99 32.65 -14.95 -47.50
N ASP A 100 32.15 -15.75 -46.57
CA ASP A 100 31.17 -15.31 -45.57
C ASP A 100 31.77 -14.29 -44.61
N LEU A 101 33.02 -14.43 -44.18
CA LEU A 101 33.68 -13.43 -43.36
C LEU A 101 33.74 -12.08 -44.09
N ILE A 102 34.34 -12.06 -45.27
CA ILE A 102 34.58 -10.82 -46.01
C ILE A 102 33.25 -10.14 -46.36
N ASN A 103 32.24 -10.92 -46.71
CA ASN A 103 30.94 -10.42 -47.09
C ASN A 103 30.08 -10.01 -45.89
N ASN A 104 29.84 -10.90 -44.93
CA ASN A 104 28.87 -10.69 -43.85
C ASN A 104 29.42 -9.88 -42.66
N LEU A 105 30.66 -10.08 -42.23
CA LEU A 105 31.26 -9.29 -41.15
C LEU A 105 31.82 -7.97 -41.66
N GLY A 106 32.16 -7.87 -42.95
CA GLY A 106 32.71 -6.65 -43.53
C GLY A 106 31.69 -5.62 -44.00
N THR A 107 30.43 -6.00 -44.19
CA THR A 107 29.42 -5.11 -44.78
C THR A 107 28.38 -4.67 -43.76
N ILE A 108 28.28 -3.37 -43.51
CA ILE A 108 27.21 -2.75 -42.71
C ILE A 108 25.85 -3.01 -43.37
N ALA A 109 24.86 -3.41 -42.58
CA ALA A 109 23.51 -3.74 -43.02
C ALA A 109 23.33 -4.87 -44.07
N LYS A 110 24.29 -5.78 -44.21
CA LYS A 110 24.05 -7.09 -44.85
C LYS A 110 23.94 -8.17 -43.77
N SER A 111 22.87 -8.94 -43.82
CA SER A 111 22.60 -10.07 -42.93
C SER A 111 22.54 -11.36 -43.73
N GLY A 112 23.40 -12.33 -43.43
CA GLY A 112 23.27 -13.69 -43.92
C GLY A 112 22.10 -14.43 -43.29
N THR A 113 21.71 -14.10 -42.06
CA THR A 113 20.50 -14.66 -41.42
C THR A 113 19.24 -14.34 -42.22
N LYS A 114 19.11 -13.12 -42.75
CA LYS A 114 18.04 -12.79 -43.68
C LYS A 114 18.17 -13.57 -44.98
N ALA A 115 19.32 -13.47 -45.65
CA ALA A 115 19.48 -14.03 -46.99
C ALA A 115 19.27 -15.55 -47.06
N PHE A 116 19.60 -16.28 -46.00
CA PHE A 116 19.36 -17.71 -45.88
C PHE A 116 17.87 -18.07 -45.92
N MET A 117 17.00 -17.30 -45.27
CA MET A 117 15.57 -17.63 -45.19
C MET A 117 14.79 -17.38 -46.50
N GLU A 118 15.33 -16.63 -47.45
CA GLU A 118 14.73 -16.46 -48.78
C GLU A 118 14.85 -17.71 -49.66
N ALA A 119 15.91 -18.49 -49.42
CA ALA A 119 16.34 -19.69 -50.11
C ALA A 119 15.62 -20.97 -49.65
N LEU A 120 15.12 -20.97 -48.41
CA LEU A 120 14.25 -22.03 -47.89
C LEU A 120 12.89 -22.02 -48.58
N GLN A 121 12.38 -23.20 -48.91
CA GLN A 121 10.98 -23.37 -49.31
C GLN A 121 10.02 -22.98 -48.18
N ALA A 122 8.78 -22.65 -48.52
CA ALA A 122 7.75 -22.27 -47.56
C ALA A 122 7.48 -23.37 -46.52
N GLY A 123 7.11 -22.98 -45.31
CA GLY A 123 6.80 -23.91 -44.22
C GLY A 123 8.02 -24.58 -43.57
N ALA A 124 9.17 -23.90 -43.54
CA ALA A 124 10.37 -24.37 -42.85
C ALA A 124 10.18 -24.46 -41.32
N ASP A 125 10.89 -25.40 -40.68
CA ASP A 125 10.80 -25.70 -39.25
C ASP A 125 11.63 -24.77 -38.32
N ILE A 126 12.14 -23.63 -38.83
CA ILE A 126 12.96 -22.68 -38.05
C ILE A 126 12.49 -21.23 -38.21
N SER A 127 12.67 -20.45 -37.14
CA SER A 127 12.54 -19.01 -37.07
C SER A 127 13.73 -18.38 -36.36
N MET A 128 14.31 -17.33 -36.93
CA MET A 128 15.65 -16.88 -36.59
C MET A 128 15.65 -15.44 -36.08
N ILE A 129 16.53 -15.08 -35.15
CA ILE A 129 16.48 -13.80 -34.46
C ILE A 129 17.10 -12.67 -35.30
N GLY A 130 18.14 -12.94 -36.10
CA GLY A 130 18.77 -11.92 -36.94
C GLY A 130 17.94 -11.45 -38.14
N GLN A 131 18.18 -10.22 -38.63
CA GLN A 131 17.75 -9.73 -39.96
C GLN A 131 18.30 -8.34 -40.32
N PHE A 132 18.57 -7.46 -39.36
CA PHE A 132 18.94 -6.06 -39.63
C PHE A 132 20.38 -5.92 -40.10
N GLY A 133 21.31 -6.73 -39.61
CA GLY A 133 22.68 -6.72 -40.09
C GLY A 133 23.70 -5.82 -39.36
N VAL A 134 23.27 -5.02 -38.38
CA VAL A 134 24.13 -4.13 -37.57
C VAL A 134 24.56 -4.71 -36.22
N GLY A 135 23.98 -5.81 -35.78
CA GLY A 135 24.06 -6.24 -34.38
C GLY A 135 25.46 -6.57 -33.87
N PHE A 136 26.31 -7.19 -34.68
CA PHE A 136 27.65 -7.60 -34.27
C PHE A 136 28.50 -6.43 -33.77
N TYR A 137 28.38 -5.27 -34.40
CA TYR A 137 29.14 -4.07 -34.07
C TYR A 137 28.79 -3.49 -32.71
N SER A 138 27.72 -3.97 -32.06
CA SER A 138 27.50 -3.70 -30.64
C SER A 138 28.60 -4.27 -29.74
N ALA A 139 29.39 -5.25 -30.18
CA ALA A 139 30.55 -5.71 -29.42
C ALA A 139 31.52 -4.58 -29.09
N TYR A 140 31.64 -3.58 -29.97
CA TYR A 140 32.49 -2.41 -29.73
C TYR A 140 31.93 -1.43 -28.68
N LEU A 141 30.78 -1.71 -28.06
CA LEU A 141 30.34 -0.97 -26.87
C LEU A 141 31.29 -1.18 -25.68
N VAL A 142 31.89 -2.37 -25.60
CA VAL A 142 32.72 -2.83 -24.47
C VAL A 142 34.10 -3.33 -24.87
N ALA A 143 34.30 -3.72 -26.12
CA ALA A 143 35.45 -4.38 -26.65
C ALA A 143 36.28 -3.42 -27.49
N GLU A 144 37.56 -3.35 -27.15
CA GLU A 144 38.59 -2.53 -27.82
C GLU A 144 39.05 -3.15 -29.13
N LYS A 145 39.00 -4.48 -29.22
CA LYS A 145 39.51 -5.31 -30.26
C LYS A 145 38.76 -6.63 -30.32
N VAL A 146 38.20 -6.96 -31.47
CA VAL A 146 37.43 -8.18 -31.67
C VAL A 146 38.20 -9.09 -32.60
N VAL A 147 38.31 -10.36 -32.25
CA VAL A 147 38.93 -11.43 -32.97
C VAL A 147 37.94 -12.57 -33.13
N VAL A 148 37.77 -13.09 -34.29
CA VAL A 148 36.87 -14.15 -34.67
C VAL A 148 37.68 -15.28 -35.26
N ILE A 149 37.65 -16.43 -34.60
CA ILE A 149 38.23 -17.66 -35.12
C ILE A 149 37.05 -18.52 -35.54
N THR A 150 37.02 -18.86 -36.82
CA THR A 150 35.94 -19.58 -37.49
C THR A 150 36.46 -20.78 -38.23
N LYS A 151 35.61 -21.77 -38.43
CA LYS A 151 35.83 -22.92 -39.24
C LYS A 151 34.51 -23.48 -39.74
N HIS A 152 34.14 -23.22 -40.94
CA HIS A 152 32.95 -23.66 -41.60
C HIS A 152 33.20 -25.01 -42.25
N ASN A 153 32.19 -25.87 -42.25
CA ASN A 153 32.31 -27.29 -42.51
C ASN A 153 33.05 -27.66 -43.81
N ASP A 154 32.81 -26.90 -44.89
CA ASP A 154 33.29 -27.21 -46.23
C ASP A 154 34.72 -26.72 -46.51
N ASP A 155 35.37 -26.05 -45.55
CA ASP A 155 36.48 -25.11 -45.80
C ASP A 155 37.62 -25.25 -44.80
N GLU A 156 38.60 -24.35 -44.83
CA GLU A 156 39.63 -24.21 -43.80
C GLU A 156 39.23 -23.26 -42.66
N GLN A 157 40.05 -23.28 -41.61
CA GLN A 157 39.98 -22.43 -40.42
C GLN A 157 40.63 -21.06 -40.68
N TYR A 158 39.98 -19.99 -40.26
CA TYR A 158 40.26 -18.60 -40.50
C TYR A 158 40.13 -17.76 -39.24
N ALA A 159 40.71 -16.61 -39.23
CA ALA A 159 40.69 -15.61 -38.20
C ALA A 159 40.39 -14.25 -38.78
N TRP A 160 39.55 -13.47 -38.14
CA TRP A 160 39.19 -12.12 -38.54
C TRP A 160 39.36 -11.24 -37.34
N GLU A 161 40.01 -10.11 -37.53
CA GLU A 161 40.36 -9.17 -36.48
C GLU A 161 40.12 -7.75 -36.97
N SER A 162 39.72 -6.86 -36.08
CA SER A 162 39.49 -5.46 -36.32
C SER A 162 39.34 -4.69 -35.02
N SER A 163 39.46 -3.36 -35.09
CA SER A 163 39.23 -2.42 -34.00
C SER A 163 38.36 -1.21 -34.46
N ALA A 164 37.42 -1.41 -35.39
CA ALA A 164 36.52 -0.44 -35.94
C ALA A 164 37.26 0.66 -36.68
N GLY A 165 38.44 0.46 -37.15
CA GLY A 165 39.25 1.36 -37.88
C GLY A 165 39.05 1.33 -39.38
N GLY A 166 38.05 0.62 -39.90
CA GLY A 166 37.86 0.48 -41.31
C GLY A 166 38.76 -0.53 -42.01
N SER A 167 39.34 -1.51 -41.30
CA SER A 167 40.20 -2.53 -41.89
C SER A 167 39.94 -3.87 -41.20
N PHE A 168 40.07 -5.01 -41.89
CA PHE A 168 39.99 -6.26 -41.17
C PHE A 168 40.93 -7.28 -41.75
N THR A 169 41.69 -7.90 -40.87
CA THR A 169 42.77 -8.80 -41.22
C THR A 169 42.22 -10.21 -41.29
N VAL A 170 42.06 -10.77 -42.49
CA VAL A 170 41.68 -12.17 -42.66
C VAL A 170 42.93 -13.03 -42.86
N ARG A 171 43.05 -14.14 -42.13
CA ARG A 171 44.24 -14.99 -42.11
C ARG A 171 43.84 -16.43 -41.78
N ALA A 172 44.47 -17.43 -42.40
CA ALA A 172 44.38 -18.82 -42.08
C ALA A 172 45.06 -19.06 -40.74
N ASP A 173 44.30 -19.59 -39.80
CA ASP A 173 44.65 -19.73 -38.41
C ASP A 173 45.25 -21.12 -38.16
N HIS A 174 46.53 -21.20 -37.78
CA HIS A 174 47.21 -22.43 -37.41
C HIS A 174 47.35 -22.52 -35.89
N GLY A 175 46.27 -22.95 -35.26
CA GLY A 175 46.03 -23.12 -33.86
C GLY A 175 45.25 -24.37 -33.52
N GLU A 176 44.65 -24.44 -32.39
CA GLU A 176 43.86 -25.53 -31.93
C GLU A 176 42.70 -25.70 -32.90
N PRO A 177 42.55 -26.86 -33.53
CA PRO A 177 41.45 -27.04 -34.49
C PRO A 177 40.10 -27.00 -33.81
N ILE A 178 39.09 -26.60 -34.50
CA ILE A 178 37.70 -26.55 -34.15
C ILE A 178 36.90 -27.37 -35.14
N GLY A 179 36.07 -28.26 -34.70
CA GLY A 179 35.24 -29.07 -35.51
C GLY A 179 34.39 -28.21 -36.43
N ARG A 180 33.63 -27.30 -35.87
CA ARG A 180 32.92 -26.25 -36.60
C ARG A 180 32.48 -25.17 -35.62
N GLY A 181 32.02 -24.06 -36.14
CA GLY A 181 31.49 -22.97 -35.41
C GLY A 181 32.39 -21.75 -35.44
N THR A 182 32.22 -20.92 -34.45
CA THR A 182 32.95 -19.67 -34.30
C THR A 182 33.31 -19.48 -32.87
N LYS A 183 34.44 -18.83 -32.64
CA LYS A 183 34.93 -18.39 -31.38
C LYS A 183 35.15 -16.89 -31.43
N VAL A 184 34.43 -16.13 -30.69
CA VAL A 184 34.43 -14.70 -30.62
C VAL A 184 35.22 -14.28 -29.39
N ILE A 185 36.36 -13.67 -29.55
CA ILE A 185 37.26 -13.20 -28.54
C ILE A 185 37.25 -11.68 -28.55
N LEU A 186 36.90 -11.07 -27.40
CA LEU A 186 36.85 -9.62 -27.14
C LEU A 186 37.88 -9.20 -26.08
N HIS A 187 38.77 -8.27 -26.38
CA HIS A 187 39.71 -7.67 -25.48
C HIS A 187 39.05 -6.44 -24.86
N LEU A 188 38.42 -6.57 -23.75
CA LEU A 188 37.63 -5.59 -23.09
C LEU A 188 38.50 -4.41 -22.68
N LYS A 189 37.96 -3.24 -22.62
CA LYS A 189 38.58 -2.05 -22.15
C LYS A 189 38.68 -2.09 -20.63
N GLU A 190 39.63 -1.33 -20.11
CA GLU A 190 40.08 -1.16 -18.73
C GLU A 190 38.94 -0.95 -17.72
N ASP A 191 37.96 -0.15 -18.13
CA ASP A 191 36.83 0.27 -17.38
C ASP A 191 35.66 -0.69 -17.57
N GLN A 192 35.72 -1.61 -18.54
CA GLN A 192 34.75 -2.62 -18.80
C GLN A 192 35.17 -3.98 -18.24
N THR A 193 36.20 -4.14 -17.41
CA THR A 193 36.63 -5.48 -16.90
C THR A 193 35.64 -6.20 -15.94
N GLU A 194 34.67 -5.43 -15.46
CA GLU A 194 33.64 -5.51 -14.61
C GLU A 194 32.85 -6.70 -15.14
N TYR A 195 32.72 -6.81 -16.46
CA TYR A 195 31.92 -7.77 -17.15
C TYR A 195 32.49 -9.17 -17.05
N LEU A 196 33.72 -9.36 -16.56
CA LEU A 196 34.30 -10.67 -16.28
C LEU A 196 33.86 -11.25 -14.93
N GLU A 197 33.16 -10.47 -14.10
CA GLU A 197 32.63 -10.94 -12.81
C GLU A 197 31.53 -11.99 -13.01
N GLU A 198 31.64 -13.13 -12.34
CA GLU A 198 30.74 -14.26 -12.52
C GLU A 198 29.29 -13.97 -12.17
N ARG A 199 29.00 -13.02 -11.28
CA ARG A 199 27.62 -12.62 -10.99
C ARG A 199 27.01 -11.80 -12.13
N ARG A 200 27.77 -10.85 -12.67
CA ARG A 200 27.29 -9.89 -13.69
C ARG A 200 26.73 -10.58 -14.93
N VAL A 201 27.49 -11.50 -15.50
CA VAL A 201 27.21 -12.29 -16.67
C VAL A 201 25.94 -13.11 -16.42
N LYS A 202 25.70 -13.58 -15.19
CA LYS A 202 24.55 -14.42 -14.92
C LYS A 202 23.33 -13.57 -14.91
N GLU A 203 23.40 -12.38 -14.30
CA GLU A 203 22.32 -11.39 -14.34
C GLU A 203 21.92 -11.04 -15.77
N VAL A 204 22.88 -10.76 -16.66
CA VAL A 204 22.67 -10.34 -18.00
C VAL A 204 22.02 -11.47 -18.78
N VAL A 205 22.56 -12.67 -18.66
CA VAL A 205 22.08 -13.83 -19.38
C VAL A 205 20.65 -14.14 -18.99
N LYS A 206 20.34 -14.14 -17.70
CA LYS A 206 19.07 -14.43 -17.15
C LYS A 206 18.06 -13.37 -17.59
N LYS A 207 18.45 -12.09 -17.60
CA LYS A 207 17.54 -11.01 -17.99
C LYS A 207 17.12 -11.10 -19.46
N HIS A 208 18.07 -11.16 -20.39
CA HIS A 208 17.76 -11.05 -21.81
C HIS A 208 17.56 -12.39 -22.54
N SER A 209 18.39 -13.39 -22.26
CA SER A 209 18.56 -14.57 -23.11
C SER A 209 18.26 -15.90 -22.40
N GLN A 210 17.45 -15.90 -21.35
CA GLN A 210 17.13 -17.09 -20.55
C GLN A 210 16.40 -18.17 -21.35
N PHE A 211 15.50 -17.81 -22.25
CA PHE A 211 14.70 -18.74 -23.05
C PHE A 211 15.31 -19.13 -24.40
N ILE A 212 16.61 -18.94 -24.60
CA ILE A 212 17.28 -19.56 -25.72
C ILE A 212 17.28 -21.08 -25.54
N GLY A 213 17.03 -21.82 -26.62
CA GLY A 213 16.83 -23.23 -26.64
C GLY A 213 18.12 -23.97 -26.32
N TYR A 214 19.19 -23.69 -26.93
CA TYR A 214 20.41 -24.40 -26.83
C TYR A 214 21.10 -24.10 -25.51
N PRO A 215 21.77 -25.06 -24.89
CA PRO A 215 22.26 -24.94 -23.52
C PRO A 215 23.47 -24.05 -23.41
N ILE A 216 23.29 -22.86 -22.85
CA ILE A 216 24.36 -21.94 -22.49
C ILE A 216 25.09 -22.44 -21.27
N THR A 217 26.41 -22.39 -21.27
CA THR A 217 27.24 -22.72 -20.12
C THR A 217 28.28 -21.62 -19.90
N LEU A 218 28.83 -21.56 -18.69
CA LEU A 218 29.91 -20.66 -18.26
C LEU A 218 31.08 -21.48 -17.66
N TYR A 219 32.32 -21.15 -17.99
CA TYR A 219 33.52 -21.77 -17.42
C TYR A 219 34.29 -20.77 -16.58
N LEU A 220 34.56 -21.14 -15.35
CA LEU A 220 35.41 -20.40 -14.40
C LEU A 220 36.61 -21.27 -14.07
N GLU A 221 37.78 -20.66 -13.92
CA GLU A 221 39.08 -21.34 -13.93
C GLU A 221 40.09 -20.83 -12.89
N LYS A 222 39.64 -20.01 -11.92
CA LYS A 222 40.49 -19.50 -10.83
C LYS A 222 40.96 -20.65 -9.92
N GLU A 223 42.11 -20.52 -9.26
CA GLU A 223 42.70 -21.57 -8.40
C GLU A 223 42.05 -21.67 -7.01
N ARG A 224 40.71 -21.66 -6.96
CA ARG A 224 39.87 -21.92 -5.78
C ARG A 224 39.87 -23.41 -5.43
N GLU A 225 39.15 -23.78 -4.38
CA GLU A 225 38.75 -25.18 -4.10
C GLU A 225 37.59 -25.71 -4.97
N LYS A 226 37.63 -27.04 -5.15
CA LYS A 226 36.56 -27.89 -5.67
C LYS A 226 36.07 -28.97 -4.68
N GLU A 227 36.74 -29.18 -3.54
CA GLU A 227 36.25 -30.05 -2.46
C GLU A 227 34.95 -29.54 -1.81
N ILE A 275 44.67 -26.80 -2.97
CA ILE A 275 43.66 -27.29 -3.91
C ILE A 275 43.53 -26.30 -5.08
N LYS A 276 43.21 -26.79 -6.28
CA LYS A 276 42.95 -25.99 -7.50
C LYS A 276 41.60 -26.34 -8.11
N GLU A 277 40.90 -25.38 -8.70
CA GLU A 277 39.48 -25.59 -9.03
C GLU A 277 39.31 -26.40 -10.32
N LYS A 278 38.21 -27.14 -10.40
CA LYS A 278 37.65 -27.61 -11.66
C LYS A 278 37.27 -26.40 -12.55
N TYR A 279 37.38 -26.61 -13.86
CA TYR A 279 37.02 -25.61 -14.87
C TYR A 279 35.54 -25.71 -15.28
N ILE A 280 34.87 -26.75 -14.79
CA ILE A 280 33.69 -27.38 -15.38
C ILE A 280 32.42 -26.53 -15.21
N ASP A 281 31.44 -26.83 -16.07
CA ASP A 281 30.29 -26.03 -16.36
C ASP A 281 29.37 -25.63 -15.20
N GLN A 282 28.92 -24.39 -15.23
CA GLN A 282 27.65 -24.00 -14.64
C GLN A 282 26.77 -23.73 -15.87
N GLU A 283 25.69 -24.49 -15.98
CA GLU A 283 24.81 -24.63 -17.18
C GLU A 283 23.34 -24.37 -16.83
N GLU A 284 23.08 -23.85 -15.61
CA GLU A 284 21.73 -23.54 -15.11
C GLU A 284 20.98 -22.50 -15.96
N LEU A 285 21.74 -21.78 -16.78
CA LEU A 285 21.36 -20.63 -17.57
C LEU A 285 20.22 -20.89 -18.58
N ASN A 286 19.91 -22.15 -18.92
CA ASN A 286 18.70 -22.56 -19.64
C ASN A 286 17.99 -23.81 -19.05
N LYS A 287 17.94 -23.97 -17.72
CA LYS A 287 17.12 -25.04 -17.11
C LYS A 287 15.68 -24.93 -17.59
N THR A 288 15.14 -23.72 -17.46
CA THR A 288 13.77 -23.33 -17.77
C THR A 288 13.53 -23.34 -19.27
N LYS A 289 12.89 -24.38 -19.78
CA LYS A 289 12.47 -24.44 -21.19
C LYS A 289 11.28 -23.51 -21.43
N PRO A 290 11.15 -22.89 -22.61
CA PRO A 290 9.98 -22.07 -22.94
C PRO A 290 8.76 -22.97 -23.14
N ILE A 291 8.12 -23.40 -22.05
CA ILE A 291 7.01 -24.36 -22.11
C ILE A 291 5.82 -23.83 -22.89
N TRP A 292 5.68 -22.51 -22.98
CA TRP A 292 4.60 -21.86 -23.68
C TRP A 292 4.58 -22.16 -25.18
N THR A 293 5.55 -22.88 -25.74
CA THR A 293 5.65 -23.33 -27.14
C THR A 293 4.84 -24.60 -27.46
N ARG A 294 4.54 -25.44 -26.46
CA ARG A 294 3.87 -26.70 -26.50
C ARG A 294 2.36 -26.52 -26.40
N ASN A 295 1.60 -27.32 -27.05
CA ASN A 295 0.16 -27.39 -26.98
C ASN A 295 -0.28 -27.58 -25.51
N PRO A 296 -1.21 -26.80 -24.95
CA PRO A 296 -1.71 -26.98 -23.58
C PRO A 296 -2.23 -28.38 -23.32
N ASP A 297 -2.85 -29.03 -24.26
CA ASP A 297 -3.29 -30.38 -24.18
C ASP A 297 -2.11 -31.30 -23.94
N ASP A 298 -0.91 -30.99 -24.43
CA ASP A 298 0.30 -31.77 -24.21
C ASP A 298 0.98 -31.43 -22.87
N ILE A 299 0.53 -30.42 -22.12
CA ILE A 299 1.10 -29.92 -20.91
C ILE A 299 0.18 -30.23 -19.74
N THR A 300 0.72 -30.91 -18.78
CA THR A 300 0.09 -31.19 -17.50
C THR A 300 0.11 -29.99 -16.57
N GLN A 301 -0.73 -30.05 -15.53
CA GLN A 301 -0.81 -29.03 -14.49
C GLN A 301 0.55 -28.73 -13.87
N GLU A 302 1.24 -29.79 -13.48
CA GLU A 302 2.51 -29.75 -12.84
C GLU A 302 3.62 -29.36 -13.80
N GLU A 303 3.48 -29.47 -15.12
CA GLU A 303 4.59 -29.10 -16.00
C GLU A 303 4.90 -27.61 -15.92
N TYR A 304 3.77 -26.84 -16.00
CA TYR A 304 3.52 -25.41 -15.74
C TYR A 304 3.89 -24.99 -14.32
N GLY A 305 3.56 -25.84 -13.36
CA GLY A 305 3.60 -25.61 -11.96
C GLY A 305 5.00 -25.25 -11.53
N GLU A 306 6.01 -25.96 -12.03
CA GLU A 306 7.43 -25.66 -11.77
C GLU A 306 7.96 -24.52 -12.64
N PHE A 307 7.34 -24.26 -13.80
CA PHE A 307 7.65 -23.07 -14.59
C PHE A 307 7.23 -21.79 -13.87
N TYR A 308 6.03 -21.72 -13.29
CA TYR A 308 5.56 -20.58 -12.50
C TYR A 308 6.56 -20.20 -11.40
N LYS A 309 7.00 -21.17 -10.60
CA LYS A 309 8.00 -20.98 -9.54
C LYS A 309 9.33 -20.46 -10.10
N SER A 310 9.70 -20.90 -11.29
CA SER A 310 10.93 -20.45 -11.96
C SER A 310 10.83 -19.00 -12.46
N LEU A 311 9.70 -18.64 -13.06
CA LEU A 311 9.40 -17.29 -13.58
C LEU A 311 9.18 -16.26 -12.45
N THR A 312 8.69 -16.71 -11.29
CA THR A 312 8.16 -15.83 -10.24
C THR A 312 8.91 -15.90 -8.91
N ASN A 313 9.83 -16.84 -8.73
CA ASN A 313 10.57 -17.15 -7.50
C ASN A 313 9.67 -17.53 -6.31
N ASP A 314 8.40 -17.85 -6.56
CA ASP A 314 7.45 -18.32 -5.57
C ASP A 314 7.82 -19.72 -5.04
N TRP A 315 7.43 -20.13 -3.83
CA TRP A 315 7.42 -21.43 -3.20
C TRP A 315 6.25 -22.27 -3.59
N GLU A 316 5.13 -21.60 -3.69
CA GLU A 316 3.81 -22.20 -3.91
C GLU A 316 3.52 -22.53 -5.39
N ASP A 317 2.60 -23.47 -5.60
CA ASP A 317 2.12 -23.84 -6.94
C ASP A 317 1.09 -22.81 -7.47
N HIS A 318 0.95 -22.62 -8.77
CA HIS A 318 0.05 -21.60 -9.34
C HIS A 318 -1.40 -21.76 -8.85
N LEU A 319 -2.22 -20.70 -8.78
CA LEU A 319 -3.64 -20.88 -8.47
C LEU A 319 -4.44 -21.38 -9.66
N ALA A 320 -4.23 -20.81 -10.84
CA ALA A 320 -4.88 -21.20 -12.08
C ALA A 320 -4.04 -20.76 -13.28
N VAL A 321 -4.22 -21.38 -14.46
CA VAL A 321 -3.52 -21.02 -15.70
C VAL A 321 -4.47 -20.79 -16.86
N LYS A 322 -4.16 -19.82 -17.72
CA LYS A 322 -4.64 -19.79 -19.10
C LYS A 322 -3.45 -19.97 -20.01
N HIS A 323 -3.65 -20.73 -21.08
CA HIS A 323 -2.68 -20.87 -22.16
C HIS A 323 -3.44 -20.94 -23.47
N PHE A 324 -3.09 -20.09 -24.43
CA PHE A 324 -3.83 -19.90 -25.68
C PHE A 324 -2.93 -19.35 -26.76
N SER A 325 -3.41 -19.36 -28.01
CA SER A 325 -2.75 -18.79 -29.17
C SER A 325 -3.74 -18.01 -30.03
N VAL A 326 -3.37 -16.81 -30.46
CA VAL A 326 -4.08 -15.93 -31.33
C VAL A 326 -3.52 -16.07 -32.74
N GLU A 327 -4.42 -16.36 -33.66
CA GLU A 327 -4.17 -16.53 -35.08
C GLU A 327 -4.30 -15.18 -35.82
N GLY A 328 -3.93 -15.12 -37.10
CA GLY A 328 -3.94 -13.97 -37.92
C GLY A 328 -2.54 -13.39 -38.08
N GLN A 329 -2.44 -12.14 -38.42
CA GLN A 329 -1.22 -11.43 -38.61
C GLN A 329 -0.44 -11.33 -37.31
N LEU A 330 -1.10 -11.42 -36.15
CA LEU A 330 -0.47 -11.38 -34.82
C LEU A 330 -0.64 -12.73 -34.14
N GLU A 331 0.49 -13.41 -33.98
CA GLU A 331 0.56 -14.86 -33.83
C GLU A 331 0.89 -15.25 -32.38
N PHE A 332 0.56 -14.38 -31.43
CA PHE A 332 1.11 -14.51 -30.11
C PHE A 332 0.57 -15.71 -29.33
N ARG A 333 1.43 -16.24 -28.47
CA ARG A 333 1.16 -17.23 -27.44
C ARG A 333 1.44 -16.62 -26.09
N ALA A 334 0.71 -17.00 -25.06
CA ALA A 334 0.81 -16.42 -23.77
C ALA A 334 0.40 -17.39 -22.67
N LEU A 335 1.12 -17.34 -21.55
CA LEU A 335 0.72 -17.98 -20.31
C LEU A 335 0.21 -16.87 -19.42
N LEU A 336 -0.90 -17.10 -18.72
CA LEU A 336 -1.33 -16.17 -17.69
C LEU A 336 -1.71 -16.99 -16.49
N PHE A 337 -0.96 -16.87 -15.44
CA PHE A 337 -0.96 -17.45 -14.14
C PHE A 337 -1.58 -16.51 -13.14
N ILE A 338 -2.38 -17.00 -12.20
CA ILE A 338 -2.85 -16.21 -11.07
C ILE A 338 -2.11 -16.71 -9.83
N PRO A 339 -1.44 -15.85 -9.05
CA PRO A 339 -0.86 -16.24 -7.78
C PRO A 339 -1.94 -16.67 -6.80
N ARG A 340 -1.56 -17.54 -5.85
CA ARG A 340 -2.44 -18.04 -4.77
C ARG A 340 -2.75 -17.00 -3.72
N ARG A 341 -1.79 -16.14 -3.38
CA ARG A 341 -1.88 -15.08 -2.43
C ARG A 341 -1.29 -13.79 -2.97
N ALA A 342 -1.93 -12.69 -2.79
CA ALA A 342 -1.61 -11.42 -3.35
C ALA A 342 -0.25 -10.98 -2.84
N PRO A 343 0.60 -10.41 -3.72
CA PRO A 343 1.93 -9.98 -3.35
C PRO A 343 1.85 -8.80 -2.40
N PHE A 344 2.77 -8.78 -1.45
CA PHE A 344 2.78 -7.82 -0.34
C PHE A 344 2.58 -6.36 -0.77
N ASP A 345 3.17 -5.95 -1.89
CA ASP A 345 3.26 -4.58 -2.40
C ASP A 345 2.41 -4.34 -3.67
N LEU A 346 1.27 -5.01 -3.79
CA LEU A 346 0.40 -5.00 -4.98
C LEU A 346 -0.01 -3.60 -5.48
N PHE A 347 -0.07 -2.61 -4.59
CA PHE A 347 -0.44 -1.22 -4.91
C PHE A 347 0.60 -0.16 -4.50
N GLU A 348 1.58 -0.51 -3.66
CA GLU A 348 2.56 0.44 -3.11
C GLU A 348 3.56 0.95 -4.15
N ASN A 349 3.86 0.16 -5.17
CA ASN A 349 4.92 0.43 -6.16
C ASN A 349 4.61 1.68 -7.03
N LYS A 350 5.66 2.42 -7.41
CA LYS A 350 5.67 3.62 -8.28
C LYS A 350 5.00 3.43 -9.64
N LYS A 351 5.02 2.18 -10.14
CA LYS A 351 4.62 1.71 -11.47
C LYS A 351 4.37 0.21 -11.39
N LYS A 352 3.68 -0.40 -12.37
CA LYS A 352 3.28 -1.80 -12.32
C LYS A 352 4.51 -2.70 -12.54
N LYS A 353 4.86 -3.49 -11.53
CA LYS A 353 6.19 -4.12 -11.41
C LYS A 353 6.30 -5.43 -12.22
N ASN A 354 6.48 -5.28 -13.52
CA ASN A 354 7.00 -6.31 -14.44
C ASN A 354 6.16 -7.60 -14.60
N ASN A 355 4.85 -7.52 -14.40
CA ASN A 355 3.98 -8.68 -14.31
C ASN A 355 3.84 -9.50 -15.60
N ILE A 356 3.73 -8.86 -16.77
CA ILE A 356 3.75 -9.54 -18.05
C ILE A 356 4.98 -9.14 -18.80
N LYS A 357 5.79 -10.11 -19.21
CA LYS A 357 7.02 -9.89 -19.95
C LYS A 357 6.80 -10.22 -21.40
N LEU A 358 7.24 -9.36 -22.31
CA LEU A 358 7.07 -9.52 -23.75
C LEU A 358 8.34 -10.05 -24.37
N TYR A 359 8.18 -11.10 -25.16
CA TYR A 359 9.20 -11.77 -25.92
C TYR A 359 8.86 -11.71 -27.39
N VAL A 360 9.88 -11.59 -28.23
CA VAL A 360 9.77 -11.86 -29.66
C VAL A 360 10.79 -12.93 -30.03
N ARG A 361 10.37 -13.98 -30.72
CA ARG A 361 11.22 -15.13 -31.08
C ARG A 361 12.06 -15.61 -29.90
N ARG A 362 11.47 -15.65 -28.70
CA ARG A 362 12.06 -16.11 -27.44
C ARG A 362 13.21 -15.26 -26.84
N VAL A 363 13.50 -14.07 -27.36
CA VAL A 363 14.33 -13.07 -26.64
C VAL A 363 13.47 -11.98 -26.03
N PHE A 364 13.83 -11.59 -24.81
CA PHE A 364 13.06 -10.63 -24.04
C PHE A 364 13.19 -9.26 -24.64
N ILE A 365 12.05 -8.59 -24.83
CA ILE A 365 11.93 -7.24 -25.41
C ILE A 365 11.56 -6.18 -24.37
N MET A 366 10.53 -6.40 -23.55
CA MET A 366 9.99 -5.41 -22.59
C MET A 366 9.32 -6.08 -21.40
N ASP A 367 9.17 -5.39 -20.28
CA ASP A 367 8.37 -5.72 -19.11
C ASP A 367 7.29 -4.69 -18.80
N SER A 368 6.97 -3.78 -19.71
CA SER A 368 6.04 -2.66 -19.48
C SER A 368 4.58 -3.09 -19.56
N CYS A 369 4.13 -3.91 -18.60
CA CYS A 369 2.75 -4.34 -18.45
C CYS A 369 1.75 -3.19 -18.25
N ASP A 370 2.22 -1.96 -17.92
CA ASP A 370 1.46 -0.70 -17.96
C ASP A 370 0.70 -0.49 -19.30
N GLU A 371 1.32 -0.95 -20.39
CA GLU A 371 0.77 -0.98 -21.75
C GLU A 371 -0.11 -2.22 -22.02
N LEU A 372 0.40 -3.43 -21.72
CA LEU A 372 -0.19 -4.70 -22.17
C LEU A 372 -1.51 -5.07 -21.49
N ILE A 373 -1.72 -4.69 -20.24
CA ILE A 373 -2.93 -5.09 -19.48
C ILE A 373 -3.41 -3.96 -18.59
N PRO A 374 -4.70 -3.89 -18.27
CA PRO A 374 -5.18 -2.88 -17.35
C PRO A 374 -4.53 -3.00 -15.97
N GLU A 375 -4.36 -1.86 -15.32
CA GLU A 375 -3.60 -1.78 -14.07
C GLU A 375 -4.30 -2.34 -12.84
N TYR A 376 -5.62 -2.54 -12.86
CA TYR A 376 -6.25 -3.33 -11.80
C TYR A 376 -5.92 -4.81 -11.94
N LEU A 377 -5.74 -5.31 -13.15
CA LEU A 377 -5.51 -6.72 -13.46
C LEU A 377 -4.06 -7.15 -13.21
N ASN A 378 -3.23 -6.29 -12.64
CA ASN A 378 -1.80 -6.49 -12.56
C ASN A 378 -1.39 -7.71 -11.72
N PHE A 379 -2.29 -8.25 -10.90
CA PHE A 379 -2.04 -9.48 -10.17
C PHE A 379 -1.77 -10.68 -11.09
N ILE A 380 -2.36 -10.71 -12.28
CA ILE A 380 -2.11 -11.75 -13.28
C ILE A 380 -0.67 -11.65 -13.76
N ARG A 381 -0.02 -12.79 -13.97
CA ARG A 381 1.43 -12.85 -14.20
C ARG A 381 1.78 -13.89 -15.24
N GLY A 382 2.77 -13.65 -16.09
CA GLY A 382 3.07 -14.57 -17.18
C GLY A 382 3.91 -13.94 -18.28
N VAL A 383 3.83 -14.51 -19.47
CA VAL A 383 4.65 -14.11 -20.62
C VAL A 383 3.81 -14.04 -21.87
N VAL A 384 4.14 -13.12 -22.76
CA VAL A 384 3.60 -13.04 -24.11
C VAL A 384 4.75 -13.23 -25.06
N ASP A 385 4.63 -14.14 -26.03
CA ASP A 385 5.58 -14.26 -27.12
C ASP A 385 4.85 -14.15 -28.44
N SER A 386 5.39 -13.26 -29.24
CA SER A 386 5.02 -13.04 -30.64
C SER A 386 6.10 -13.50 -31.57
N GLU A 387 5.76 -14.27 -32.60
CA GLU A 387 6.75 -14.75 -33.58
C GLU A 387 7.32 -13.62 -34.45
N ASP A 388 6.64 -12.48 -34.59
CA ASP A 388 7.06 -11.35 -35.32
C ASP A 388 6.35 -10.07 -34.87
N LEU A 389 7.10 -8.95 -34.84
CA LEU A 389 6.63 -7.59 -34.53
C LEU A 389 7.49 -6.49 -35.18
N PRO A 390 6.96 -5.27 -35.40
CA PRO A 390 7.71 -4.09 -35.80
C PRO A 390 8.50 -3.47 -34.63
N LEU A 391 9.65 -4.03 -34.32
CA LEU A 391 10.59 -3.47 -33.33
C LEU A 391 11.32 -2.24 -33.84
N ASN A 392 11.81 -1.41 -32.95
CA ASN A 392 12.79 -0.34 -33.05
C ASN A 392 14.17 -0.85 -33.39
N ILE A 393 15.09 -0.05 -33.94
CA ILE A 393 16.44 -0.43 -34.35
C ILE A 393 17.21 -1.18 -33.28
N SER A 394 17.11 -0.70 -32.04
CA SER A 394 17.75 -1.23 -30.84
C SER A 394 17.16 -2.54 -30.33
N ARG A 395 15.96 -2.88 -30.81
CA ARG A 395 15.10 -3.93 -30.25
C ARG A 395 14.86 -3.77 -28.76
N GLU A 396 14.82 -2.54 -28.26
CA GLU A 396 14.36 -2.27 -26.89
C GLU A 396 12.91 -1.77 -26.86
N MET A 397 12.28 -1.54 -28.02
CA MET A 397 10.91 -1.05 -28.08
C MET A 397 10.16 -1.63 -29.27
N LEU A 398 8.84 -1.74 -29.13
CA LEU A 398 7.93 -1.82 -30.27
C LEU A 398 7.71 -0.43 -30.85
N GLN A 399 7.49 -0.33 -32.15
CA GLN A 399 7.09 0.93 -32.79
C GLN A 399 5.58 1.20 -32.73
N GLN A 400 4.72 0.27 -33.18
CA GLN A 400 3.35 0.64 -33.51
C GLN A 400 2.37 0.42 -32.32
N SER A 401 2.04 1.48 -31.61
CA SER A 401 1.19 1.44 -30.39
C SER A 401 -0.17 0.75 -30.61
N LYS A 402 -0.80 0.95 -31.76
CA LYS A 402 -2.04 0.25 -32.14
C LYS A 402 -1.93 -1.28 -32.03
N ILE A 403 -0.82 -1.87 -32.46
CA ILE A 403 -0.59 -3.33 -32.34
C ILE A 403 -0.51 -3.73 -30.88
N LEU A 404 0.22 -2.96 -30.08
CA LEU A 404 0.33 -3.20 -28.63
C LEU A 404 -1.03 -3.12 -27.91
N LYS A 405 -1.91 -2.20 -28.31
CA LYS A 405 -3.28 -2.08 -27.82
C LYS A 405 -4.19 -3.25 -28.22
N VAL A 406 -3.99 -3.87 -29.38
CA VAL A 406 -4.72 -5.10 -29.74
C VAL A 406 -4.41 -6.26 -28.79
N ILE A 407 -3.20 -6.37 -28.25
CA ILE A 407 -2.91 -7.38 -27.22
C ILE A 407 -3.80 -7.14 -26.00
N ARG A 408 -3.86 -5.93 -25.46
CA ARG A 408 -4.77 -5.59 -24.34
C ARG A 408 -6.21 -5.96 -24.66
N LYS A 409 -6.71 -5.63 -25.85
CA LYS A 409 -8.09 -5.91 -26.27
C LYS A 409 -8.40 -7.40 -26.29
N ASN A 410 -7.42 -8.24 -26.60
CA ASN A 410 -7.58 -9.69 -26.74
C ASN A 410 -7.30 -10.44 -25.43
N ILE A 411 -6.30 -10.02 -24.67
CA ILE A 411 -5.82 -10.73 -23.48
C ILE A 411 -6.82 -10.69 -22.30
N VAL A 412 -7.56 -9.59 -22.14
CA VAL A 412 -8.61 -9.51 -21.10
C VAL A 412 -9.79 -10.43 -21.40
N LYS A 413 -10.17 -10.66 -22.66
CA LYS A 413 -11.27 -11.57 -23.00
C LYS A 413 -11.01 -12.97 -22.48
N LYS A 414 -9.79 -13.48 -22.65
CA LYS A 414 -9.37 -14.79 -22.12
C LYS A 414 -9.23 -14.75 -20.60
N CYS A 415 -8.72 -13.73 -19.92
CA CYS A 415 -8.63 -13.81 -18.46
C CYS A 415 -9.97 -13.56 -17.73
N LEU A 416 -10.96 -12.79 -18.26
CA LEU A 416 -12.28 -12.84 -17.62
C LEU A 416 -12.93 -14.23 -17.73
N GLU A 417 -12.73 -14.90 -18.87
CA GLU A 417 -13.17 -16.28 -19.03
C GLU A 417 -12.49 -17.21 -18.02
N LEU A 418 -11.20 -17.04 -17.74
CA LEU A 418 -10.51 -17.79 -16.69
C LEU A 418 -11.17 -17.63 -15.32
N PHE A 419 -11.52 -16.41 -14.91
CA PHE A 419 -12.23 -16.23 -13.64
C PHE A 419 -13.58 -16.94 -13.64
N SER A 420 -14.25 -16.98 -14.79
CA SER A 420 -15.53 -17.67 -14.93
C SER A 420 -15.37 -19.19 -14.78
N GLU A 421 -14.40 -19.82 -15.44
CA GLU A 421 -14.12 -21.25 -15.24
C GLU A 421 -13.77 -21.55 -13.78
N LEU A 422 -12.90 -20.75 -13.18
CA LEU A 422 -12.54 -20.79 -11.78
C LEU A 422 -13.76 -20.64 -10.86
N ALA A 423 -14.79 -19.90 -11.25
CA ALA A 423 -15.99 -19.71 -10.44
C ALA A 423 -16.77 -21.02 -10.24
N GLU A 424 -16.82 -21.88 -11.25
CA GLU A 424 -17.52 -23.16 -11.15
C GLU A 424 -16.81 -24.12 -10.17
N ASP A 425 -15.51 -23.92 -9.94
CA ASP A 425 -14.72 -24.54 -8.89
C ASP A 425 -14.83 -23.77 -7.56
N LYS A 426 -16.06 -23.62 -7.07
CA LYS A 426 -16.40 -22.65 -6.01
C LYS A 426 -15.57 -22.79 -4.73
N GLU A 427 -15.12 -23.99 -4.39
CA GLU A 427 -14.24 -24.24 -3.25
C GLU A 427 -12.86 -23.56 -3.40
N ASN A 428 -12.36 -23.39 -4.62
CA ASN A 428 -11.20 -22.55 -4.91
C ASN A 428 -11.59 -21.09 -5.15
N TYR A 429 -12.71 -20.83 -5.82
CA TYR A 429 -13.12 -19.47 -6.16
C TYR A 429 -13.12 -18.54 -4.95
N LYS A 430 -13.62 -19.01 -3.81
CA LYS A 430 -13.61 -18.22 -2.56
C LYS A 430 -12.20 -17.83 -2.08
N LYS A 431 -11.17 -18.63 -2.35
CA LYS A 431 -9.76 -18.26 -2.07
C LYS A 431 -9.26 -17.17 -3.02
N PHE A 432 -9.54 -17.31 -4.30
CA PHE A 432 -9.24 -16.29 -5.30
C PHE A 432 -9.93 -14.96 -4.98
N TYR A 433 -11.23 -15.00 -4.72
CA TYR A 433 -11.99 -13.80 -4.37
C TYR A 433 -11.50 -13.18 -3.07
N GLU A 434 -11.16 -13.96 -2.05
CA GLU A 434 -10.58 -13.41 -0.83
C GLU A 434 -9.26 -12.66 -1.10
N ALA A 435 -8.41 -13.13 -2.01
CA ALA A 435 -7.14 -12.48 -2.30
C ALA A 435 -7.26 -11.25 -3.24
N PHE A 436 -8.05 -11.34 -4.31
CA PHE A 436 -8.11 -10.47 -5.43
C PHE A 436 -9.48 -9.83 -5.65
N SER A 437 -10.28 -9.65 -4.59
CA SER A 437 -11.59 -8.99 -4.66
C SER A 437 -11.46 -7.50 -4.99
N LYS A 438 -10.47 -6.79 -4.44
CA LYS A 438 -10.28 -5.39 -4.60
C LYS A 438 -10.02 -5.05 -6.05
N ASN A 439 -9.13 -5.79 -6.71
CA ASN A 439 -8.86 -5.62 -8.13
C ASN A 439 -10.13 -5.81 -8.93
N LEU A 440 -10.91 -6.80 -8.54
CA LEU A 440 -12.15 -7.13 -9.23
C LEU A 440 -13.15 -5.97 -9.14
N LYS A 441 -13.22 -5.25 -8.01
CA LYS A 441 -14.04 -4.09 -7.81
C LYS A 441 -13.53 -2.94 -8.67
N LEU A 442 -12.21 -2.72 -8.70
CA LEU A 442 -11.60 -1.69 -9.55
C LEU A 442 -12.00 -1.86 -11.02
N GLY A 443 -12.17 -3.09 -11.50
CA GLY A 443 -12.62 -3.33 -12.85
C GLY A 443 -14.00 -2.75 -13.13
N ILE A 444 -14.91 -2.85 -12.16
CA ILE A 444 -16.26 -2.30 -12.18
C ILE A 444 -16.26 -0.78 -12.17
N HIS A 445 -15.34 -0.19 -11.46
CA HIS A 445 -15.07 1.25 -11.47
C HIS A 445 -14.50 1.76 -12.80
N GLU A 446 -13.57 1.03 -13.42
CA GLU A 446 -12.78 1.54 -14.53
C GLU A 446 -13.21 1.04 -15.94
N ASP A 447 -13.53 -0.25 -16.13
CA ASP A 447 -13.89 -0.83 -17.43
C ASP A 447 -15.38 -0.70 -17.75
N SER A 448 -15.80 0.39 -18.38
CA SER A 448 -17.19 0.56 -18.83
C SER A 448 -17.70 -0.58 -19.73
N THR A 449 -16.80 -1.24 -20.46
CA THR A 449 -17.11 -2.37 -21.36
C THR A 449 -17.26 -3.72 -20.63
N ASN A 450 -16.45 -4.02 -19.63
CA ASN A 450 -16.41 -5.34 -18.99
C ASN A 450 -17.36 -5.51 -17.81
N ARG A 451 -17.83 -4.42 -17.20
CA ARG A 451 -18.44 -4.32 -15.91
C ARG A 451 -19.74 -5.10 -15.86
N ARG A 452 -20.54 -5.11 -16.88
CA ARG A 452 -21.75 -5.87 -16.96
C ARG A 452 -21.43 -7.34 -16.75
N ARG A 453 -20.34 -7.85 -17.24
CA ARG A 453 -19.87 -9.18 -17.11
C ARG A 453 -18.98 -9.38 -15.88
N LEU A 454 -18.41 -8.34 -15.34
CA LEU A 454 -17.50 -8.41 -14.22
C LEU A 454 -18.27 -8.50 -12.90
N SER A 455 -19.46 -7.91 -12.81
CA SER A 455 -20.28 -7.88 -11.65
C SER A 455 -20.75 -9.29 -11.29
N GLU A 456 -20.99 -10.15 -12.22
CA GLU A 456 -21.46 -11.48 -12.03
C GLU A 456 -20.47 -12.28 -11.17
N LEU A 457 -19.21 -11.86 -11.09
CA LEU A 457 -18.18 -12.48 -10.26
C LEU A 457 -18.21 -11.96 -8.82
N LEU A 458 -19.02 -10.94 -8.51
CA LEU A 458 -19.14 -10.34 -7.19
C LEU A 458 -19.90 -11.22 -6.23
N ARG A 459 -19.45 -11.20 -4.99
CA ARG A 459 -20.00 -11.90 -3.87
C ARG A 459 -20.19 -10.95 -2.70
N TYR A 460 -21.23 -11.10 -1.94
CA TYR A 460 -21.57 -10.30 -0.80
C TYR A 460 -22.22 -11.14 0.30
N HIS A 461 -22.07 -10.72 1.55
CA HIS A 461 -22.99 -11.19 2.59
C HIS A 461 -24.32 -10.46 2.44
N THR A 462 -25.36 -11.14 2.90
CA THR A 462 -26.72 -10.60 3.05
C THR A 462 -27.36 -11.15 4.31
N SER A 463 -28.37 -10.47 4.84
CA SER A 463 -29.14 -10.91 6.00
C SER A 463 -29.58 -12.38 5.94
N GLN A 464 -30.06 -12.85 4.79
CA GLN A 464 -30.58 -14.20 4.64
C GLN A 464 -29.53 -15.19 4.10
N SER A 465 -28.37 -14.73 3.67
CA SER A 465 -27.26 -15.60 3.30
C SER A 465 -26.41 -16.02 4.50
N GLY A 466 -26.70 -15.68 5.71
CA GLY A 466 -26.13 -16.11 6.93
C GLY A 466 -24.66 -15.72 6.96
N ASP A 467 -23.73 -16.64 7.16
CA ASP A 467 -22.29 -16.45 7.13
C ASP A 467 -21.61 -16.91 5.82
N GLU A 468 -22.36 -16.94 4.74
CA GLU A 468 -21.91 -17.22 3.39
C GLU A 468 -22.23 -16.07 2.46
N MET A 469 -21.39 -15.93 1.44
CA MET A 469 -21.52 -14.93 0.41
C MET A 469 -22.22 -15.53 -0.80
N THR A 470 -23.22 -14.84 -1.36
CA THR A 470 -24.00 -15.22 -2.49
C THR A 470 -23.85 -14.20 -3.62
N SER A 471 -23.86 -14.63 -4.83
CA SER A 471 -23.74 -13.83 -6.01
C SER A 471 -24.99 -12.97 -6.18
N LEU A 472 -24.89 -11.85 -6.89
CA LEU A 472 -26.02 -10.96 -7.13
C LEU A 472 -27.09 -11.59 -8.00
N SER A 473 -26.73 -12.45 -8.95
CA SER A 473 -27.64 -13.20 -9.75
C SER A 473 -28.38 -14.20 -8.87
N GLU A 474 -27.69 -14.90 -7.96
CA GLU A 474 -28.36 -15.81 -7.00
C GLU A 474 -29.34 -15.06 -6.13
N TYR A 475 -29.07 -13.79 -5.84
CA TYR A 475 -29.93 -12.95 -5.06
C TYR A 475 -31.29 -12.87 -5.73
N VAL A 476 -31.39 -12.71 -7.01
CA VAL A 476 -32.59 -12.61 -7.77
C VAL A 476 -33.36 -13.92 -7.67
N SER A 477 -32.73 -15.05 -7.65
CA SER A 477 -33.32 -16.34 -7.57
C SER A 477 -34.23 -16.42 -6.36
N ARG A 478 -33.90 -15.72 -5.28
CA ARG A 478 -34.68 -15.67 -4.03
C ARG A 478 -35.54 -14.41 -3.92
N MET A 479 -35.51 -13.53 -4.91
CA MET A 479 -36.16 -12.26 -4.91
C MET A 479 -37.66 -12.45 -4.84
N LYS A 480 -38.34 -11.65 -4.02
CA LYS A 480 -39.81 -11.71 -3.91
C LYS A 480 -40.45 -11.12 -5.14
N GLU A 481 -41.63 -11.61 -5.47
CA GLU A 481 -42.42 -11.28 -6.62
C GLU A 481 -42.68 -9.77 -6.67
N THR A 482 -42.81 -9.10 -5.51
CA THR A 482 -43.10 -7.68 -5.40
C THR A 482 -41.87 -6.82 -5.34
N GLN A 483 -40.66 -7.36 -5.15
CA GLN A 483 -39.48 -6.49 -5.11
C GLN A 483 -39.17 -6.00 -6.53
N LYS A 484 -38.89 -4.71 -6.68
CA LYS A 484 -38.41 -4.09 -7.91
C LYS A 484 -36.92 -3.72 -7.86
N SER A 485 -36.22 -4.11 -6.80
CA SER A 485 -34.95 -3.50 -6.41
C SER A 485 -34.17 -4.37 -5.45
N ILE A 486 -32.84 -4.32 -5.51
CA ILE A 486 -31.92 -4.85 -4.50
C ILE A 486 -31.76 -3.82 -3.38
N TYR A 487 -31.84 -4.23 -2.12
CA TYR A 487 -31.61 -3.35 -0.97
C TYR A 487 -30.22 -3.61 -0.41
N TYR A 488 -29.46 -2.55 -0.12
CA TYR A 488 -28.12 -2.71 0.42
C TYR A 488 -27.81 -1.72 1.52
N ILE A 489 -26.82 -2.02 2.34
CA ILE A 489 -26.31 -1.16 3.38
C ILE A 489 -24.79 -1.28 3.40
N THR A 490 -24.14 -0.10 3.50
CA THR A 490 -22.68 0.08 3.58
C THR A 490 -22.27 0.74 4.90
N GLY A 491 -21.11 0.36 5.47
CA GLY A 491 -20.69 0.82 6.79
C GLY A 491 -19.40 0.16 7.30
N GLU A 492 -18.90 0.52 8.48
CA GLU A 492 -17.53 0.12 8.93
C GLU A 492 -17.30 -1.39 9.08
N SER A 493 -18.32 -2.17 9.40
CA SER A 493 -18.21 -3.62 9.67
C SER A 493 -19.59 -4.28 9.61
N LYS A 494 -19.68 -5.60 9.36
CA LYS A 494 -20.94 -6.34 9.40
C LYS A 494 -21.67 -6.18 10.73
N GLU A 495 -21.05 -6.19 11.87
CA GLU A 495 -21.59 -6.02 13.16
C GLU A 495 -22.22 -4.65 13.36
N GLN A 496 -21.75 -3.60 12.69
CA GLN A 496 -22.40 -2.29 12.72
C GLN A 496 -23.65 -2.26 11.83
N VAL A 497 -23.55 -2.76 10.59
CA VAL A 497 -24.66 -2.66 9.63
C VAL A 497 -25.77 -3.67 9.88
N ALA A 498 -25.47 -4.87 10.36
CA ALA A 498 -26.46 -5.90 10.63
C ALA A 498 -27.45 -5.50 11.72
N ASN A 499 -27.01 -4.74 12.73
CA ASN A 499 -27.76 -4.30 13.86
C ASN A 499 -28.31 -2.89 13.70
N SER A 500 -28.06 -2.25 12.57
CA SER A 500 -28.50 -0.89 12.28
C SER A 500 -30.02 -0.74 12.38
N ALA A 501 -30.47 0.45 12.71
CA ALA A 501 -31.85 0.81 12.76
C ALA A 501 -32.46 0.86 11.36
N PHE A 502 -31.70 1.09 10.29
CA PHE A 502 -32.27 1.26 8.95
C PHE A 502 -32.88 -0.02 8.40
N VAL A 503 -32.37 -1.16 8.83
CA VAL A 503 -32.76 -2.47 8.31
C VAL A 503 -33.88 -3.15 9.10
N GLU A 504 -34.29 -2.59 10.23
CA GLU A 504 -35.27 -3.18 11.15
C GLU A 504 -36.56 -3.60 10.44
N ARG A 505 -37.19 -2.67 9.69
CA ARG A 505 -38.46 -2.92 9.00
C ARG A 505 -38.30 -3.86 7.82
N VAL A 506 -37.26 -3.67 7.02
CA VAL A 506 -36.95 -4.43 5.81
C VAL A 506 -36.78 -5.93 6.13
N ARG A 507 -36.04 -6.24 7.18
CA ARG A 507 -35.83 -7.58 7.74
C ARG A 507 -37.13 -8.15 8.28
N LYS A 508 -37.96 -7.34 8.95
CA LYS A 508 -39.23 -7.70 9.51
C LYS A 508 -40.17 -8.16 8.40
N ARG A 509 -40.08 -7.56 7.21
CA ARG A 509 -40.90 -7.85 6.03
C ARG A 509 -40.45 -9.05 5.21
N GLY A 510 -39.34 -9.72 5.56
CA GLY A 510 -38.76 -10.79 4.82
C GLY A 510 -37.98 -10.34 3.61
N PHE A 511 -37.49 -9.11 3.55
CA PHE A 511 -36.63 -8.63 2.52
C PHE A 511 -35.18 -8.85 2.92
N GLU A 512 -34.41 -9.37 1.97
CA GLU A 512 -32.99 -9.56 2.06
C GLU A 512 -32.30 -8.20 1.93
N VAL A 513 -31.12 -8.05 2.54
CA VAL A 513 -30.33 -6.82 2.43
C VAL A 513 -28.85 -7.19 2.36
N VAL A 514 -28.11 -6.52 1.48
CA VAL A 514 -26.71 -6.81 1.13
C VAL A 514 -25.78 -5.91 1.94
N TYR A 515 -24.82 -6.53 2.61
CA TYR A 515 -23.86 -5.88 3.48
C TYR A 515 -22.57 -5.59 2.72
N MET A 516 -22.11 -4.35 2.76
CA MET A 516 -20.97 -3.88 1.98
C MET A 516 -20.02 -3.09 2.86
N THR A 517 -19.05 -3.78 3.44
CA THR A 517 -18.27 -3.30 4.57
C THR A 517 -16.88 -2.75 4.22
N GLU A 518 -16.34 -3.09 3.07
CA GLU A 518 -15.05 -2.71 2.61
C GLU A 518 -15.11 -1.26 2.12
N PRO A 519 -14.11 -0.44 2.44
CA PRO A 519 -14.12 0.95 1.93
C PRO A 519 -14.22 1.01 0.42
N ILE A 520 -13.64 0.14 -0.32
CA ILE A 520 -13.68 0.08 -1.74
C ILE A 520 -15.11 -0.13 -2.22
N ASP A 521 -15.99 -0.68 -1.45
CA ASP A 521 -17.33 -1.01 -1.80
C ASP A 521 -18.12 0.23 -2.17
N GLU A 522 -17.90 1.36 -1.57
CA GLU A 522 -18.61 2.57 -1.81
C GLU A 522 -18.37 3.06 -3.24
N TYR A 523 -17.23 2.86 -3.86
CA TYR A 523 -16.82 3.26 -5.17
C TYR A 523 -17.62 2.45 -6.21
N CYS A 524 -17.78 1.13 -6.06
CA CYS A 524 -18.41 0.25 -6.98
C CYS A 524 -19.91 0.53 -7.04
N VAL A 525 -20.57 0.73 -5.95
CA VAL A 525 -21.99 0.84 -5.83
C VAL A 525 -22.49 2.01 -6.69
N GLN A 526 -21.77 3.12 -6.61
CA GLN A 526 -21.96 4.34 -7.37
C GLN A 526 -21.93 4.07 -8.87
N GLN A 527 -21.16 3.07 -9.30
CA GLN A 527 -21.02 2.72 -10.71
C GLN A 527 -22.08 1.73 -11.19
N LEU A 528 -22.59 0.83 -10.34
CA LEU A 528 -23.68 -0.06 -10.64
C LEU A 528 -24.99 0.65 -10.33
N LYS A 529 -25.75 1.02 -11.36
CA LYS A 529 -27.10 1.56 -11.17
C LYS A 529 -28.11 0.46 -10.97
N GLU A 530 -27.91 -0.66 -11.66
CA GLU A 530 -28.79 -1.83 -11.64
C GLU A 530 -28.01 -3.10 -11.97
N PHE A 531 -28.62 -4.24 -11.66
CA PHE A 531 -28.15 -5.57 -12.03
C PHE A 531 -29.35 -6.39 -12.53
N ASP A 532 -29.28 -7.00 -13.72
CA ASP A 532 -30.23 -7.85 -14.36
C ASP A 532 -31.61 -7.18 -14.30
N GLY A 533 -31.68 -5.95 -14.70
CA GLY A 533 -32.86 -5.14 -14.76
C GLY A 533 -33.39 -4.70 -13.42
N LYS A 534 -32.74 -4.98 -12.27
CA LYS A 534 -33.17 -4.55 -10.93
C LYS A 534 -32.27 -3.45 -10.39
N SER A 535 -32.83 -2.31 -10.01
CA SER A 535 -32.06 -1.17 -9.48
C SER A 535 -31.49 -1.45 -8.07
N LEU A 536 -30.40 -0.81 -7.69
CA LEU A 536 -29.82 -0.89 -6.35
C LEU A 536 -30.25 0.33 -5.52
N VAL A 537 -30.97 0.08 -4.43
CA VAL A 537 -31.63 1.04 -3.53
C VAL A 537 -30.96 1.00 -2.15
N SER A 538 -30.34 2.10 -1.72
CA SER A 538 -29.77 2.14 -0.37
C SER A 538 -30.85 2.30 0.68
N VAL A 539 -30.73 1.61 1.80
CA VAL A 539 -31.63 1.84 2.94
C VAL A 539 -31.36 3.15 3.69
N THR A 540 -30.31 3.91 3.37
CA THR A 540 -29.87 5.10 4.13
C THR A 540 -30.31 6.47 3.57
N LYS A 541 -31.28 6.50 2.66
CA LYS A 541 -31.69 7.69 1.91
C LYS A 541 -33.15 8.02 2.11
N GLU A 542 -33.47 9.30 1.96
CA GLU A 542 -34.82 9.86 2.11
C GLU A 542 -35.89 9.20 1.22
N GLY A 543 -35.48 8.62 0.09
CA GLY A 543 -36.37 8.12 -0.97
C GLY A 543 -36.78 6.65 -0.85
N LEU A 544 -36.45 5.97 0.25
CA LEU A 544 -36.80 4.55 0.44
C LEU A 544 -38.31 4.33 0.37
N GLU A 545 -38.73 3.48 -0.56
CA GLU A 545 -40.14 3.27 -0.90
C GLU A 545 -40.40 1.78 -1.13
N LEU A 546 -40.85 1.10 -0.08
CA LEU A 546 -41.15 -0.33 -0.11
C LEU A 546 -42.42 -0.65 -0.91
N PRO A 547 -42.67 -1.92 -1.27
CA PRO A 547 -44.02 -2.43 -1.52
C PRO A 547 -44.91 -2.18 -0.32
N GLU A 548 -46.21 -1.95 -0.53
CA GLU A 548 -47.14 -1.60 0.56
C GLU A 548 -48.55 -2.10 0.30
N ASP A 549 -49.30 -2.40 1.36
CA ASP A 549 -50.76 -2.28 1.36
C ASP A 549 -51.14 -0.81 1.65
N GLU A 550 -52.17 -0.26 1.01
CA GLU A 550 -52.53 1.15 1.21
C GLU A 550 -52.99 1.49 2.64
N GLU A 551 -53.36 0.47 3.41
CA GLU A 551 -53.58 0.58 4.85
C GLU A 551 -52.38 1.19 5.60
N GLU A 552 -51.15 0.98 5.14
CA GLU A 552 -49.96 1.53 5.78
C GLU A 552 -49.82 3.02 5.50
N LYS A 553 -49.97 3.47 4.24
CA LYS A 553 -49.93 4.91 3.93
C LYS A 553 -51.11 5.67 4.52
N LYS A 554 -52.30 5.05 4.62
CA LYS A 554 -53.43 5.62 5.35
C LYS A 554 -53.08 5.92 6.82
N LYS A 555 -52.48 4.97 7.53
CA LYS A 555 -51.98 5.20 8.90
C LYS A 555 -50.89 6.28 8.95
N MET A 556 -49.98 6.32 7.97
CA MET A 556 -48.95 7.37 7.94
C MET A 556 -49.53 8.77 7.71
N GLU A 557 -50.58 8.92 6.89
CA GLU A 557 -51.25 10.20 6.67
C GLU A 557 -51.90 10.74 7.95
N GLU A 558 -52.57 9.88 8.72
CA GLU A 558 -53.07 10.25 10.05
C GLU A 558 -51.92 10.65 10.99
N SER A 559 -50.83 9.91 10.93
CA SER A 559 -49.66 10.16 11.78
C SER A 559 -49.04 11.51 11.46
N LYS A 560 -48.78 11.85 10.20
CA LYS A 560 -48.17 13.15 9.86
C LYS A 560 -49.07 14.33 10.20
N ALA A 561 -50.40 14.16 10.12
CA ALA A 561 -51.34 15.17 10.60
C ALA A 561 -51.22 15.46 12.11
N LYS A 562 -50.99 14.44 12.95
CA LYS A 562 -50.84 14.61 14.42
C LYS A 562 -49.52 15.27 14.88
N PHE A 563 -48.43 15.04 14.16
CA PHE A 563 -47.08 15.36 14.47
C PHE A 563 -46.55 16.58 13.71
N GLU A 564 -47.40 17.34 13.01
CA GLU A 564 -46.96 18.53 12.25
C GLU A 564 -46.38 19.62 13.16
N ASN A 565 -46.79 19.76 14.38
CA ASN A 565 -46.38 20.58 15.43
C ASN A 565 -44.94 20.24 15.83
N LEU A 566 -44.62 18.96 16.05
CA LEU A 566 -43.23 18.52 16.25
C LEU A 566 -42.38 18.71 14.99
N CYS A 567 -42.91 18.46 13.79
CA CYS A 567 -42.18 18.71 12.56
C CYS A 567 -41.74 20.18 12.42
N LYS A 568 -42.55 21.15 12.87
CA LYS A 568 -42.12 22.54 13.01
C LYS A 568 -41.15 22.73 14.18
N LEU A 569 -41.55 22.34 15.38
CA LEU A 569 -40.83 22.67 16.60
C LEU A 569 -39.41 22.08 16.62
N MET A 570 -39.30 20.78 16.35
CA MET A 570 -38.03 20.07 16.31
C MET A 570 -37.11 20.65 15.24
N LYS A 571 -37.66 20.99 14.06
CA LYS A 571 -36.93 21.72 13.03
C LYS A 571 -36.41 23.07 13.55
N GLU A 572 -37.23 23.87 14.22
CA GLU A 572 -36.86 25.20 14.70
C GLU A 572 -35.77 25.18 15.81
N ILE A 573 -35.60 24.06 16.52
CA ILE A 573 -34.58 23.91 17.57
C ILE A 573 -33.21 23.52 16.98
N LEU A 574 -33.27 22.67 15.95
CA LEU A 574 -32.16 22.02 15.24
C LEU A 574 -31.91 22.61 13.84
N ASP A 575 -32.48 23.78 13.50
CA ASP A 575 -32.58 24.33 12.19
C ASP A 575 -31.22 24.49 11.53
N LYS A 576 -30.12 24.76 12.25
CA LYS A 576 -28.78 24.96 11.64
C LYS A 576 -28.11 23.65 11.25
N LYS A 577 -28.60 22.54 11.78
CA LYS A 577 -27.99 21.20 11.77
C LYS A 577 -28.60 20.32 10.69
N VAL A 578 -29.92 20.38 10.56
CA VAL A 578 -30.71 19.47 9.74
C VAL A 578 -31.71 20.25 8.89
N GLU A 579 -31.85 19.86 7.62
CA GLU A 579 -32.58 20.56 6.62
C GLU A 579 -34.08 20.44 6.88
N LYS A 580 -34.59 19.29 7.19
CA LYS A 580 -35.98 19.02 7.44
C LYS A 580 -36.15 17.83 8.37
N VAL A 581 -37.25 17.74 9.03
CA VAL A 581 -37.66 16.71 9.93
C VAL A 581 -38.99 16.14 9.50
N THR A 582 -39.06 14.82 9.44
CA THR A 582 -40.18 14.05 8.87
C THR A 582 -40.44 12.76 9.65
N ILE A 583 -41.58 12.13 9.40
CA ILE A 583 -41.93 10.83 9.96
C ILE A 583 -41.25 9.69 9.17
N SER A 584 -40.56 8.79 9.86
CA SER A 584 -40.01 7.54 9.33
C SER A 584 -41.08 6.54 8.93
N ASN A 585 -40.68 5.67 7.99
CA ASN A 585 -41.37 4.46 7.55
C ASN A 585 -40.53 3.18 7.70
N ARG A 586 -39.21 3.31 7.95
CA ARG A 586 -38.25 2.20 8.06
C ARG A 586 -37.94 1.72 9.48
N LEU A 587 -38.34 2.48 10.51
CA LEU A 587 -38.02 2.18 11.89
C LEU A 587 -39.03 1.20 12.50
N VAL A 588 -38.55 0.34 13.42
CA VAL A 588 -39.41 -0.52 14.24
C VAL A 588 -39.17 -0.22 15.71
N SER A 589 -37.94 -0.42 16.18
CA SER A 589 -37.61 -0.39 17.60
C SER A 589 -36.96 0.92 18.03
N SER A 590 -36.23 1.61 17.16
CA SER A 590 -35.47 2.78 17.56
C SER A 590 -36.32 4.07 17.54
N PRO A 591 -36.00 5.12 18.33
CA PRO A 591 -36.77 6.34 18.37
C PRO A 591 -36.70 7.15 17.09
N CYS A 592 -35.49 7.28 16.57
CA CYS A 592 -35.17 8.12 15.46
C CYS A 592 -33.88 7.70 14.78
N CYS A 593 -33.73 8.09 13.54
CA CYS A 593 -32.50 7.92 12.78
C CYS A 593 -32.39 9.10 11.82
N ILE A 594 -31.17 9.31 11.34
CA ILE A 594 -30.80 10.38 10.42
C ILE A 594 -30.40 9.76 9.09
N VAL A 595 -30.91 10.31 8.00
CA VAL A 595 -30.67 9.82 6.63
C VAL A 595 -30.16 10.93 5.74
N THR A 596 -29.43 10.62 4.67
CA THR A 596 -28.95 11.63 3.73
C THR A 596 -29.94 11.92 2.61
N SER A 597 -29.75 13.05 1.94
CA SER A 597 -30.48 13.42 0.74
C SER A 597 -30.30 12.41 -0.41
N THR A 598 -31.24 12.38 -1.37
CA THR A 598 -31.36 11.35 -2.44
C THR A 598 -30.08 11.13 -3.22
N TYR A 599 -29.47 12.21 -3.70
CA TYR A 599 -28.14 12.18 -4.28
C TYR A 599 -27.21 13.02 -3.41
N GLY A 600 -25.95 12.61 -3.28
CA GLY A 600 -24.94 13.24 -2.53
C GLY A 600 -24.23 12.29 -1.57
N TRP A 601 -23.19 12.73 -0.96
CA TRP A 601 -22.34 11.97 -0.10
C TRP A 601 -23.16 11.42 1.06
N THR A 602 -23.07 10.09 1.22
CA THR A 602 -23.63 9.28 2.31
C THR A 602 -22.77 9.39 3.56
N ALA A 603 -23.18 8.79 4.67
CA ALA A 603 -22.46 8.69 5.90
C ALA A 603 -21.09 8.07 5.64
N ASN A 604 -21.00 6.96 4.99
CA ASN A 604 -19.80 6.25 4.72
C ASN A 604 -18.93 7.02 3.75
N MET A 605 -19.51 7.52 2.65
CA MET A 605 -18.71 8.27 1.70
C MET A 605 -18.07 9.45 2.42
N GLU A 606 -18.79 10.14 3.30
CA GLU A 606 -18.29 11.20 4.11
C GLU A 606 -17.03 10.74 4.84
N ARG A 607 -17.04 9.61 5.45
CA ARG A 607 -15.98 9.08 6.25
C ARG A 607 -14.74 8.87 5.40
N ILE A 608 -14.82 8.20 4.30
CA ILE A 608 -13.71 7.81 3.48
C ILE A 608 -13.04 9.05 2.90
N MET A 609 -13.80 9.98 2.35
CA MET A 609 -13.28 11.20 1.75
C MET A 609 -12.52 12.09 2.70
N LYS A 610 -12.95 12.14 3.97
CA LYS A 610 -12.34 12.88 5.02
C LYS A 610 -11.03 12.22 5.47
N ALA A 611 -10.84 10.92 5.23
CA ALA A 611 -9.66 10.19 5.64
C ALA A 611 -8.54 10.17 4.57
N GLN A 612 -8.80 10.59 3.35
CA GLN A 612 -7.83 10.62 2.29
C GLN A 612 -6.68 11.54 2.65
N ALA A 613 -5.47 11.16 2.26
CA ALA A 613 -4.26 11.94 2.50
C ALA A 613 -4.26 13.22 1.66
N LEU A 614 -4.54 13.11 0.37
CA LEU A 614 -4.63 14.15 -0.62
C LEU A 614 -6.09 14.56 -0.80
N ARG A 615 -6.67 15.16 0.19
CA ARG A 615 -8.06 15.42 0.33
C ARG A 615 -8.56 16.32 -0.80
N ASP A 616 -7.91 17.39 -1.11
CA ASP A 616 -8.34 18.54 -1.86
C ASP A 616 -9.51 19.20 -1.13
N ASN A 617 -9.34 19.41 0.18
CA ASN A 617 -10.39 19.62 1.19
C ASN A 617 -11.43 20.73 0.94
N SER A 618 -11.10 21.82 0.25
CA SER A 618 -12.08 22.87 -0.06
C SER A 618 -13.25 22.35 -0.90
N THR A 619 -12.99 21.60 -1.97
CA THR A 619 -14.04 21.11 -2.87
C THR A 619 -14.96 20.11 -2.16
N MET A 620 -14.40 19.16 -1.41
CA MET A 620 -15.21 18.23 -0.62
C MET A 620 -16.02 18.95 0.46
N GLY A 621 -15.51 20.05 1.01
CA GLY A 621 -16.24 20.89 1.95
C GLY A 621 -17.52 21.48 1.37
N TYR A 622 -17.56 21.74 0.06
CA TYR A 622 -18.82 21.99 -0.63
C TYR A 622 -19.67 20.72 -0.85
N MET A 623 -19.07 19.62 -1.34
CA MET A 623 -19.75 18.42 -1.80
C MET A 623 -20.52 17.60 -0.78
N MET A 624 -20.11 17.64 0.49
CA MET A 624 -20.80 16.95 1.59
C MET A 624 -22.29 17.25 1.63
N ALA A 625 -23.14 16.22 1.57
CA ALA A 625 -24.60 16.38 1.47
C ALA A 625 -25.29 16.36 2.82
N LYS A 626 -26.45 17.04 2.90
CA LYS A 626 -27.21 17.27 4.14
C LYS A 626 -28.19 16.17 4.51
N LYS A 627 -28.52 16.23 5.82
CA LYS A 627 -29.21 15.27 6.67
C LYS A 627 -30.71 15.54 6.74
N HIS A 628 -31.49 14.50 6.93
CA HIS A 628 -32.92 14.51 7.25
C HIS A 628 -33.14 13.62 8.46
N LEU A 629 -33.78 14.04 9.50
CA LEU A 629 -34.11 13.33 10.71
C LEU A 629 -35.46 12.64 10.58
N GLU A 630 -35.53 11.37 10.98
CA GLU A 630 -36.75 10.59 10.98
C GLU A 630 -37.09 10.13 12.39
N ILE A 631 -38.38 10.24 12.73
CA ILE A 631 -38.93 9.88 14.03
C ILE A 631 -39.95 8.76 13.86
N ASN A 632 -39.97 7.85 14.81
CA ASN A 632 -40.82 6.69 14.92
C ASN A 632 -42.07 7.09 15.67
N PRO A 633 -43.27 7.14 15.05
CA PRO A 633 -44.48 7.63 15.70
C PRO A 633 -44.93 6.77 16.89
N ASP A 634 -44.60 5.47 16.88
CA ASP A 634 -45.07 4.52 17.88
C ASP A 634 -44.21 4.48 19.14
N HIS A 635 -43.08 5.21 19.15
CA HIS A 635 -42.10 5.01 20.19
C HIS A 635 -42.44 5.82 21.46
N PRO A 636 -42.32 5.23 22.67
CA PRO A 636 -42.49 5.91 23.94
C PRO A 636 -41.76 7.24 24.05
N ILE A 637 -40.57 7.39 23.45
CA ILE A 637 -39.81 8.65 23.52
C ILE A 637 -40.52 9.74 22.73
N VAL A 638 -40.87 9.49 21.46
CA VAL A 638 -41.55 10.43 20.58
C VAL A 638 -42.94 10.79 21.12
N GLU A 639 -43.66 9.80 21.68
CA GLU A 639 -44.95 9.92 22.34
C GLU A 639 -44.80 10.86 23.54
N THR A 640 -43.84 10.60 24.40
CA THR A 640 -43.55 11.46 25.55
C THR A 640 -43.14 12.86 25.14
N LEU A 641 -42.17 13.01 24.26
CA LEU A 641 -41.64 14.30 23.84
C LEU A 641 -42.74 15.18 23.23
N ARG A 642 -43.66 14.57 22.45
CA ARG A 642 -44.84 15.23 21.90
C ARG A 642 -45.80 15.66 23.01
N GLN A 643 -46.14 14.78 23.94
CA GLN A 643 -47.00 15.13 25.07
C GLN A 643 -46.39 16.27 25.88
N LYS A 644 -45.07 16.26 26.10
CA LYS A 644 -44.32 17.33 26.77
C LYS A 644 -44.35 18.63 25.97
N ALA A 645 -44.07 18.56 24.67
CA ALA A 645 -44.08 19.72 23.77
C ALA A 645 -45.49 20.29 23.52
N GLU A 646 -46.53 19.47 23.64
CA GLU A 646 -47.92 19.94 23.58
C GLU A 646 -48.33 20.62 24.89
N ALA A 647 -47.88 20.11 26.04
CA ALA A 647 -48.11 20.73 27.34
C ALA A 647 -47.37 22.08 27.47
N ASP A 648 -46.17 22.22 26.90
CA ASP A 648 -45.48 23.49 26.74
C ASP A 648 -44.51 23.46 25.54
N LYS A 649 -44.88 24.17 24.47
CA LYS A 649 -44.08 24.27 23.24
C LYS A 649 -42.68 24.84 23.50
N ASN A 650 -42.57 25.78 24.45
CA ASN A 650 -41.34 26.50 24.74
C ASN A 650 -40.55 25.92 25.94
N ASP A 651 -40.83 24.69 26.35
CA ASP A 651 -40.15 24.07 27.50
C ASP A 651 -38.64 23.89 27.26
N LYS A 652 -37.81 24.49 28.10
CA LYS A 652 -36.35 24.30 28.06
C LYS A 652 -35.94 22.85 28.19
N ALA A 653 -36.71 22.02 28.91
CA ALA A 653 -36.46 20.60 29.00
C ALA A 653 -36.62 19.90 27.64
N VAL A 654 -37.65 20.21 26.84
CA VAL A 654 -37.76 19.62 25.49
C VAL A 654 -36.69 20.15 24.56
N LYS A 655 -36.29 21.42 24.68
CA LYS A 655 -35.13 21.94 23.93
C LYS A 655 -33.85 21.17 24.25
N ASP A 656 -33.52 20.97 25.52
CA ASP A 656 -32.36 20.18 25.95
C ASP A 656 -32.47 18.70 25.54
N LEU A 657 -33.68 18.20 25.33
CA LEU A 657 -33.93 16.80 24.98
C LEU A 657 -33.67 16.50 23.49
N VAL A 658 -34.27 17.34 22.66
CA VAL A 658 -34.23 17.27 21.22
C VAL A 658 -32.79 17.25 20.73
N VAL A 659 -31.88 18.06 21.30
CA VAL A 659 -30.45 17.99 20.95
C VAL A 659 -29.78 16.70 21.43
N LEU A 660 -30.05 16.24 22.66
CA LEU A 660 -29.43 15.04 23.23
C LEU A 660 -29.88 13.84 22.40
N LEU A 661 -31.16 13.81 22.06
CA LEU A 661 -31.69 12.78 21.22
C LEU A 661 -31.05 12.84 19.84
N PHE A 662 -30.90 13.97 19.26
CA PHE A 662 -30.40 14.17 17.93
C PHE A 662 -28.97 13.67 17.83
N GLU A 663 -28.11 13.96 18.74
CA GLU A 663 -26.72 13.61 18.72
C GLU A 663 -26.58 12.10 18.68
N THR A 664 -27.36 11.40 19.48
CA THR A 664 -27.37 9.94 19.52
C THR A 664 -27.63 9.37 18.12
N ALA A 665 -28.55 9.98 17.37
CA ALA A 665 -28.85 9.54 16.02
C ALA A 665 -27.70 9.82 15.04
N LEU A 666 -26.87 10.86 15.25
CA LEU A 666 -25.68 11.04 14.42
C LEU A 666 -24.78 9.83 14.56
N LEU A 667 -24.47 9.48 15.82
CA LEU A 667 -23.58 8.37 16.10
C LEU A 667 -24.06 7.07 15.47
N SER A 668 -25.33 6.72 15.59
CA SER A 668 -25.81 5.44 15.09
C SER A 668 -25.86 5.37 13.56
N SER A 669 -25.84 6.53 12.90
CA SER A 669 -25.93 6.70 11.46
C SER A 669 -24.57 6.81 10.75
N GLY A 670 -23.44 6.83 11.45
CA GLY A 670 -22.13 6.95 10.95
C GLY A 670 -21.59 8.36 10.86
N PHE A 671 -22.22 9.36 11.39
CA PHE A 671 -21.83 10.73 11.42
C PHE A 671 -21.06 11.02 12.71
N SER A 672 -19.88 11.59 12.61
CA SER A 672 -19.14 12.06 13.77
C SER A 672 -19.69 13.39 14.28
N LEU A 673 -19.49 13.66 15.57
CA LEU A 673 -19.92 14.90 16.20
C LEU A 673 -18.99 16.06 15.83
N GLU A 674 -19.51 17.27 15.84
CA GLU A 674 -18.70 18.48 15.64
C GLU A 674 -17.73 18.70 16.80
N ASP A 675 -18.21 18.45 18.01
CA ASP A 675 -17.50 18.54 19.28
C ASP A 675 -17.87 17.36 20.20
N PRO A 676 -17.14 16.24 20.14
CA PRO A 676 -17.41 15.06 20.96
C PRO A 676 -17.33 15.37 22.46
N GLN A 677 -16.51 16.35 22.83
CA GLN A 677 -16.38 16.78 24.21
C GLN A 677 -17.72 17.30 24.76
N THR A 678 -18.46 18.16 24.06
CA THR A 678 -19.73 18.67 24.62
C THR A 678 -20.83 17.62 24.68
N HIS A 679 -20.83 16.60 23.81
CA HIS A 679 -21.73 15.44 23.98
C HIS A 679 -21.46 14.76 25.33
N SER A 680 -20.19 14.59 25.64
CA SER A 680 -19.67 13.93 26.81
C SER A 680 -19.92 14.77 28.05
N ASN A 681 -19.76 16.10 27.99
CA ASN A 681 -20.18 16.99 29.07
C ASN A 681 -21.68 16.87 29.36
N ARG A 682 -22.52 16.84 28.34
CA ARG A 682 -23.98 16.63 28.48
C ARG A 682 -24.32 15.24 29.03
N ILE A 683 -23.64 14.20 28.59
CA ILE A 683 -23.73 12.86 29.19
C ILE A 683 -23.24 12.87 30.64
N TYR A 684 -22.20 13.61 31.00
CA TYR A 684 -21.76 13.72 32.41
C TYR A 684 -22.73 14.56 33.24
N ARG A 685 -23.38 15.57 32.68
CA ARG A 685 -24.46 16.31 33.36
C ARG A 685 -25.63 15.40 33.72
N MET A 686 -25.90 14.41 32.88
CA MET A 686 -26.76 13.29 33.18
C MET A 686 -26.15 12.26 34.15
N ILE A 687 -24.89 11.85 34.00
CA ILE A 687 -24.28 10.88 34.91
C ILE A 687 -24.12 11.44 36.32
N LYS A 688 -23.96 12.75 36.53
CA LYS A 688 -24.00 13.30 37.89
C LYS A 688 -25.37 13.11 38.55
N LEU A 689 -26.47 13.11 37.79
CA LEU A 689 -27.74 12.61 38.35
C LEU A 689 -27.64 11.12 38.69
N GLY A 690 -27.09 10.34 37.74
CA GLY A 690 -26.89 8.90 37.86
C GLY A 690 -26.05 8.47 39.05
N LEU A 691 -25.14 9.33 39.53
CA LEU A 691 -24.31 9.13 40.72
C LEU A 691 -24.69 10.02 41.92
N GLY A 692 -25.75 10.82 41.83
CA GLY A 692 -26.24 11.68 42.91
C GLY A 692 -25.24 12.75 43.39
N ILE A 693 -24.31 13.17 42.53
CA ILE A 693 -23.17 14.03 42.95
C ILE A 693 -23.63 15.46 43.28
N ASP A 694 -24.47 16.04 42.41
CA ASP A 694 -24.77 17.47 42.34
C ASP A 694 -26.20 17.71 41.81
N GLU B 13 53.70 -13.39 -46.84
CA GLU B 13 52.69 -12.73 -45.99
C GLU B 13 51.28 -13.16 -46.38
N GLU B 14 50.57 -13.82 -45.47
CA GLU B 14 49.30 -14.52 -45.68
C GLU B 14 48.05 -13.68 -45.36
N VAL B 15 48.21 -12.58 -44.61
CA VAL B 15 47.09 -11.71 -44.21
C VAL B 15 46.59 -10.84 -45.36
N GLU B 16 45.28 -10.58 -45.43
CA GLU B 16 44.67 -9.58 -46.32
C GLU B 16 43.87 -8.57 -45.51
N THR B 17 43.91 -7.30 -45.88
CA THR B 17 43.14 -6.21 -45.25
C THR B 17 42.17 -5.56 -46.22
N PHE B 18 40.90 -5.52 -45.85
CA PHE B 18 39.80 -4.97 -46.65
C PHE B 18 39.17 -3.76 -45.97
N ALA B 19 38.66 -2.78 -46.71
CA ALA B 19 37.91 -1.65 -46.15
C ALA B 19 36.50 -2.08 -45.70
N PHE B 20 35.92 -1.56 -44.62
CA PHE B 20 34.52 -1.89 -44.36
C PHE B 20 33.64 -1.36 -45.52
N GLN B 21 32.47 -1.94 -45.71
CA GLN B 21 31.54 -1.64 -46.82
C GLN B 21 30.15 -1.39 -46.28
N ALA B 22 29.25 -0.79 -47.05
CA ALA B 22 27.85 -0.64 -46.68
C ALA B 22 26.93 -1.15 -47.77
N GLU B 23 25.79 -1.69 -47.39
CA GLU B 23 24.70 -2.11 -48.23
C GLU B 23 23.66 -1.00 -48.27
N ILE B 24 23.43 -0.42 -49.44
CA ILE B 24 22.71 0.83 -49.55
C ILE B 24 21.20 0.66 -49.43
N ALA B 25 20.57 -0.28 -50.12
CA ALA B 25 19.16 -0.49 -50.14
C ALA B 25 18.67 -0.87 -48.75
N GLN B 26 19.24 -1.87 -48.14
CA GLN B 26 18.89 -2.33 -46.84
C GLN B 26 19.15 -1.25 -45.80
N LEU B 27 20.24 -0.47 -45.91
CA LEU B 27 20.51 0.63 -44.99
C LEU B 27 19.47 1.76 -45.13
N MET B 28 19.06 2.11 -46.34
CA MET B 28 17.95 3.03 -46.56
C MET B 28 16.67 2.54 -45.89
N SER B 29 16.34 1.26 -46.06
CA SER B 29 15.15 0.68 -45.47
C SER B 29 15.24 0.70 -43.95
N LEU B 30 16.41 0.46 -43.39
CA LEU B 30 16.63 0.45 -41.96
C LEU B 30 16.35 1.83 -41.37
N ILE B 31 16.95 2.87 -41.95
CA ILE B 31 16.81 4.25 -41.49
C ILE B 31 15.36 4.68 -41.51
N ILE B 32 14.64 4.41 -42.61
CA ILE B 32 13.25 4.80 -42.71
C ILE B 32 12.41 3.97 -41.75
N ASN B 33 12.46 2.64 -41.85
CA ASN B 33 11.49 1.78 -41.17
C ASN B 33 11.73 1.67 -39.67
N THR B 34 12.96 1.83 -39.16
CA THR B 34 13.27 1.39 -37.81
C THR B 34 14.05 2.34 -36.91
N PHE B 35 14.39 3.56 -37.33
CA PHE B 35 14.95 4.55 -36.40
C PHE B 35 13.87 5.31 -35.63
N TYR B 36 12.81 5.75 -36.30
CA TYR B 36 11.84 6.72 -35.77
C TYR B 36 10.50 6.06 -35.44
N SER B 37 10.06 6.17 -34.19
CA SER B 37 8.80 5.60 -33.71
C SER B 37 7.57 6.50 -33.90
N ASN B 38 7.74 7.71 -34.42
CA ASN B 38 6.66 8.70 -34.58
C ASN B 38 6.74 9.37 -35.95
N LYS B 39 5.67 9.40 -36.72
CA LYS B 39 5.67 9.98 -38.07
C LYS B 39 5.98 11.48 -38.08
N GLU B 40 5.52 12.26 -37.10
CA GLU B 40 5.63 13.71 -37.13
C GLU B 40 7.06 14.27 -36.98
N ILE B 41 8.04 13.44 -36.63
CA ILE B 41 9.43 13.84 -36.46
C ILE B 41 9.96 14.47 -37.74
N PHE B 42 9.47 14.02 -38.90
CA PHE B 42 9.94 14.51 -40.18
C PHE B 42 9.88 16.03 -40.26
N LEU B 43 8.80 16.66 -39.75
CA LEU B 43 8.61 18.09 -39.82
C LEU B 43 9.63 18.80 -38.93
N ARG B 44 9.92 18.24 -37.77
CA ARG B 44 10.96 18.70 -36.85
C ARG B 44 12.34 18.63 -37.49
N GLU B 45 12.64 17.58 -38.24
CA GLU B 45 13.89 17.48 -39.00
C GLU B 45 14.00 18.53 -40.08
N LEU B 46 12.96 18.74 -40.90
CA LEU B 46 13.06 19.71 -41.97
C LEU B 46 13.14 21.15 -41.43
N ILE B 47 12.41 21.48 -40.38
CA ILE B 47 12.53 22.78 -39.74
C ILE B 47 13.93 23.01 -39.19
N SER B 48 14.57 22.00 -38.59
CA SER B 48 15.91 22.06 -38.10
C SER B 48 16.88 22.35 -39.23
N ASN B 49 16.78 21.72 -40.36
CA ASN B 49 17.60 21.94 -41.51
C ASN B 49 17.42 23.35 -42.02
N ALA B 50 16.24 23.86 -42.11
CA ALA B 50 15.95 25.19 -42.52
C ALA B 50 16.60 26.19 -41.58
N SER B 51 16.50 25.96 -40.28
CA SER B 51 17.15 26.79 -39.28
C SER B 51 18.65 26.83 -39.47
N ASP B 52 19.26 25.67 -39.71
CA ASP B 52 20.70 25.59 -39.92
C ASP B 52 21.14 26.37 -41.17
N ALA B 53 20.37 26.34 -42.25
CA ALA B 53 20.63 27.06 -43.46
C ALA B 53 20.58 28.56 -43.17
N LEU B 54 19.54 29.03 -42.47
CA LEU B 54 19.41 30.43 -42.12
C LEU B 54 20.57 30.87 -41.22
N ASP B 55 21.01 30.05 -40.28
CA ASP B 55 22.19 30.37 -39.46
C ASP B 55 23.44 30.59 -40.30
N LYS B 56 23.70 29.73 -41.29
CA LYS B 56 24.87 29.86 -42.15
C LYS B 56 24.85 31.16 -42.93
N ILE B 57 23.76 31.47 -43.64
CA ILE B 57 23.73 32.73 -44.40
C ILE B 57 23.77 33.94 -43.47
N ARG B 58 23.22 33.89 -42.27
CA ARG B 58 23.34 34.99 -41.32
C ARG B 58 24.78 35.17 -40.83
N TYR B 59 25.52 34.09 -40.58
CA TYR B 59 26.90 34.10 -40.23
C TYR B 59 27.73 34.64 -41.38
N GLU B 60 27.53 34.28 -42.61
CA GLU B 60 28.24 34.75 -43.72
C GLU B 60 27.94 36.22 -44.00
N SER B 61 26.69 36.65 -43.81
CA SER B 61 26.33 38.07 -43.95
C SER B 61 26.92 38.94 -42.86
N LEU B 62 27.33 38.35 -41.73
CA LEU B 62 27.95 39.07 -40.62
C LEU B 62 29.28 39.72 -41.04
N THR B 63 30.03 39.12 -41.98
CA THR B 63 31.28 39.60 -42.48
C THR B 63 31.18 40.34 -43.81
N ASP B 64 30.35 39.85 -44.74
CA ASP B 64 30.22 40.42 -46.08
C ASP B 64 28.75 40.73 -46.36
N PRO B 65 28.24 41.92 -46.01
CA PRO B 65 26.80 42.19 -46.19
C PRO B 65 26.32 41.97 -47.60
N SER B 66 27.16 42.22 -48.62
CA SER B 66 26.79 42.12 -50.04
C SER B 66 26.28 40.73 -50.44
N LYS B 67 26.64 39.69 -49.67
CA LYS B 67 26.13 38.33 -49.81
C LYS B 67 24.63 38.21 -49.51
N LEU B 68 24.07 39.15 -48.74
CA LEU B 68 22.63 39.28 -48.49
C LEU B 68 21.95 39.89 -49.71
N ASP B 69 21.93 39.13 -50.81
CA ASP B 69 21.91 39.73 -52.14
C ASP B 69 20.50 39.68 -52.76
N SER B 70 19.99 38.50 -53.07
CA SER B 70 18.72 38.25 -53.74
C SER B 70 17.51 38.23 -52.80
N GLY B 71 17.74 38.30 -51.50
CA GLY B 71 16.73 38.42 -50.46
C GLY B 71 17.36 38.78 -49.13
N LYS B 72 16.68 39.60 -48.32
CA LYS B 72 17.26 40.29 -47.15
C LYS B 72 16.75 39.80 -45.80
N GLU B 73 15.67 39.03 -45.80
CA GLU B 73 14.96 38.58 -44.61
C GLU B 73 14.86 37.06 -44.58
N LEU B 74 14.84 36.48 -43.37
CA LEU B 74 14.99 35.05 -43.14
C LEU B 74 13.70 34.47 -42.55
N LYS B 75 13.06 33.47 -43.17
CA LYS B 75 11.79 32.93 -42.80
C LYS B 75 11.60 31.51 -43.29
N ILE B 76 10.65 30.82 -42.76
CA ILE B 76 10.24 29.48 -43.06
C ILE B 76 8.75 29.46 -43.37
N ASP B 77 8.39 29.14 -44.59
CA ASP B 77 7.00 29.07 -45.04
C ASP B 77 6.62 27.62 -45.23
N ILE B 78 5.51 27.20 -44.64
CA ILE B 78 4.92 25.88 -44.80
C ILE B 78 3.68 26.05 -45.67
N ILE B 79 3.54 25.23 -46.71
CA ILE B 79 2.52 25.45 -47.73
C ILE B 79 1.89 24.11 -48.12
N PRO B 80 0.87 23.62 -47.39
CA PRO B 80 0.14 22.43 -47.78
C PRO B 80 -0.70 22.70 -49.02
N ASN B 81 -0.87 21.67 -49.86
CA ASN B 81 -1.61 21.72 -51.11
C ASN B 81 -2.36 20.39 -51.27
N PRO B 82 -3.64 20.34 -50.88
CA PRO B 82 -4.43 19.13 -50.94
C PRO B 82 -4.83 18.70 -52.36
N GLN B 83 -4.83 19.59 -53.34
CA GLN B 83 -5.17 19.29 -54.74
C GLN B 83 -4.15 18.33 -55.39
N GLU B 84 -2.90 18.31 -54.92
CA GLU B 84 -1.87 17.35 -55.32
C GLU B 84 -1.40 16.46 -54.17
N ARG B 85 -1.89 16.68 -52.95
CA ARG B 85 -1.37 16.03 -51.73
C ARG B 85 0.14 16.21 -51.55
N THR B 86 0.62 17.39 -51.62
CA THR B 86 1.92 17.95 -51.44
C THR B 86 2.05 18.88 -50.25
N LEU B 87 3.10 18.72 -49.45
CA LEU B 87 3.48 19.64 -48.38
C LEU B 87 4.82 20.24 -48.77
N THR B 88 5.00 21.55 -48.61
CA THR B 88 6.13 22.31 -49.02
C THR B 88 6.72 23.12 -47.89
N LEU B 89 8.03 23.09 -47.75
CA LEU B 89 8.75 24.00 -46.87
C LEU B 89 9.65 24.90 -47.72
N VAL B 90 9.53 26.21 -47.59
CA VAL B 90 10.35 27.21 -48.27
C VAL B 90 11.17 27.94 -47.24
N ASP B 91 12.50 28.04 -47.43
CA ASP B 91 13.38 28.60 -46.38
C ASP B 91 14.11 29.91 -46.68
N THR B 92 14.46 30.31 -47.89
CA THR B 92 15.37 31.47 -48.06
C THR B 92 16.72 31.47 -47.28
N GLY B 93 17.32 30.30 -47.02
CA GLY B 93 18.66 30.11 -46.40
C GLY B 93 19.87 30.21 -47.35
N ILE B 94 21.02 29.57 -47.06
CA ILE B 94 22.21 29.56 -47.86
C ILE B 94 21.97 28.79 -49.14
N GLY B 95 21.32 27.68 -49.11
CA GLY B 95 21.13 26.79 -50.19
C GLY B 95 22.38 25.97 -50.46
N MET B 96 22.27 25.07 -51.44
CA MET B 96 23.32 24.14 -51.87
C MET B 96 23.57 24.23 -53.39
N THR B 97 24.83 24.06 -53.83
CA THR B 97 25.25 23.94 -55.18
C THR B 97 25.12 22.49 -55.64
N LYS B 98 25.42 22.23 -56.92
CA LYS B 98 25.35 20.88 -57.52
C LYS B 98 26.21 19.91 -56.73
N ALA B 99 27.44 20.30 -56.47
CA ALA B 99 28.40 19.50 -55.77
C ALA B 99 27.88 19.18 -54.38
N ASP B 100 27.40 20.13 -53.64
CA ASP B 100 26.84 19.97 -52.33
C ASP B 100 25.60 19.11 -52.40
N LEU B 101 24.74 19.29 -53.39
CA LEU B 101 23.51 18.53 -53.56
C LEU B 101 23.81 17.06 -53.82
N ILE B 102 24.89 16.75 -54.54
CA ILE B 102 25.36 15.39 -54.80
C ILE B 102 25.96 14.77 -53.55
N ASN B 103 26.78 15.52 -52.81
CA ASN B 103 27.48 15.01 -51.65
C ASN B 103 26.59 14.93 -50.41
N ASN B 104 25.87 15.99 -50.04
CA ASN B 104 25.13 16.05 -48.79
C ASN B 104 23.86 15.19 -48.80
N LEU B 105 23.13 15.10 -49.91
CA LEU B 105 21.86 14.34 -49.99
C LEU B 105 22.04 12.94 -50.62
N GLY B 106 23.20 12.61 -51.17
CA GLY B 106 23.56 11.42 -51.86
C GLY B 106 24.30 10.40 -51.03
N THR B 107 24.79 10.75 -49.86
CA THR B 107 25.57 9.84 -49.04
C THR B 107 24.97 9.70 -47.65
N ILE B 108 24.70 8.46 -47.23
CA ILE B 108 23.71 8.19 -46.19
C ILE B 108 24.05 8.80 -44.84
N ALA B 109 25.32 8.89 -44.46
CA ALA B 109 25.71 9.37 -43.14
C ALA B 109 26.37 10.75 -43.08
N LYS B 110 26.76 11.39 -44.20
CA LYS B 110 27.48 12.68 -44.15
C LYS B 110 26.59 13.84 -43.73
N SER B 111 26.99 14.57 -42.71
CA SER B 111 26.37 15.80 -42.24
C SER B 111 27.19 16.99 -42.71
N GLY B 112 26.78 17.58 -43.81
CA GLY B 112 27.45 18.75 -44.40
C GLY B 112 27.55 19.92 -43.42
N THR B 113 26.59 20.03 -42.50
CA THR B 113 26.68 20.95 -41.37
C THR B 113 27.89 20.69 -40.48
N LYS B 114 28.15 19.48 -39.98
CA LYS B 114 29.29 19.22 -39.08
C LYS B 114 30.61 19.61 -39.71
N ALA B 115 30.80 19.21 -40.95
CA ALA B 115 31.98 19.57 -41.73
C ALA B 115 32.13 21.08 -42.01
N PHE B 116 31.04 21.85 -42.15
CA PHE B 116 31.15 23.32 -42.13
C PHE B 116 31.55 23.86 -40.76
N MET B 117 30.95 23.37 -39.68
CA MET B 117 31.14 23.91 -38.33
C MET B 117 32.58 23.75 -37.80
N GLU B 118 33.27 22.68 -38.18
CA GLU B 118 34.69 22.45 -37.86
C GLU B 118 35.66 23.25 -38.75
N ALA B 119 35.21 23.85 -39.85
CA ALA B 119 36.02 24.75 -40.67
C ALA B 119 36.04 26.21 -40.15
N LEU B 120 35.13 26.58 -39.26
CA LEU B 120 35.05 27.92 -38.69
C LEU B 120 36.22 28.26 -37.76
N GLN B 121 36.34 29.55 -37.45
CA GLN B 121 37.28 30.05 -36.46
C GLN B 121 36.96 29.49 -35.06
N ALA B 122 37.97 29.36 -34.21
CA ALA B 122 37.79 28.99 -32.81
C ALA B 122 36.84 29.96 -32.07
N GLY B 123 35.82 29.42 -31.42
CA GLY B 123 34.84 30.17 -30.62
C GLY B 123 33.97 31.16 -31.39
N ALA B 124 33.53 30.81 -32.61
CA ALA B 124 32.53 31.58 -33.35
C ALA B 124 31.13 31.41 -32.70
N ASP B 125 30.32 32.46 -32.70
CA ASP B 125 29.02 32.47 -32.01
C ASP B 125 27.84 31.99 -32.89
N ILE B 126 27.91 30.75 -33.36
CA ILE B 126 26.76 29.95 -33.79
C ILE B 126 26.83 28.54 -33.19
N SER B 127 25.67 27.96 -32.91
CA SER B 127 25.46 26.54 -32.65
C SER B 127 24.25 26.05 -33.43
N MET B 128 24.38 24.90 -34.10
CA MET B 128 23.42 24.25 -34.93
C MET B 128 23.21 22.81 -34.48
N ILE B 129 22.15 22.23 -35.05
CA ILE B 129 21.60 20.93 -34.71
C ILE B 129 22.27 19.80 -35.50
N GLY B 130 23.02 20.13 -36.54
CA GLY B 130 23.87 19.20 -37.26
C GLY B 130 24.92 18.42 -36.45
N GLN B 131 24.79 17.10 -36.40
CA GLN B 131 25.87 16.12 -36.19
C GLN B 131 25.69 14.82 -37.00
N PHE B 132 24.54 14.13 -36.91
CA PHE B 132 24.42 12.74 -37.35
C PHE B 132 24.47 12.58 -38.86
N GLY B 133 23.65 13.31 -39.63
CA GLY B 133 23.65 13.27 -41.09
C GLY B 133 22.59 12.40 -41.75
N VAL B 134 21.68 11.79 -40.98
CA VAL B 134 20.63 10.88 -41.48
C VAL B 134 19.22 11.49 -41.48
N GLY B 135 19.00 12.67 -40.91
CA GLY B 135 17.67 13.18 -40.58
C GLY B 135 16.80 13.47 -41.79
N PHE B 136 17.38 13.90 -42.91
CA PHE B 136 16.58 14.23 -44.08
C PHE B 136 15.79 13.04 -44.60
N TYR B 137 16.36 11.84 -44.57
CA TYR B 137 15.70 10.61 -45.04
C TYR B 137 14.46 10.25 -44.21
N SER B 138 14.22 10.90 -43.07
CA SER B 138 12.96 10.77 -42.35
C SER B 138 11.76 11.30 -43.13
N ALA B 139 11.93 12.14 -44.16
CA ALA B 139 10.83 12.55 -45.02
C ALA B 139 10.10 11.35 -45.63
N TYR B 140 10.80 10.27 -45.96
CA TYR B 140 10.23 9.05 -46.50
C TYR B 140 9.45 8.20 -45.49
N LEU B 141 9.31 8.61 -44.23
CA LEU B 141 8.26 8.12 -43.34
C LEU B 141 6.87 8.51 -43.86
N VAL B 142 6.77 9.64 -44.55
CA VAL B 142 5.52 10.32 -44.88
C VAL B 142 5.31 10.47 -46.38
N ALA B 143 6.37 10.79 -47.14
CA ALA B 143 6.29 10.96 -48.58
C ALA B 143 6.56 9.66 -49.34
N GLU B 144 5.97 9.51 -50.55
CA GLU B 144 6.34 8.48 -51.53
C GLU B 144 7.43 8.95 -52.50
N LYS B 145 7.54 10.26 -52.73
CA LYS B 145 8.51 10.92 -53.60
C LYS B 145 8.84 12.27 -52.99
N VAL B 146 10.09 12.69 -53.11
CA VAL B 146 10.58 13.96 -52.57
C VAL B 146 11.30 14.73 -53.66
N VAL B 147 11.09 16.03 -53.72
CA VAL B 147 11.75 16.93 -54.66
C VAL B 147 12.30 18.12 -53.90
N VAL B 148 13.50 18.56 -54.22
CA VAL B 148 14.22 19.64 -53.62
C VAL B 148 14.71 20.60 -54.70
N ILE B 149 14.19 21.80 -54.74
CA ILE B 149 14.71 22.86 -55.60
C ILE B 149 15.55 23.73 -54.70
N THR B 150 16.79 23.95 -55.11
CA THR B 150 17.76 24.79 -54.44
C THR B 150 18.41 25.73 -55.40
N LYS B 151 18.77 26.91 -54.90
CA LYS B 151 19.65 27.82 -55.55
C LYS B 151 20.59 28.45 -54.54
N HIS B 152 21.85 28.23 -54.63
CA HIS B 152 22.89 28.72 -53.80
C HIS B 152 23.62 29.86 -54.50
N ASN B 153 24.06 30.84 -53.80
CA ASN B 153 24.85 31.92 -54.28
C ASN B 153 26.10 31.32 -54.90
N ASP B 154 26.63 31.96 -55.95
CA ASP B 154 27.76 31.44 -56.69
C ASP B 154 27.50 30.22 -57.55
N ASP B 155 26.25 29.86 -57.86
CA ASP B 155 25.81 28.85 -58.74
C ASP B 155 24.42 29.04 -59.27
N GLU B 156 23.99 28.19 -60.16
CA GLU B 156 22.71 28.16 -60.77
C GLU B 156 21.77 27.17 -60.06
N GLN B 157 20.51 27.27 -60.27
CA GLN B 157 19.48 26.50 -59.66
C GLN B 157 19.39 25.12 -60.29
N TYR B 158 19.25 24.10 -59.52
CA TYR B 158 19.10 22.70 -59.74
C TYR B 158 17.91 22.12 -58.99
N ALA B 159 17.34 21.04 -59.49
CA ALA B 159 16.29 20.27 -58.90
C ALA B 159 16.76 18.87 -58.55
N TRP B 160 16.48 18.35 -57.37
CA TRP B 160 16.90 17.00 -56.93
C TRP B 160 15.65 16.19 -56.65
N GLU B 161 15.56 14.97 -57.16
CA GLU B 161 14.34 14.16 -57.08
C GLU B 161 14.67 12.72 -56.74
N SER B 162 13.92 12.12 -55.81
CA SER B 162 14.01 10.68 -55.53
C SER B 162 12.79 10.10 -54.86
N SER B 163 12.55 8.82 -55.07
CA SER B 163 11.54 7.99 -54.42
C SER B 163 12.14 7.02 -53.38
N ALA B 164 13.34 7.33 -52.85
CA ALA B 164 14.07 6.50 -51.88
C ALA B 164 14.36 5.07 -52.36
N GLY B 165 14.44 4.90 -53.68
CA GLY B 165 14.56 3.70 -54.42
C GLY B 165 15.97 3.27 -54.72
N GLY B 166 16.97 3.78 -54.08
CA GLY B 166 18.34 3.49 -54.26
C GLY B 166 19.06 4.37 -55.26
N SER B 167 18.42 5.26 -55.95
CA SER B 167 18.98 6.15 -56.91
C SER B 167 18.19 7.45 -57.00
N PHE B 168 18.81 8.53 -57.34
CA PHE B 168 18.27 9.84 -57.47
C PHE B 168 18.83 10.55 -58.69
N THR B 169 18.22 11.59 -59.13
CA THR B 169 18.54 12.36 -60.29
C THR B 169 18.66 13.84 -59.96
N VAL B 170 19.55 14.53 -60.57
CA VAL B 170 19.82 15.94 -60.45
C VAL B 170 19.71 16.60 -61.82
N ARG B 171 18.87 17.62 -61.90
CA ARG B 171 18.40 18.28 -63.13
C ARG B 171 18.48 19.81 -62.95
N ALA B 172 19.06 20.55 -63.88
CA ALA B 172 18.96 21.99 -63.87
C ALA B 172 17.51 22.42 -64.05
N ASP B 173 16.96 23.21 -63.13
CA ASP B 173 15.62 23.66 -63.10
C ASP B 173 15.48 24.98 -63.86
N HIS B 174 14.36 25.22 -64.46
CA HIS B 174 14.01 26.37 -65.23
C HIS B 174 12.66 26.98 -64.86
N GLY B 175 12.16 26.70 -63.66
CA GLY B 175 10.90 27.22 -63.14
C GLY B 175 11.01 28.69 -62.73
N GLU B 176 10.08 29.13 -61.87
CA GLU B 176 10.09 30.49 -61.33
C GLU B 176 11.40 30.80 -60.57
N PRO B 177 11.93 32.02 -60.66
CA PRO B 177 13.12 32.40 -59.93
C PRO B 177 12.87 32.40 -58.42
N ILE B 178 13.76 31.76 -57.66
CA ILE B 178 13.75 31.68 -56.18
C ILE B 178 14.64 32.76 -55.53
N GLY B 179 15.68 33.21 -56.22
CA GLY B 179 16.64 34.19 -55.69
C GLY B 179 17.67 33.57 -54.76
N ARG B 180 17.24 32.95 -53.66
CA ARG B 180 18.08 32.15 -52.74
C ARG B 180 17.18 31.34 -51.82
N GLY B 181 17.54 30.10 -51.49
CA GLY B 181 16.72 29.22 -50.64
C GLY B 181 16.59 27.79 -51.14
N THR B 182 15.73 27.02 -50.48
CA THR B 182 15.41 25.64 -50.76
C THR B 182 13.92 25.41 -50.73
N LYS B 183 13.33 24.61 -51.59
CA LYS B 183 11.96 24.11 -51.51
C LYS B 183 11.99 22.61 -51.39
N VAL B 184 11.38 22.01 -50.37
CA VAL B 184 11.21 20.63 -50.10
C VAL B 184 9.75 20.28 -50.36
N ILE B 185 9.45 19.62 -51.42
CA ILE B 185 8.15 19.19 -51.85
C ILE B 185 8.00 17.70 -51.58
N LEU B 186 7.15 17.38 -50.62
CA LEU B 186 6.84 15.99 -50.33
C LEU B 186 5.61 15.67 -51.12
N HIS B 187 5.60 14.53 -51.78
CA HIS B 187 4.37 13.96 -52.31
C HIS B 187 3.89 12.89 -51.33
N LEU B 188 2.72 13.04 -50.73
CA LEU B 188 2.33 12.21 -49.59
C LEU B 188 1.76 10.85 -49.98
N LYS B 189 2.02 9.84 -49.14
CA LYS B 189 1.24 8.59 -49.13
C LYS B 189 -0.19 8.86 -48.68
N GLU B 190 -1.18 8.13 -49.22
CA GLU B 190 -2.60 8.28 -48.88
C GLU B 190 -2.84 8.09 -47.38
N ASP B 191 -2.15 7.13 -46.77
CA ASP B 191 -2.16 6.84 -45.33
C ASP B 191 -1.79 8.05 -44.45
N GLN B 192 -1.18 9.09 -45.02
CA GLN B 192 -0.59 10.23 -44.31
C GLN B 192 -1.25 11.56 -44.68
N THR B 193 -2.44 11.53 -45.29
CA THR B 193 -3.13 12.73 -45.77
C THR B 193 -3.34 13.79 -44.68
N GLU B 194 -3.46 13.42 -43.41
CA GLU B 194 -3.77 14.36 -42.32
C GLU B 194 -2.70 15.42 -42.07
N TYR B 195 -1.46 15.23 -42.52
CA TYR B 195 -0.42 16.25 -42.38
C TYR B 195 -0.66 17.48 -43.26
N LEU B 196 -1.62 17.44 -44.18
CA LEU B 196 -2.07 18.61 -44.92
C LEU B 196 -2.94 19.56 -44.10
N GLU B 197 -3.48 19.12 -42.96
CA GLU B 197 -4.51 19.86 -42.23
C GLU B 197 -3.93 20.88 -41.25
N GLU B 198 -4.58 22.04 -41.14
CA GLU B 198 -4.16 23.14 -40.26
C GLU B 198 -3.90 22.68 -38.82
N ARG B 199 -4.80 21.85 -38.27
CA ARG B 199 -4.75 21.41 -36.89
C ARG B 199 -3.51 20.57 -36.57
N ARG B 200 -3.13 19.63 -37.44
CA ARG B 200 -1.92 18.82 -37.20
C ARG B 200 -0.63 19.56 -37.47
N VAL B 201 -0.56 20.47 -38.43
CA VAL B 201 0.63 21.33 -38.53
C VAL B 201 0.77 22.20 -37.29
N LYS B 202 -0.32 22.81 -36.80
CA LYS B 202 -0.33 23.56 -35.53
C LYS B 202 0.17 22.72 -34.36
N GLU B 203 -0.40 21.55 -34.13
CA GLU B 203 -0.01 20.67 -33.03
C GLU B 203 1.49 20.35 -33.03
N VAL B 204 2.04 19.96 -34.18
CA VAL B 204 3.44 19.53 -34.28
C VAL B 204 4.42 20.67 -34.07
N VAL B 205 4.22 21.82 -34.71
CA VAL B 205 5.11 22.98 -34.61
C VAL B 205 5.08 23.56 -33.21
N LYS B 206 3.90 23.61 -32.56
CA LYS B 206 3.77 24.00 -31.16
C LYS B 206 4.52 23.04 -30.24
N LYS B 207 4.40 21.73 -30.46
CA LYS B 207 5.03 20.71 -29.61
C LYS B 207 6.55 20.79 -29.69
N HIS B 208 7.09 20.65 -30.90
CA HIS B 208 8.52 20.42 -31.17
C HIS B 208 9.36 21.67 -31.43
N SER B 209 8.79 22.70 -32.04
CA SER B 209 9.56 23.71 -32.79
C SER B 209 9.20 25.16 -32.47
N GLN B 210 8.41 25.43 -31.44
CA GLN B 210 7.91 26.77 -31.16
C GLN B 210 8.99 27.79 -30.75
N PHE B 211 10.22 27.36 -30.50
CA PHE B 211 11.35 28.20 -30.10
C PHE B 211 12.46 28.32 -31.14
N ILE B 212 12.24 27.93 -32.38
CA ILE B 212 13.13 28.29 -33.48
C ILE B 212 13.11 29.82 -33.61
N GLY B 213 14.28 30.45 -33.76
CA GLY B 213 14.44 31.87 -33.80
C GLY B 213 13.68 32.49 -34.96
N TYR B 214 13.77 31.99 -36.12
CA TYR B 214 13.24 32.55 -37.32
C TYR B 214 11.74 32.28 -37.42
N PRO B 215 10.98 33.22 -37.96
CA PRO B 215 9.52 33.05 -38.00
C PRO B 215 9.11 31.87 -38.87
N ILE B 216 8.07 31.19 -38.51
CA ILE B 216 7.46 30.09 -39.17
C ILE B 216 6.07 30.50 -39.63
N THR B 217 5.74 30.35 -40.90
CA THR B 217 4.58 30.96 -41.56
C THR B 217 3.77 29.87 -42.26
N LEU B 218 2.45 29.93 -42.31
CA LEU B 218 1.63 28.93 -43.00
C LEU B 218 0.74 29.61 -44.03
N TYR B 219 0.37 28.93 -45.11
CA TYR B 219 -0.49 29.47 -46.16
C TYR B 219 -1.67 28.55 -46.44
N LEU B 220 -2.86 29.14 -46.47
CA LEU B 220 -4.14 28.48 -46.68
C LEU B 220 -5.12 29.38 -47.44
N GLU B 221 -6.31 28.86 -47.77
CA GLU B 221 -7.43 29.71 -48.16
C GLU B 221 -8.40 30.14 -47.04
N LYS B 222 -8.99 31.32 -47.26
CA LYS B 222 -10.21 31.91 -46.67
C LYS B 222 -11.48 31.19 -47.18
N GLU B 223 -12.60 31.43 -46.51
CA GLU B 223 -14.00 31.02 -46.83
C GLU B 223 -14.14 29.66 -47.54
N LYS B 276 -13.38 39.13 -49.75
CA LYS B 276 -14.22 38.17 -49.00
C LYS B 276 -13.75 36.71 -49.16
N GLU B 277 -13.82 36.14 -50.35
CA GLU B 277 -13.86 34.67 -50.53
C GLU B 277 -12.50 33.93 -50.53
N LYS B 278 -11.44 34.62 -51.00
CA LYS B 278 -10.30 33.94 -51.63
C LYS B 278 -9.25 33.43 -50.64
N TYR B 279 -8.59 34.30 -49.88
CA TYR B 279 -7.22 33.98 -49.43
C TYR B 279 -6.80 34.52 -48.07
N ILE B 280 -5.88 33.78 -47.43
CA ILE B 280 -5.09 34.19 -46.27
C ILE B 280 -3.64 33.70 -46.38
N ASP B 281 -2.82 34.30 -45.56
CA ASP B 281 -1.56 33.80 -45.08
C ASP B 281 -1.60 33.98 -43.56
N GLN B 282 -0.87 33.12 -42.84
CA GLN B 282 -0.80 33.06 -41.38
C GLN B 282 0.65 33.07 -40.94
N GLU B 283 0.93 33.72 -39.83
CA GLU B 283 2.29 33.97 -39.33
C GLU B 283 2.44 33.35 -37.94
N GLU B 284 3.59 33.56 -37.32
CA GLU B 284 3.73 33.48 -35.86
C GLU B 284 3.26 32.14 -35.26
N LEU B 285 3.42 31.01 -35.96
CA LEU B 285 3.28 29.71 -35.31
C LEU B 285 4.24 29.58 -34.12
N ASN B 286 5.34 30.34 -34.14
CA ASN B 286 6.29 30.58 -33.08
C ASN B 286 6.33 32.07 -32.67
N LYS B 287 5.24 32.59 -32.08
CA LYS B 287 5.18 33.98 -31.55
C LYS B 287 6.16 34.20 -30.39
N THR B 288 6.17 33.30 -29.41
CA THR B 288 6.84 33.38 -28.15
C THR B 288 8.33 33.17 -28.32
N LYS B 289 9.13 34.06 -27.72
CA LYS B 289 10.59 34.01 -27.75
C LYS B 289 11.14 33.13 -26.61
N PRO B 290 12.27 32.44 -26.76
CA PRO B 290 12.85 31.60 -25.74
C PRO B 290 13.58 32.47 -24.72
N ILE B 291 12.86 33.23 -23.90
CA ILE B 291 13.46 34.29 -23.07
C ILE B 291 14.52 33.80 -22.10
N TRP B 292 14.65 32.52 -21.76
CA TRP B 292 15.74 32.04 -20.91
C TRP B 292 17.14 32.21 -21.53
N THR B 293 17.25 32.50 -22.83
CA THR B 293 18.52 32.88 -23.47
C THR B 293 19.00 34.27 -23.03
N ARG B 294 18.07 35.22 -22.78
CA ARG B 294 18.35 36.59 -22.32
C ARG B 294 18.87 36.61 -20.89
N ASN B 295 19.64 37.63 -20.55
CA ASN B 295 20.17 37.81 -19.19
C ASN B 295 19.07 38.20 -18.18
N PRO B 296 19.02 37.63 -16.96
CA PRO B 296 17.95 37.90 -16.00
C PRO B 296 17.85 39.36 -15.53
N ASP B 297 18.88 40.18 -15.67
CA ASP B 297 18.80 41.62 -15.38
C ASP B 297 17.98 42.38 -16.45
N ASP B 298 17.89 41.85 -17.66
CA ASP B 298 17.30 42.52 -18.83
C ASP B 298 15.87 42.05 -19.14
N ILE B 299 15.22 41.34 -18.23
CA ILE B 299 13.87 40.78 -18.38
C ILE B 299 12.94 41.38 -17.32
N THR B 300 11.80 41.96 -17.71
CA THR B 300 10.86 42.53 -16.73
C THR B 300 9.95 41.47 -16.12
N GLN B 301 9.43 41.74 -14.92
CA GLN B 301 8.48 40.83 -14.27
C GLN B 301 7.17 40.67 -15.05
N GLU B 302 6.83 41.63 -15.91
CA GLU B 302 5.69 41.51 -16.82
C GLU B 302 5.96 40.48 -17.93
N GLU B 303 7.13 40.56 -18.57
CA GLU B 303 7.55 39.70 -19.69
C GLU B 303 7.74 38.24 -19.29
N TYR B 304 8.26 37.98 -18.10
CA TYR B 304 8.24 36.62 -17.53
C TYR B 304 6.80 36.11 -17.43
N GLY B 305 5.87 36.90 -16.90
CA GLY B 305 4.47 36.48 -16.80
C GLY B 305 3.84 36.21 -18.16
N GLU B 306 4.14 37.04 -19.16
CA GLU B 306 3.66 36.84 -20.53
C GLU B 306 4.16 35.54 -21.14
N PHE B 307 5.43 35.17 -20.91
CA PHE B 307 5.97 33.88 -21.33
C PHE B 307 5.20 32.73 -20.68
N TYR B 308 5.07 32.78 -19.35
CA TYR B 308 4.48 31.73 -18.54
C TYR B 308 3.07 31.34 -18.95
N LYS B 309 2.22 32.33 -19.24
CA LYS B 309 0.88 32.14 -19.71
C LYS B 309 0.90 31.18 -20.90
N SER B 310 1.65 31.43 -21.92
CA SER B 310 1.72 30.67 -23.12
C SER B 310 2.36 29.31 -22.87
N LEU B 311 3.38 29.21 -22.06
CA LEU B 311 4.11 28.00 -21.81
C LEU B 311 3.18 26.95 -21.22
N THR B 312 2.38 27.39 -20.26
CA THR B 312 1.45 26.56 -19.52
C THR B 312 0.04 26.60 -20.04
N ASN B 313 -0.31 27.49 -20.98
CA ASN B 313 -1.68 27.75 -21.42
C ASN B 313 -2.62 28.19 -20.26
N ASP B 314 -2.09 28.92 -19.28
CA ASP B 314 -2.86 29.47 -18.15
C ASP B 314 -3.46 30.85 -18.44
N TRP B 315 -4.47 31.22 -17.63
CA TRP B 315 -5.26 32.46 -17.64
C TRP B 315 -4.76 33.55 -16.71
N GLU B 316 -3.80 33.22 -15.86
CA GLU B 316 -3.38 33.99 -14.69
C GLU B 316 -1.84 33.94 -14.55
N ASP B 317 -1.23 34.96 -13.94
CA ASP B 317 0.21 35.07 -13.78
C ASP B 317 0.80 34.12 -12.71
N HIS B 318 2.12 33.92 -12.74
CA HIS B 318 2.89 33.16 -11.77
C HIS B 318 2.95 33.85 -10.40
N LEU B 319 3.24 33.12 -9.33
CA LEU B 319 3.51 33.72 -8.02
C LEU B 319 4.98 34.10 -7.85
N ALA B 320 5.90 33.29 -8.36
CA ALA B 320 7.34 33.52 -8.22
C ALA B 320 8.08 32.71 -9.26
N VAL B 321 9.29 33.15 -9.60
CA VAL B 321 10.11 32.64 -10.70
C VAL B 321 11.58 32.63 -10.33
N LYS B 322 12.32 31.62 -10.81
CA LYS B 322 13.75 31.45 -10.61
C LYS B 322 14.40 31.23 -11.97
N HIS B 323 15.47 31.95 -12.24
CA HIS B 323 16.26 31.87 -13.48
C HIS B 323 17.71 31.63 -13.09
N PHE B 324 18.32 30.53 -13.51
CA PHE B 324 19.69 30.15 -13.17
C PHE B 324 20.42 29.50 -14.33
N SER B 325 21.71 29.31 -14.20
CA SER B 325 22.50 28.56 -15.17
C SER B 325 23.63 27.81 -14.50
N VAL B 326 24.13 26.79 -15.18
CA VAL B 326 25.28 26.00 -14.76
C VAL B 326 26.27 25.91 -15.90
N GLU B 327 27.53 25.88 -15.56
CA GLU B 327 28.68 25.99 -16.43
C GLU B 327 29.71 24.93 -16.05
N GLY B 328 30.64 24.60 -16.94
CA GLY B 328 31.51 23.42 -16.82
C GLY B 328 31.09 22.29 -17.77
N GLN B 329 31.27 21.03 -17.38
CA GLN B 329 30.98 19.88 -18.24
C GLN B 329 29.50 19.77 -18.59
N LEU B 330 28.59 19.94 -17.61
CA LEU B 330 27.15 19.98 -17.82
C LEU B 330 26.68 21.44 -17.85
N GLU B 331 26.49 21.99 -19.03
CA GLU B 331 26.10 23.39 -19.21
C GLU B 331 24.60 23.51 -19.48
N PHE B 332 23.83 24.24 -18.68
CA PHE B 332 22.41 24.54 -18.99
C PHE B 332 21.88 25.87 -18.44
N ARG B 333 20.88 26.45 -19.09
CA ARG B 333 19.98 27.52 -18.60
C ARG B 333 18.70 26.91 -18.07
N ALA B 334 17.97 27.57 -17.16
CA ALA B 334 16.68 27.03 -16.68
C ALA B 334 15.67 28.11 -16.29
N LEU B 335 14.35 27.83 -16.31
CA LEU B 335 13.35 28.75 -15.75
C LEU B 335 12.37 27.90 -14.99
N LEU B 336 11.99 28.32 -13.79
CA LEU B 336 11.12 27.70 -12.85
C LEU B 336 10.01 28.64 -12.42
N PHE B 337 8.80 28.23 -12.47
CA PHE B 337 7.61 28.95 -12.12
C PHE B 337 6.85 28.23 -11.01
N ILE B 338 6.28 28.93 -10.11
CA ILE B 338 5.43 28.47 -9.03
C ILE B 338 4.00 28.93 -9.34
N PRO B 339 3.12 28.07 -9.87
CA PRO B 339 1.76 28.48 -10.18
C PRO B 339 1.07 29.04 -8.94
N ARG B 340 0.22 30.04 -9.16
CA ARG B 340 -0.43 30.85 -8.13
C ARG B 340 -1.52 30.11 -7.35
N ARG B 341 -2.19 29.15 -7.99
CA ARG B 341 -3.25 28.28 -7.43
C ARG B 341 -3.01 26.87 -7.92
N ALA B 342 -3.13 25.84 -7.08
CA ALA B 342 -2.93 24.47 -7.55
C ALA B 342 -3.93 24.11 -8.66
N PRO B 343 -3.54 23.37 -9.71
CA PRO B 343 -4.46 22.90 -10.72
C PRO B 343 -5.42 21.86 -10.15
N PHE B 344 -6.63 21.75 -10.68
CA PHE B 344 -7.63 20.80 -10.19
C PHE B 344 -7.09 19.37 -10.13
N ASP B 345 -6.28 18.95 -11.11
CA ASP B 345 -5.77 17.58 -11.18
C ASP B 345 -4.49 17.31 -10.36
N LEU B 346 -4.01 18.22 -9.51
CA LEU B 346 -2.64 18.11 -8.96
C LEU B 346 -2.33 16.81 -8.21
N PHE B 347 -3.26 16.38 -7.34
CA PHE B 347 -3.11 15.15 -6.55
C PHE B 347 -3.16 13.88 -7.41
N GLU B 348 -3.78 13.94 -8.60
CA GLU B 348 -4.06 12.82 -9.52
C GLU B 348 -2.84 12.35 -10.33
N ASN B 349 -2.97 11.16 -10.94
CA ASN B 349 -1.90 10.34 -11.49
C ASN B 349 -2.08 10.00 -13.00
N LYS B 350 -2.55 10.95 -13.81
CA LYS B 350 -2.72 10.82 -15.28
C LYS B 350 -1.43 10.59 -16.09
N LYS B 351 -0.28 10.67 -15.42
CA LYS B 351 1.11 10.34 -15.86
C LYS B 351 1.64 11.06 -17.11
N LYS B 352 1.15 12.28 -17.38
CA LYS B 352 1.67 13.15 -18.45
C LYS B 352 3.05 13.71 -18.12
N LYS B 353 3.29 14.06 -16.85
CA LYS B 353 4.59 14.52 -16.31
C LYS B 353 5.23 15.62 -17.19
N ASN B 354 4.43 16.54 -17.71
CA ASN B 354 4.75 17.48 -18.73
C ASN B 354 5.11 18.85 -18.18
N ASN B 355 5.18 18.99 -16.86
CA ASN B 355 5.43 20.23 -16.18
C ASN B 355 6.82 20.84 -16.47
N ILE B 356 7.85 20.00 -16.66
CA ILE B 356 9.20 20.27 -17.00
C ILE B 356 9.48 19.74 -18.41
N LYS B 357 10.05 20.51 -19.27
CA LYS B 357 10.41 20.24 -20.62
C LYS B 357 11.92 20.34 -20.79
N LEU B 358 12.55 19.40 -21.40
CA LEU B 358 13.95 19.35 -21.68
C LEU B 358 14.20 19.75 -23.14
N TYR B 359 15.00 20.78 -23.35
CA TYR B 359 15.40 21.23 -24.68
C TYR B 359 16.89 21.03 -24.84
N VAL B 360 17.33 20.61 -26.02
CA VAL B 360 18.73 20.71 -26.40
C VAL B 360 18.84 21.67 -27.54
N ARG B 361 19.65 22.71 -27.36
CA ARG B 361 19.93 23.68 -28.41
C ARG B 361 18.65 24.27 -29.02
N ARG B 362 17.66 24.55 -28.15
CA ARG B 362 16.30 25.07 -28.45
C ARG B 362 15.38 24.18 -29.30
N VAL B 363 15.68 22.89 -29.42
CA VAL B 363 14.78 21.86 -29.95
C VAL B 363 14.31 20.94 -28.84
N PHE B 364 13.03 20.60 -28.83
CA PHE B 364 12.41 19.81 -27.77
C PHE B 364 12.86 18.36 -27.78
N ILE B 365 13.36 17.83 -26.67
CA ILE B 365 13.78 16.44 -26.55
C ILE B 365 12.71 15.58 -25.89
N MET B 366 12.29 15.89 -24.68
CA MET B 366 11.33 15.09 -23.93
C MET B 366 10.56 15.89 -22.89
N ASP B 367 9.35 15.43 -22.54
CA ASP B 367 8.72 15.75 -21.25
C ASP B 367 9.51 15.09 -20.11
N SER B 368 9.34 15.56 -18.87
CA SER B 368 10.21 15.13 -17.76
C SER B 368 10.16 13.64 -17.40
N CYS B 369 9.02 12.99 -17.63
CA CYS B 369 8.79 11.58 -17.32
C CYS B 369 9.25 11.17 -15.90
N ASP B 370 9.03 12.05 -14.91
CA ASP B 370 9.35 11.85 -13.48
C ASP B 370 10.84 11.70 -13.11
N GLU B 371 11.76 12.00 -14.03
CA GLU B 371 13.20 11.92 -13.75
C GLU B 371 13.87 13.27 -13.49
N LEU B 372 13.36 14.38 -14.01
CA LEU B 372 13.96 15.71 -13.81
C LEU B 372 13.55 16.39 -12.50
N ILE B 373 12.40 16.05 -11.92
CA ILE B 373 11.87 16.65 -10.69
C ILE B 373 11.14 15.57 -9.87
N PRO B 374 11.24 15.49 -8.53
CA PRO B 374 10.53 14.50 -7.72
C PRO B 374 9.02 14.65 -7.78
N GLU B 375 8.28 13.58 -7.50
CA GLU B 375 6.82 13.50 -7.59
C GLU B 375 6.10 14.63 -6.85
N TYR B 376 6.53 14.96 -5.64
CA TYR B 376 5.92 15.92 -4.77
C TYR B 376 6.22 17.35 -5.18
N LEU B 377 7.22 17.62 -6.03
CA LEU B 377 7.57 18.95 -6.57
C LEU B 377 7.03 19.18 -7.98
N ASN B 378 6.08 18.39 -8.43
CA ASN B 378 5.59 18.35 -9.77
C ASN B 378 4.67 19.51 -10.09
N PHE B 379 4.39 20.41 -9.21
CA PHE B 379 3.62 21.60 -9.40
C PHE B 379 4.45 22.72 -10.02
N ILE B 380 5.69 22.54 -10.31
CA ILE B 380 6.62 23.46 -10.88
C ILE B 380 6.55 23.36 -12.39
N ARG B 381 6.38 24.51 -13.04
CA ARG B 381 6.42 24.64 -14.50
C ARG B 381 7.73 25.30 -14.86
N GLY B 382 8.44 24.81 -15.83
CA GLY B 382 9.67 25.35 -16.32
C GLY B 382 10.26 24.56 -17.45
N VAL B 383 11.39 25.05 -17.95
CA VAL B 383 12.13 24.42 -19.02
C VAL B 383 13.61 24.50 -18.70
N VAL B 384 14.33 23.46 -19.10
CA VAL B 384 15.77 23.31 -19.01
C VAL B 384 16.34 23.35 -20.41
N ASP B 385 17.33 24.19 -20.72
CA ASP B 385 17.95 24.21 -22.05
C ASP B 385 19.47 23.99 -21.93
N SER B 386 20.03 22.93 -22.52
CA SER B 386 21.48 22.73 -22.57
C SER B 386 22.00 22.69 -24.00
N GLU B 387 23.26 23.10 -24.21
CA GLU B 387 23.81 23.17 -25.56
C GLU B 387 24.28 21.82 -26.12
N ASP B 388 24.72 20.85 -25.33
CA ASP B 388 25.02 19.49 -25.84
C ASP B 388 24.86 18.39 -24.79
N LEU B 389 24.44 17.20 -25.23
CA LEU B 389 24.02 16.05 -24.50
C LEU B 389 24.06 14.81 -25.39
N PRO B 390 24.39 13.64 -24.84
CA PRO B 390 24.55 12.44 -25.63
C PRO B 390 23.18 11.94 -26.07
N LEU B 391 22.72 12.36 -27.23
CA LEU B 391 21.41 12.03 -27.77
C LEU B 391 21.39 10.67 -28.47
N ASN B 392 20.35 9.93 -28.42
CA ASN B 392 19.90 8.79 -29.07
C ASN B 392 19.75 9.12 -30.57
N ILE B 393 19.88 8.14 -31.47
CA ILE B 393 19.77 8.35 -32.91
C ILE B 393 18.47 9.02 -33.38
N SER B 394 17.32 8.77 -32.73
CA SER B 394 16.06 9.44 -33.09
C SER B 394 15.90 10.83 -32.49
N ARG B 395 16.83 11.27 -31.65
CA ARG B 395 16.85 12.55 -30.95
C ARG B 395 15.62 12.77 -30.05
N GLU B 396 15.12 11.69 -29.44
CA GLU B 396 14.00 11.68 -28.50
C GLU B 396 14.39 11.31 -27.07
N MET B 397 15.66 11.05 -26.80
CA MET B 397 16.11 10.34 -25.60
C MET B 397 17.60 10.61 -25.36
N LEU B 398 18.07 10.51 -24.11
CA LEU B 398 19.50 10.57 -23.81
C LEU B 398 20.10 9.16 -23.74
N GLN B 399 21.27 8.99 -24.34
CA GLN B 399 22.08 7.75 -24.37
C GLN B 399 22.71 7.44 -23.02
N GLN B 400 23.01 8.45 -22.22
CA GLN B 400 23.47 8.25 -20.85
C GLN B 400 22.41 8.73 -19.86
N SER B 401 21.64 7.81 -19.25
CA SER B 401 20.46 8.18 -18.48
C SER B 401 20.80 8.91 -17.17
N LYS B 402 21.94 8.61 -16.54
CA LYS B 402 22.32 9.22 -15.25
C LYS B 402 22.43 10.74 -15.30
N ILE B 403 22.65 11.35 -16.45
CA ILE B 403 22.77 12.81 -16.53
C ILE B 403 21.47 13.52 -16.16
N LEU B 404 20.31 12.89 -16.35
CA LEU B 404 19.03 13.41 -15.88
C LEU B 404 18.98 13.58 -14.35
N LYS B 405 19.63 12.69 -13.61
CA LYS B 405 19.70 12.72 -12.14
C LYS B 405 20.59 13.85 -11.66
N VAL B 406 21.71 14.07 -12.34
CA VAL B 406 22.60 15.19 -12.07
C VAL B 406 21.92 16.53 -12.37
N ILE B 407 21.02 16.60 -13.34
CA ILE B 407 20.12 17.74 -13.50
C ILE B 407 19.18 17.87 -12.30
N ARG B 408 18.49 16.81 -11.90
CA ARG B 408 17.52 16.85 -10.79
C ARG B 408 18.13 17.30 -9.46
N LYS B 409 19.36 16.92 -9.15
CA LYS B 409 20.03 17.40 -7.94
C LYS B 409 20.33 18.90 -7.94
N ASN B 410 20.50 19.53 -9.10
CA ASN B 410 20.60 20.99 -9.22
C ASN B 410 19.24 21.66 -9.07
N ILE B 411 18.23 21.17 -9.78
CA ILE B 411 16.88 21.73 -9.79
C ILE B 411 16.29 21.72 -8.39
N VAL B 412 16.29 20.56 -7.72
CA VAL B 412 15.67 20.35 -6.45
C VAL B 412 16.28 21.30 -5.44
N LYS B 413 17.62 21.40 -5.42
CA LYS B 413 18.36 22.24 -4.49
C LYS B 413 17.94 23.70 -4.58
N LYS B 414 17.80 24.25 -5.78
CA LYS B 414 17.55 25.62 -6.06
C LYS B 414 16.09 25.97 -5.83
N CYS B 415 15.12 25.17 -6.25
CA CYS B 415 13.74 25.53 -5.96
C CYS B 415 13.43 25.44 -4.44
N LEU B 416 14.24 24.75 -3.64
CA LEU B 416 14.22 24.83 -2.21
C LEU B 416 14.69 26.21 -1.77
N GLU B 417 15.80 26.70 -2.31
CA GLU B 417 16.26 28.04 -2.02
C GLU B 417 15.20 29.07 -2.36
N LEU B 418 14.42 28.87 -3.43
CA LEU B 418 13.39 29.74 -3.88
C LEU B 418 12.36 29.93 -2.79
N PHE B 419 11.94 28.91 -2.11
CA PHE B 419 10.96 28.93 -1.07
C PHE B 419 11.45 29.82 0.06
N SER B 420 12.67 29.70 0.50
CA SER B 420 13.22 30.43 1.58
C SER B 420 13.13 31.93 1.30
N GLU B 421 13.56 32.36 0.11
CA GLU B 421 13.41 33.75 -0.31
C GLU B 421 11.96 34.19 -0.33
N LEU B 422 11.08 33.32 -0.81
CA LEU B 422 9.65 33.48 -0.80
C LEU B 422 9.17 33.55 0.63
N ALA B 423 9.79 32.92 1.62
CA ALA B 423 9.42 32.95 3.03
C ALA B 423 9.82 34.25 3.74
N GLU B 424 10.60 35.13 3.14
CA GLU B 424 10.82 36.48 3.66
C GLU B 424 9.69 37.45 3.28
N ASP B 425 8.79 37.06 2.37
CA ASP B 425 7.65 37.87 1.94
C ASP B 425 6.33 37.31 2.50
N LYS B 426 6.04 37.61 3.78
CA LYS B 426 5.05 36.90 4.61
C LYS B 426 3.66 36.80 3.97
N GLU B 427 3.19 37.88 3.36
CA GLU B 427 1.89 37.95 2.70
C GLU B 427 1.84 37.09 1.43
N ASN B 428 2.94 36.96 0.68
CA ASN B 428 3.01 35.98 -0.40
C ASN B 428 3.25 34.58 0.14
N TYR B 429 4.01 34.43 1.21
CA TYR B 429 4.30 33.11 1.73
C TYR B 429 3.04 32.39 2.18
N LYS B 430 2.15 33.04 2.93
CA LYS B 430 0.91 32.39 3.37
C LYS B 430 0.00 31.98 2.20
N LYS B 431 0.05 32.74 1.11
CA LYS B 431 -0.68 32.50 -0.14
C LYS B 431 -0.11 31.32 -0.94
N PHE B 432 1.21 31.16 -0.94
CA PHE B 432 1.87 29.95 -1.40
C PHE B 432 1.49 28.78 -0.50
N TYR B 433 1.69 28.92 0.82
CA TYR B 433 1.61 27.80 1.74
C TYR B 433 0.21 27.22 1.78
N GLU B 434 -0.83 28.05 1.85
CA GLU B 434 -2.19 27.53 1.79
C GLU B 434 -2.46 26.78 0.47
N ALA B 435 -1.82 27.16 -0.62
CA ALA B 435 -2.03 26.50 -1.90
C ALA B 435 -1.28 25.17 -2.02
N PHE B 436 -0.11 24.99 -1.38
CA PHE B 436 0.77 23.83 -1.62
C PHE B 436 1.33 23.13 -0.36
N SER B 437 0.90 23.47 0.85
CA SER B 437 1.45 22.95 2.10
C SER B 437 1.61 21.43 2.17
N LYS B 438 0.62 20.65 1.73
CA LYS B 438 0.69 19.19 1.76
C LYS B 438 1.90 18.62 1.01
N ASN B 439 2.29 19.20 -0.09
CA ASN B 439 3.35 18.78 -0.96
C ASN B 439 4.68 18.87 -0.24
N LEU B 440 4.86 19.85 0.63
CA LEU B 440 6.01 19.91 1.50
C LEU B 440 6.02 18.71 2.42
N LYS B 441 4.90 18.49 3.11
CA LYS B 441 4.71 17.37 4.03
C LYS B 441 4.87 16.01 3.34
N LEU B 442 4.40 15.85 2.10
CA LEU B 442 4.53 14.65 1.32
C LEU B 442 6.00 14.35 1.07
N GLY B 443 6.84 15.31 0.94
CA GLY B 443 8.25 15.19 0.78
C GLY B 443 9.01 14.98 2.07
N ILE B 444 8.45 15.31 3.25
CA ILE B 444 9.05 14.92 4.54
C ILE B 444 9.01 13.41 4.66
N HIS B 445 7.91 12.81 4.22
CA HIS B 445 7.67 11.38 4.21
C HIS B 445 8.59 10.62 3.25
N GLU B 446 9.13 11.27 2.21
CA GLU B 446 9.86 10.60 1.12
C GLU B 446 11.28 11.10 0.84
N ASP B 447 11.59 12.36 1.07
CA ASP B 447 12.87 12.99 0.77
C ASP B 447 13.77 12.94 2.02
N SER B 448 14.53 11.86 2.20
CA SER B 448 15.26 11.57 3.39
C SER B 448 16.40 12.56 3.61
N THR B 449 16.88 13.26 2.64
CA THR B 449 17.98 14.16 2.70
C THR B 449 17.55 15.58 3.05
N ASN B 450 16.54 16.09 2.36
CA ASN B 450 16.15 17.49 2.44
C ASN B 450 15.15 17.78 3.55
N ARG B 451 14.70 16.76 4.31
CA ARG B 451 13.72 16.99 5.38
C ARG B 451 14.23 17.91 6.46
N ARG B 452 15.54 18.05 6.65
CA ARG B 452 16.07 19.12 7.52
C ARG B 452 15.61 20.48 7.01
N ARG B 453 15.87 20.79 5.74
CA ARG B 453 15.47 22.03 5.07
C ARG B 453 13.96 22.21 4.99
N LEU B 454 13.24 21.19 4.55
CA LEU B 454 11.78 21.24 4.41
C LEU B 454 11.07 21.50 5.75
N SER B 455 11.54 20.95 6.87
CA SER B 455 10.88 21.17 8.14
C SER B 455 10.84 22.64 8.55
N GLU B 456 11.85 23.43 8.19
CA GLU B 456 11.88 24.88 8.44
C GLU B 456 10.82 25.66 7.64
N LEU B 457 10.28 25.10 6.57
CA LEU B 457 9.21 25.67 5.75
C LEU B 457 7.82 25.40 6.32
N LEU B 458 7.66 24.50 7.29
CA LEU B 458 6.34 24.18 7.86
C LEU B 458 5.79 25.33 8.72
N ARG B 459 4.47 25.47 8.78
CA ARG B 459 3.76 26.33 9.72
C ARG B 459 2.47 25.67 10.17
N TYR B 460 2.06 25.96 11.40
CA TYR B 460 0.88 25.37 12.04
C TYR B 460 0.14 26.36 12.93
N HIS B 461 -1.14 26.12 13.22
CA HIS B 461 -1.84 26.75 14.35
C HIS B 461 -1.38 26.17 15.70
N THR B 462 -1.55 26.94 16.77
CA THR B 462 -1.19 26.55 18.14
C THR B 462 -2.07 27.28 19.17
N SER B 463 -2.05 26.87 20.44
CA SER B 463 -2.78 27.42 21.55
C SER B 463 -2.48 28.90 21.69
N GLN B 464 -1.23 29.32 21.44
CA GLN B 464 -0.80 30.71 21.28
C GLN B 464 -1.06 31.15 19.83
N SER B 465 -1.49 32.40 19.63
CA SER B 465 -1.83 32.98 18.32
C SER B 465 -2.76 32.11 17.46
N GLY B 466 -3.91 31.73 18.00
CA GLY B 466 -4.82 30.75 17.36
C GLY B 466 -5.43 31.17 16.01
N ASP B 467 -5.21 32.39 15.56
CA ASP B 467 -5.72 33.01 14.37
C ASP B 467 -4.78 32.89 13.18
N GLU B 468 -3.48 32.70 13.39
CA GLU B 468 -2.47 32.70 12.34
C GLU B 468 -1.39 31.68 12.68
N MET B 469 -0.92 30.98 11.66
CA MET B 469 0.07 29.93 11.80
C MET B 469 1.43 30.51 12.17
N THR B 470 2.23 29.70 12.86
CA THR B 470 3.58 30.01 13.30
C THR B 470 4.54 28.91 12.89
N SER B 471 5.77 29.29 12.62
CA SER B 471 6.83 28.42 12.22
C SER B 471 7.26 27.55 13.38
N LEU B 472 7.84 26.39 13.09
CA LEU B 472 8.25 25.44 14.12
C LEU B 472 9.46 25.93 14.92
N SER B 473 10.33 26.75 14.31
CA SER B 473 11.42 27.45 15.00
C SER B 473 10.94 28.50 16.01
N GLU B 474 9.87 29.22 15.73
CA GLU B 474 9.26 30.22 16.56
C GLU B 474 8.77 29.57 17.85
N TYR B 475 8.21 28.36 17.76
CA TYR B 475 7.81 27.61 18.95
C TYR B 475 9.00 27.47 19.89
N VAL B 476 10.17 27.11 19.37
CA VAL B 476 11.39 26.94 20.09
C VAL B 476 11.84 28.27 20.66
N SER B 477 11.71 29.35 19.97
CA SER B 477 12.13 30.66 20.36
C SER B 477 11.44 31.05 21.67
N ARG B 478 10.11 30.85 21.70
CA ARG B 478 9.22 31.04 22.85
C ARG B 478 9.30 29.92 23.88
N MET B 479 9.81 28.76 23.49
CA MET B 479 9.78 27.55 24.30
C MET B 479 10.48 27.82 25.63
N LYS B 480 9.77 27.55 26.73
CA LYS B 480 10.32 27.78 28.07
C LYS B 480 11.57 26.93 28.27
N GLU B 481 12.53 27.41 29.04
CA GLU B 481 13.81 26.83 29.33
C GLU B 481 13.64 25.45 29.94
N THR B 482 12.58 25.13 30.58
CA THR B 482 12.27 23.87 31.16
C THR B 482 11.68 22.87 30.15
N GLN B 483 11.17 23.27 28.98
CA GLN B 483 10.65 22.26 28.07
C GLN B 483 11.79 21.47 27.45
N LYS B 484 11.60 20.16 27.28
CA LYS B 484 12.57 19.25 26.64
C LYS B 484 12.09 18.77 25.27
N SER B 485 10.90 19.19 24.79
CA SER B 485 10.24 18.66 23.64
C SER B 485 9.14 19.57 23.16
N ILE B 486 8.67 19.32 21.94
CA ILE B 486 7.60 20.09 21.29
C ILE B 486 6.31 19.28 21.44
N TYR B 487 5.29 19.85 22.06
CA TYR B 487 4.03 19.17 22.32
C TYR B 487 3.08 19.36 21.16
N TYR B 488 2.53 18.28 20.63
CA TYR B 488 1.56 18.34 19.53
C TYR B 488 0.41 17.37 19.74
N ILE B 489 -0.70 17.62 19.05
CA ILE B 489 -1.88 16.77 19.07
C ILE B 489 -2.52 16.71 17.69
N THR B 490 -3.00 15.56 17.27
CA THR B 490 -3.62 15.43 15.95
C THR B 490 -5.05 14.94 16.02
N GLY B 491 -5.90 15.47 15.14
CA GLY B 491 -7.35 15.21 15.20
C GLY B 491 -8.13 15.80 14.03
N GLU B 492 -9.46 15.72 14.10
CA GLU B 492 -10.31 16.00 12.95
C GLU B 492 -10.54 17.50 12.64
N SER B 493 -10.31 18.43 13.56
CA SER B 493 -10.43 19.87 13.30
C SER B 493 -9.74 20.73 14.36
N LYS B 494 -9.55 22.03 14.10
CA LYS B 494 -8.90 22.92 15.06
C LYS B 494 -9.69 22.99 16.37
N GLU B 495 -10.98 23.29 16.34
CA GLU B 495 -11.75 23.41 17.57
C GLU B 495 -11.96 22.08 18.29
N GLN B 496 -12.16 20.97 17.57
CA GLN B 496 -12.24 19.66 18.20
C GLN B 496 -10.94 19.33 18.94
N VAL B 497 -9.78 19.64 18.35
CA VAL B 497 -8.49 19.48 19.02
C VAL B 497 -8.37 20.44 20.20
N ALA B 498 -8.72 21.72 20.03
CA ALA B 498 -8.56 22.74 21.06
C ALA B 498 -9.40 22.46 22.33
N ASN B 499 -10.55 21.82 22.18
CA ASN B 499 -11.41 21.40 23.30
C ASN B 499 -11.06 20.02 23.87
N SER B 500 -10.19 19.23 23.25
CA SER B 500 -9.99 17.82 23.61
C SER B 500 -9.41 17.62 25.01
N ALA B 501 -9.89 16.58 25.71
CA ALA B 501 -9.61 16.34 27.13
C ALA B 501 -8.13 16.14 27.53
N PHE B 502 -7.25 15.86 26.57
CA PHE B 502 -5.82 15.70 26.82
C PHE B 502 -5.09 17.03 27.08
N VAL B 503 -5.69 18.16 26.73
CA VAL B 503 -5.01 19.44 26.55
C VAL B 503 -5.07 20.36 27.77
N GLU B 504 -5.98 20.16 28.72
CA GLU B 504 -6.19 21.13 29.81
C GLU B 504 -4.97 21.39 30.70
N ARG B 505 -4.22 20.38 31.15
CA ARG B 505 -3.05 20.60 32.03
C ARG B 505 -1.96 21.41 31.35
N VAL B 506 -1.61 21.09 30.11
CA VAL B 506 -0.56 21.83 29.39
C VAL B 506 -0.98 23.28 29.12
N ARG B 507 -2.26 23.56 28.89
CA ARG B 507 -2.77 24.94 28.81
C ARG B 507 -2.64 25.65 30.16
N LYS B 508 -3.08 25.03 31.26
CA LYS B 508 -3.02 25.59 32.62
C LYS B 508 -1.59 25.99 33.03
N ARG B 509 -0.62 25.13 32.72
CA ARG B 509 0.82 25.29 32.95
C ARG B 509 1.55 26.19 31.94
N GLY B 510 0.85 26.82 31.00
CA GLY B 510 1.42 27.85 30.12
C GLY B 510 2.29 27.36 28.94
N PHE B 511 2.25 26.06 28.68
CA PHE B 511 2.90 25.44 27.54
C PHE B 511 2.13 25.77 26.27
N GLU B 512 2.76 25.45 25.15
CA GLU B 512 2.23 25.68 23.82
C GLU B 512 1.96 24.31 23.18
N VAL B 513 0.73 24.08 22.73
CA VAL B 513 0.40 22.86 22.01
C VAL B 513 0.25 23.16 20.53
N VAL B 514 0.90 22.40 19.65
CA VAL B 514 0.73 22.47 18.21
C VAL B 514 -0.49 21.67 17.77
N TYR B 515 -1.32 22.22 16.90
CA TYR B 515 -2.50 21.53 16.38
C TYR B 515 -2.23 21.00 14.99
N MET B 516 -2.43 19.70 14.77
CA MET B 516 -2.16 19.03 13.50
C MET B 516 -3.41 18.36 12.95
N THR B 517 -4.16 19.08 12.13
CA THR B 517 -5.55 18.76 11.80
C THR B 517 -5.76 18.19 10.40
N GLU B 518 -4.76 17.59 9.76
CA GLU B 518 -4.87 16.99 8.43
C GLU B 518 -4.44 15.52 8.40
N PRO B 519 -5.03 14.64 7.58
CA PRO B 519 -4.66 13.24 7.51
C PRO B 519 -3.19 13.01 7.15
N ILE B 520 -2.62 13.91 6.34
CA ILE B 520 -1.23 13.87 5.92
C ILE B 520 -0.26 14.18 7.07
N ASP B 521 -0.72 14.83 8.14
CA ASP B 521 0.15 15.15 9.26
C ASP B 521 0.70 13.89 9.92
N GLU B 522 -0.11 12.84 10.03
CA GLU B 522 0.33 11.55 10.55
C GLU B 522 1.55 11.01 9.81
N TYR B 523 1.56 11.12 8.48
CA TYR B 523 2.64 10.58 7.67
C TYR B 523 3.91 11.42 7.75
N CYS B 524 3.84 12.74 7.92
CA CYS B 524 5.05 13.52 8.15
C CYS B 524 5.55 13.41 9.59
N VAL B 525 4.66 13.37 10.58
CA VAL B 525 5.00 13.17 12.00
C VAL B 525 5.60 11.80 12.27
N GLN B 526 5.29 10.78 11.50
CA GLN B 526 6.01 9.51 11.57
C GLN B 526 7.53 9.68 11.33
N GLN B 527 7.94 10.62 10.47
CA GLN B 527 9.33 10.79 10.04
C GLN B 527 10.04 11.99 10.68
N LEU B 528 9.32 13.07 10.97
CA LEU B 528 9.83 14.23 11.69
C LEU B 528 9.87 13.96 13.21
N LYS B 529 10.74 13.05 13.64
CA LYS B 529 10.86 12.63 15.05
C LYS B 529 11.37 13.73 15.98
N GLU B 530 12.11 14.68 15.44
CA GLU B 530 12.69 15.80 16.16
C GLU B 530 12.83 17.04 15.26
N PHE B 531 12.90 18.22 15.86
CA PHE B 531 13.23 19.46 15.18
C PHE B 531 14.24 20.27 15.99
N ASP B 532 15.27 20.81 15.35
CA ASP B 532 16.32 21.63 16.00
C ASP B 532 16.95 20.99 17.25
N GLY B 533 17.06 19.65 17.26
CA GLY B 533 17.56 18.85 18.37
C GLY B 533 16.54 18.53 19.48
N LYS B 534 15.31 19.02 19.38
CA LYS B 534 14.21 18.79 20.33
C LYS B 534 13.27 17.72 19.81
N SER B 535 12.90 16.75 20.62
CA SER B 535 11.96 15.69 20.19
C SER B 535 10.51 16.21 20.13
N LEU B 536 9.67 15.59 19.31
CA LEU B 536 8.24 15.90 19.25
C LEU B 536 7.51 14.86 20.09
N VAL B 537 6.71 15.30 21.05
CA VAL B 537 5.94 14.42 21.94
C VAL B 537 4.45 14.59 21.71
N SER B 538 3.76 13.47 21.52
CA SER B 538 2.32 13.46 21.34
C SER B 538 1.60 13.65 22.66
N VAL B 539 0.67 14.60 22.74
CA VAL B 539 -0.16 14.79 23.93
C VAL B 539 -1.13 13.63 24.18
N THR B 540 -1.38 12.76 23.20
CA THR B 540 -2.33 11.63 23.26
C THR B 540 -1.68 10.25 23.43
N LYS B 541 -0.47 10.16 23.99
CA LYS B 541 0.24 8.89 24.24
C LYS B 541 0.57 8.68 25.71
N GLU B 542 0.68 7.42 26.12
CA GLU B 542 1.12 7.02 27.45
C GLU B 542 2.51 7.55 27.75
N GLY B 543 2.79 7.76 29.02
CA GLY B 543 4.04 8.14 29.56
C GLY B 543 4.40 9.59 29.35
N LEU B 544 3.45 10.43 28.91
CA LEU B 544 3.60 11.87 28.65
C LEU B 544 4.28 12.55 29.84
N GLU B 545 5.43 13.15 29.59
CA GLU B 545 6.19 13.87 30.61
C GLU B 545 6.03 15.38 30.43
N LEU B 546 5.58 16.01 31.51
CA LEU B 546 5.46 17.45 31.68
C LEU B 546 6.22 17.81 32.97
N PRO B 547 7.17 18.76 32.98
CA PRO B 547 8.13 18.86 34.07
C PRO B 547 7.48 19.06 35.44
N GLU B 548 7.91 18.29 36.43
CA GLU B 548 7.30 18.11 37.75
C GLU B 548 7.83 19.05 38.84
N ASP B 549 6.93 19.46 39.73
CA ASP B 549 7.11 20.21 40.93
C ASP B 549 7.08 19.28 42.13
N GLU B 550 7.94 19.41 43.13
CA GLU B 550 7.95 18.47 44.26
C GLU B 550 6.62 18.48 45.05
N GLU B 551 5.98 19.65 45.16
CA GLU B 551 4.66 19.79 45.77
C GLU B 551 3.54 19.16 44.93
N GLU B 552 3.76 18.94 43.62
CA GLU B 552 2.87 18.08 42.80
C GLU B 552 3.25 16.60 42.96
N LYS B 553 4.54 16.27 43.01
CA LYS B 553 5.03 14.90 43.05
C LYS B 553 4.50 14.15 44.28
N LYS B 554 4.49 14.81 45.45
CA LYS B 554 3.91 14.25 46.68
C LYS B 554 2.41 13.97 46.55
N LYS B 555 1.64 14.88 45.91
CA LYS B 555 0.21 14.67 45.62
C LYS B 555 0.01 13.47 44.70
N MET B 556 0.86 13.32 43.69
CA MET B 556 0.79 12.20 42.75
C MET B 556 1.03 10.87 43.48
N GLU B 557 2.02 10.80 44.35
CA GLU B 557 2.32 9.60 45.15
C GLU B 557 1.16 9.19 46.07
N GLU B 558 0.60 10.12 46.85
CA GLU B 558 -0.51 9.77 47.74
C GLU B 558 -1.83 9.49 46.99
N SER B 559 -2.02 10.10 45.82
CA SER B 559 -3.12 9.74 44.90
C SER B 559 -2.96 8.32 44.37
N LYS B 560 -1.78 7.95 43.88
CA LYS B 560 -1.47 6.59 43.43
C LYS B 560 -1.71 5.56 44.54
N ALA B 561 -1.34 5.89 45.77
CA ALA B 561 -1.57 5.02 46.91
C ALA B 561 -3.07 4.79 47.19
N LYS B 562 -3.87 5.86 47.30
CA LYS B 562 -5.28 5.71 47.72
C LYS B 562 -6.19 5.10 46.66
N PHE B 563 -5.92 5.33 45.38
CA PHE B 563 -6.74 4.82 44.27
C PHE B 563 -6.40 3.40 43.80
N GLU B 564 -5.35 2.76 44.36
CA GLU B 564 -4.84 1.44 43.92
C GLU B 564 -5.95 0.37 43.75
N ASN B 565 -6.89 0.30 44.70
CA ASN B 565 -8.01 -0.63 44.65
C ASN B 565 -8.96 -0.32 43.49
N LEU B 566 -9.33 0.94 43.29
CA LEU B 566 -10.23 1.31 42.22
C LEU B 566 -9.62 0.96 40.86
N CYS B 567 -8.38 1.35 40.58
CA CYS B 567 -7.78 1.03 39.28
C CYS B 567 -7.58 -0.49 39.08
N LYS B 568 -7.23 -1.23 40.13
CA LYS B 568 -7.11 -2.70 40.07
C LYS B 568 -8.47 -3.37 39.79
N LEU B 569 -9.52 -2.98 40.50
CA LEU B 569 -10.88 -3.48 40.28
C LEU B 569 -11.44 -3.06 38.93
N MET B 570 -11.13 -1.84 38.47
CA MET B 570 -11.57 -1.35 37.17
C MET B 570 -10.99 -2.20 36.04
N LYS B 571 -9.70 -2.53 36.08
CA LYS B 571 -9.11 -3.55 35.20
C LYS B 571 -9.82 -4.88 35.40
N GLU B 572 -10.00 -5.37 36.63
CA GLU B 572 -10.61 -6.68 36.87
C GLU B 572 -11.96 -6.92 36.16
N ILE B 573 -12.71 -5.85 35.96
CA ILE B 573 -13.94 -5.78 35.15
C ILE B 573 -13.63 -5.61 33.66
N LEU B 574 -12.82 -4.61 33.29
CA LEU B 574 -12.59 -4.09 31.94
C LEU B 574 -11.42 -4.75 31.18
N ASP B 575 -10.82 -5.80 31.75
CA ASP B 575 -9.54 -6.42 31.41
C ASP B 575 -9.32 -6.78 29.93
N LYS B 576 -10.40 -7.01 29.18
CA LYS B 576 -10.32 -7.36 27.75
C LYS B 576 -9.83 -6.20 26.88
N LYS B 577 -10.22 -4.98 27.25
CA LYS B 577 -10.25 -3.81 26.37
C LYS B 577 -9.04 -2.90 26.55
N VAL B 578 -8.64 -2.68 27.81
CA VAL B 578 -7.48 -1.88 28.19
C VAL B 578 -6.24 -2.76 28.38
N GLU B 579 -5.03 -2.26 28.06
CA GLU B 579 -3.80 -2.91 28.52
C GLU B 579 -3.46 -2.61 29.97
N LYS B 580 -3.70 -1.37 30.39
CA LYS B 580 -3.31 -0.80 31.69
C LYS B 580 -4.31 0.27 32.09
N VAL B 581 -4.42 0.50 33.40
CA VAL B 581 -5.26 1.51 34.06
C VAL B 581 -4.45 2.24 35.12
N THR B 582 -4.57 3.56 35.23
CA THR B 582 -3.81 4.37 36.21
C THR B 582 -4.50 5.72 36.47
N ILE B 583 -4.01 6.52 37.42
CA ILE B 583 -4.47 7.91 37.57
C ILE B 583 -3.75 8.85 36.59
N SER B 584 -4.52 9.78 36.05
CA SER B 584 -4.21 10.72 35.02
C SER B 584 -3.37 11.86 35.58
N ASN B 585 -2.48 12.40 34.80
CA ASN B 585 -1.68 13.54 35.04
C ASN B 585 -1.97 14.72 34.12
N ARG B 586 -2.62 14.50 32.96
CA ARG B 586 -2.97 15.56 31.99
C ARG B 586 -4.40 16.12 32.09
N LEU B 587 -5.27 15.51 32.89
CA LEU B 587 -6.66 15.95 33.04
C LEU B 587 -6.83 17.07 34.05
N VAL B 588 -7.71 18.00 33.69
CA VAL B 588 -8.49 18.90 34.56
C VAL B 588 -9.89 18.94 33.95
N SER B 589 -10.93 19.06 34.76
CA SER B 589 -12.33 19.22 34.31
C SER B 589 -12.95 18.05 33.50
N SER B 590 -12.30 16.87 33.40
CA SER B 590 -12.94 15.68 32.84
C SER B 590 -12.71 14.47 33.76
N PRO B 591 -13.64 13.51 33.90
CA PRO B 591 -13.43 12.35 34.76
C PRO B 591 -12.33 11.41 34.27
N CYS B 592 -12.18 11.18 32.97
CA CYS B 592 -11.27 10.14 32.46
C CYS B 592 -10.98 10.32 30.97
N CYS B 593 -9.85 9.78 30.50
CA CYS B 593 -9.46 9.79 29.09
C CYS B 593 -8.69 8.53 28.73
N ILE B 594 -8.61 8.21 27.44
CA ILE B 594 -7.92 7.01 26.95
C ILE B 594 -6.78 7.36 26.01
N VAL B 595 -5.57 6.84 26.29
CA VAL B 595 -4.35 7.10 25.52
C VAL B 595 -3.72 5.81 25.02
N THR B 596 -2.93 5.88 23.96
CA THR B 596 -2.36 4.71 23.31
C THR B 596 -0.91 4.43 23.71
N SER B 597 -0.47 3.17 23.58
CA SER B 597 0.94 2.75 23.69
C SER B 597 1.88 3.58 22.79
N THR B 598 3.14 3.72 23.19
CA THR B 598 4.12 4.61 22.52
C THR B 598 4.37 4.25 21.06
N TYR B 599 4.42 2.96 20.74
CA TYR B 599 4.66 2.37 19.47
C TYR B 599 3.34 1.89 18.87
N GLY B 600 3.00 2.33 17.71
CA GLY B 600 1.81 2.03 16.98
C GLY B 600 0.93 3.24 16.74
N TRP B 601 -0.09 3.02 15.94
CA TRP B 601 -1.07 3.99 15.53
C TRP B 601 -1.85 4.50 16.75
N THR B 602 -1.78 5.79 17.01
CA THR B 602 -2.73 6.43 17.91
C THR B 602 -4.14 6.47 17.29
N ALA B 603 -5.16 6.89 18.03
CA ALA B 603 -6.57 6.78 17.64
C ALA B 603 -6.85 7.32 16.23
N ASN B 604 -6.29 8.48 15.94
CA ASN B 604 -6.44 9.13 14.66
C ASN B 604 -5.76 8.36 13.51
N MET B 605 -4.60 7.73 13.72
CA MET B 605 -3.98 6.96 12.68
C MET B 605 -4.69 5.62 12.44
N GLU B 606 -5.24 5.01 13.47
CA GLU B 606 -6.15 3.91 13.26
C GLU B 606 -7.29 4.34 12.36
N ARG B 607 -7.94 5.46 12.66
CA ARG B 607 -9.11 5.92 11.91
C ARG B 607 -8.79 6.05 10.45
N ILE B 608 -7.65 6.62 10.14
CA ILE B 608 -7.27 6.86 8.75
C ILE B 608 -6.86 5.57 8.07
N MET B 609 -6.06 4.71 8.70
CA MET B 609 -5.64 3.45 8.08
C MET B 609 -6.82 2.50 7.80
N LYS B 610 -7.79 2.42 8.71
CA LYS B 610 -9.03 1.68 8.50
C LYS B 610 -9.81 2.13 7.28
N ALA B 611 -9.73 3.40 6.94
CA ALA B 611 -10.50 4.03 5.87
C ALA B 611 -9.83 4.01 4.48
N GLN B 612 -8.62 3.48 4.35
CA GLN B 612 -7.92 3.40 3.05
C GLN B 612 -8.63 2.43 2.09
N ALA B 613 -8.76 2.80 0.81
CA ALA B 613 -9.42 1.94 -0.17
C ALA B 613 -8.63 0.68 -0.55
N LEU B 614 -7.29 0.73 -0.58
CA LEU B 614 -6.44 -0.32 -1.19
C LEU B 614 -5.28 -0.83 -0.30
N ARG B 615 -5.40 -0.67 1.02
CA ARG B 615 -4.48 -1.22 2.03
C ARG B 615 -5.10 -2.42 2.72
N ASP B 616 -4.37 -3.53 2.78
CA ASP B 616 -4.71 -4.73 3.55
C ASP B 616 -4.45 -4.51 5.06
N ASN B 617 -5.49 -4.20 5.83
CA ASN B 617 -5.37 -3.96 7.27
C ASN B 617 -5.26 -5.26 8.10
N SER B 618 -5.38 -6.46 7.53
CA SER B 618 -5.30 -7.72 8.29
C SER B 618 -4.01 -7.86 9.11
N THR B 619 -2.91 -7.35 8.59
CA THR B 619 -1.58 -7.32 9.23
C THR B 619 -1.37 -6.13 10.21
N MET B 620 -2.43 -5.42 10.60
CA MET B 620 -2.36 -4.31 11.57
C MET B 620 -1.79 -4.71 12.95
N GLY B 621 -1.76 -6.00 13.29
CA GLY B 621 -1.52 -6.52 14.64
C GLY B 621 -0.26 -5.99 15.32
N TYR B 622 0.76 -5.69 14.53
CA TYR B 622 2.08 -5.24 14.98
C TYR B 622 2.21 -3.71 15.03
N MET B 623 1.26 -2.97 14.45
CA MET B 623 1.24 -1.50 14.38
C MET B 623 0.05 -0.88 15.11
N MET B 624 -1.00 -1.62 15.41
CA MET B 624 -2.06 -1.14 16.27
C MET B 624 -1.50 -0.93 17.69
N ALA B 625 -1.75 0.22 18.29
CA ALA B 625 -1.42 0.46 19.69
C ALA B 625 -2.49 -0.11 20.65
N LYS B 626 -2.14 -0.22 21.93
CA LYS B 626 -3.01 -0.73 23.00
C LYS B 626 -3.42 0.44 23.93
N LYS B 627 -4.66 0.51 24.38
CA LYS B 627 -5.31 1.55 25.10
C LYS B 627 -5.03 1.43 26.59
N HIS B 628 -4.47 2.49 27.15
CA HIS B 628 -4.23 2.67 28.56
C HIS B 628 -5.20 3.73 29.04
N LEU B 629 -6.02 3.39 30.03
CA LEU B 629 -7.05 4.21 30.58
C LEU B 629 -6.51 5.01 31.76
N GLU B 630 -6.76 6.31 31.81
CA GLU B 630 -6.33 7.17 32.91
C GLU B 630 -7.51 7.97 33.52
N ILE B 631 -7.56 8.04 34.84
CA ILE B 631 -8.70 8.61 35.60
C ILE B 631 -8.30 9.86 36.38
N ASN B 632 -9.18 10.85 36.50
CA ASN B 632 -8.91 12.09 37.21
C ASN B 632 -9.15 11.92 38.71
N PRO B 633 -8.10 11.89 39.56
CA PRO B 633 -8.25 11.54 40.97
C PRO B 633 -9.03 12.58 41.76
N ASP B 634 -8.99 13.83 41.31
CA ASP B 634 -9.63 15.00 41.85
C ASP B 634 -11.11 15.09 41.48
N HIS B 635 -11.49 14.54 40.33
CA HIS B 635 -12.84 14.81 39.80
C HIS B 635 -13.91 14.05 40.58
N PRO B 636 -15.04 14.69 40.97
CA PRO B 636 -16.09 14.07 41.77
C PRO B 636 -16.50 12.67 41.34
N ILE B 637 -16.80 12.39 40.07
CA ILE B 637 -17.26 11.06 39.65
C ILE B 637 -16.29 9.94 40.07
N VAL B 638 -14.98 10.13 39.92
CA VAL B 638 -13.98 9.12 40.27
C VAL B 638 -13.84 8.98 41.79
N GLU B 639 -13.91 10.07 42.52
CA GLU B 639 -13.98 10.04 43.98
C GLU B 639 -15.22 9.28 44.47
N THR B 640 -16.38 9.55 43.88
CA THR B 640 -17.60 8.82 44.20
C THR B 640 -17.47 7.35 43.85
N LEU B 641 -16.83 7.02 42.73
CA LEU B 641 -16.65 5.64 42.28
C LEU B 641 -15.75 4.86 43.24
N ARG B 642 -14.73 5.46 43.86
CA ARG B 642 -14.00 4.75 44.95
C ARG B 642 -14.87 4.51 46.17
N GLN B 643 -15.82 5.41 46.50
CA GLN B 643 -16.78 5.15 47.58
C GLN B 643 -17.75 4.03 47.20
N LYS B 644 -18.20 4.01 45.94
CA LYS B 644 -19.14 2.98 45.47
C LYS B 644 -18.50 1.60 45.41
N ALA B 645 -17.31 1.51 44.83
CA ALA B 645 -16.50 0.30 44.79
C ALA B 645 -16.09 -0.20 46.19
N GLU B 646 -15.90 0.66 47.19
CA GLU B 646 -15.49 0.30 48.51
C GLU B 646 -16.47 -0.67 49.15
N ALA B 647 -17.80 -0.45 49.07
CA ALA B 647 -18.74 -1.28 49.74
C ALA B 647 -18.77 -2.66 49.08
N ASP B 648 -18.76 -2.76 47.77
CA ASP B 648 -18.81 -4.06 47.13
C ASP B 648 -18.00 -4.06 45.84
N LYS B 649 -16.86 -4.77 45.90
CA LYS B 649 -15.94 -4.96 44.77
C LYS B 649 -16.58 -5.69 43.59
N ASN B 650 -17.55 -6.57 43.82
CA ASN B 650 -18.24 -7.35 42.84
C ASN B 650 -19.54 -6.72 42.39
N ASP B 651 -19.94 -5.56 42.92
CA ASP B 651 -21.20 -4.92 42.56
C ASP B 651 -21.21 -4.61 41.07
N LYS B 652 -22.20 -5.19 40.36
CA LYS B 652 -22.45 -4.92 38.95
C LYS B 652 -22.73 -3.45 38.67
N ALA B 653 -23.34 -2.68 39.58
CA ALA B 653 -23.62 -1.28 39.31
C ALA B 653 -22.35 -0.47 39.06
N VAL B 654 -21.26 -0.74 39.79
CA VAL B 654 -19.96 -0.14 39.45
C VAL B 654 -19.33 -0.80 38.23
N LYS B 655 -19.55 -2.09 37.95
CA LYS B 655 -19.12 -2.71 36.67
C LYS B 655 -19.76 -1.98 35.49
N ASP B 656 -21.05 -1.70 35.57
CA ASP B 656 -21.81 -1.02 34.53
C ASP B 656 -21.32 0.41 34.25
N LEU B 657 -20.90 1.16 35.28
CA LEU B 657 -20.23 2.42 35.00
C LEU B 657 -18.94 2.22 34.22
N VAL B 658 -18.09 1.26 34.60
CA VAL B 658 -16.74 1.24 34.06
C VAL B 658 -16.71 0.78 32.61
N VAL B 659 -17.80 0.18 32.10
CA VAL B 659 -18.07 0.09 30.66
C VAL B 659 -18.69 1.37 30.10
N LEU B 660 -19.67 2.01 30.73
CA LEU B 660 -20.30 3.23 30.18
C LEU B 660 -19.32 4.40 30.10
N LEU B 661 -18.56 4.64 31.16
CA LEU B 661 -17.49 5.63 31.19
C LEU B 661 -16.42 5.26 30.16
N PHE B 662 -16.06 3.98 29.99
CA PHE B 662 -15.09 3.65 28.97
C PHE B 662 -15.60 3.99 27.58
N GLU B 663 -16.85 3.66 27.26
CA GLU B 663 -17.46 3.97 26.00
C GLU B 663 -17.49 5.47 25.79
N THR B 664 -17.89 6.23 26.80
CA THR B 664 -17.94 7.68 26.73
C THR B 664 -16.54 8.27 26.54
N ALA B 665 -15.50 7.67 27.14
CA ALA B 665 -14.15 8.14 26.98
C ALA B 665 -13.58 7.77 25.61
N LEU B 666 -13.87 6.57 25.10
CA LEU B 666 -13.47 6.16 23.77
C LEU B 666 -13.98 7.15 22.76
N LEU B 667 -15.27 7.45 22.88
CA LEU B 667 -15.98 8.22 21.91
C LEU B 667 -15.35 9.62 21.76
N SER B 668 -14.91 10.25 22.80
CA SER B 668 -14.24 11.51 22.88
C SER B 668 -12.80 11.45 22.35
N SER B 669 -12.17 10.28 22.37
CA SER B 669 -10.78 10.06 22.01
C SER B 669 -10.58 9.67 20.52
N GLY B 670 -11.65 9.46 19.74
CA GLY B 670 -11.64 9.14 18.36
C GLY B 670 -11.74 7.68 18.01
N PHE B 671 -11.99 6.78 18.94
CA PHE B 671 -12.27 5.41 18.55
C PHE B 671 -13.73 5.27 18.12
N SER B 672 -14.00 4.43 17.12
CA SER B 672 -15.38 4.06 16.77
C SER B 672 -15.92 3.07 17.79
N LEU B 673 -17.23 3.13 18.08
CA LEU B 673 -17.88 2.00 18.73
C LEU B 673 -18.02 0.86 17.71
N GLU B 674 -17.44 -0.31 17.96
CA GLU B 674 -17.67 -1.48 17.12
C GLU B 674 -19.11 -2.00 17.25
N ASP B 675 -19.86 -1.48 18.23
CA ASP B 675 -21.25 -1.85 18.49
C ASP B 675 -22.06 -0.61 18.91
N PRO B 676 -22.28 0.35 17.99
CA PRO B 676 -22.80 1.66 18.39
C PRO B 676 -24.18 1.61 19.01
N GLN B 677 -24.98 0.59 18.77
CA GLN B 677 -26.35 0.46 19.23
C GLN B 677 -26.48 0.30 20.75
N THR B 678 -25.49 -0.30 21.39
CA THR B 678 -25.42 -0.50 22.81
C THR B 678 -25.39 0.85 23.50
N HIS B 679 -24.51 1.78 23.09
CA HIS B 679 -24.38 3.08 23.66
C HIS B 679 -25.67 3.87 23.46
N SER B 680 -26.27 3.69 22.27
CA SER B 680 -27.51 4.36 21.88
C SER B 680 -28.66 3.95 22.78
N ASN B 681 -28.80 2.63 22.97
CA ASN B 681 -29.80 2.04 23.85
C ASN B 681 -29.55 2.42 25.30
N ARG B 682 -28.30 2.51 25.75
CA ARG B 682 -27.99 3.11 27.06
C ARG B 682 -28.57 4.51 27.13
N ILE B 683 -28.21 5.44 26.26
CA ILE B 683 -28.74 6.81 26.34
C ILE B 683 -30.27 6.91 26.09
N TYR B 684 -30.88 5.97 25.37
CA TYR B 684 -32.34 5.88 25.32
C TYR B 684 -32.92 5.33 26.63
N ARG B 685 -32.29 4.40 27.33
CA ARG B 685 -32.68 4.03 28.67
C ARG B 685 -32.40 5.18 29.62
N MET B 686 -31.39 6.03 29.37
CA MET B 686 -31.21 7.22 30.17
C MET B 686 -32.34 8.21 29.97
N ILE B 687 -32.81 8.40 28.74
CA ILE B 687 -33.95 9.28 28.50
C ILE B 687 -35.23 8.74 29.14
N LYS B 688 -35.43 7.43 29.25
CA LYS B 688 -36.57 6.86 29.98
C LYS B 688 -36.52 7.17 31.48
N LEU B 689 -35.32 7.42 32.05
CA LEU B 689 -35.19 8.05 33.35
C LEU B 689 -35.60 9.51 33.32
N GLY B 690 -34.99 10.27 32.41
CA GLY B 690 -35.17 11.72 32.30
C GLY B 690 -36.61 12.15 32.05
N LEU B 691 -37.41 11.27 31.47
CA LEU B 691 -38.84 11.43 31.21
C LEU B 691 -39.76 10.68 32.19
N GLY B 692 -39.22 9.94 33.15
CA GLY B 692 -40.01 9.25 34.17
C GLY B 692 -40.88 8.11 33.63
N ILE B 693 -40.38 7.32 32.68
CA ILE B 693 -41.08 6.22 31.98
C ILE B 693 -40.23 4.93 31.93
N ASP B 694 -39.25 4.81 32.80
CA ASP B 694 -38.25 3.72 32.82
C ASP B 694 -38.83 2.32 33.05
N GLU B 695 -39.98 2.23 33.71
CA GLU B 695 -40.76 1.00 33.89
C GLU B 695 -42.01 0.95 32.98
N ASP B 696 -42.10 1.84 31.99
CA ASP B 696 -43.24 1.99 31.07
C ASP B 696 -44.60 2.23 31.77
N GLU B 697 -44.61 3.06 32.82
CA GLU B 697 -45.79 3.40 33.64
C GLU B 697 -45.76 4.84 34.19
N VAL C 2 31.40 11.25 -33.58
CA VAL C 2 30.49 11.64 -32.47
C VAL C 2 30.79 10.83 -31.21
N ASP C 3 31.91 11.09 -30.52
CA ASP C 3 32.26 10.26 -29.36
C ASP C 3 31.56 10.74 -28.07
N TYR C 4 30.87 9.84 -27.38
CA TYR C 4 30.19 10.10 -26.11
C TYR C 4 30.92 9.50 -24.89
N SER C 5 32.16 9.06 -25.05
CA SER C 5 32.89 8.36 -23.98
C SER C 5 33.16 9.20 -22.73
N VAL C 6 33.12 10.53 -22.82
CA VAL C 6 33.24 11.43 -21.66
C VAL C 6 32.11 11.20 -20.65
N TRP C 7 30.94 10.82 -21.13
CA TRP C 7 29.76 10.54 -20.31
C TRP C 7 29.69 9.10 -19.80
N ASP C 8 30.66 8.22 -20.07
CA ASP C 8 30.49 6.78 -19.79
C ASP C 8 30.23 6.48 -18.31
N HIS C 9 30.99 7.06 -17.38
CA HIS C 9 30.91 6.73 -15.95
C HIS C 9 30.63 7.95 -15.07
N ILE C 10 29.48 7.93 -14.40
CA ILE C 10 29.02 8.97 -13.48
C ILE C 10 28.56 8.27 -12.18
N GLU C 11 28.95 8.81 -11.03
CA GLU C 11 28.50 8.35 -9.73
C GLU C 11 27.41 9.28 -9.21
N VAL C 12 26.29 8.71 -8.77
CA VAL C 12 25.12 9.38 -8.23
C VAL C 12 24.70 8.66 -6.98
N ASP C 14 21.85 9.07 -3.93
CA ASP C 14 20.44 9.43 -4.13
C ASP C 14 19.92 9.01 -5.52
N ASP C 15 20.25 7.79 -5.96
CA ASP C 15 19.64 7.16 -7.14
C ASP C 15 18.73 5.99 -6.75
N GLU C 16 17.44 6.12 -7.08
CA GLU C 16 16.43 5.10 -6.85
C GLU C 16 16.50 3.90 -7.80
N ASP C 17 17.22 3.99 -8.93
CA ASP C 17 17.34 2.88 -9.88
C ASP C 17 18.31 1.78 -9.44
N GLU C 18 19.10 2.00 -8.39
CA GLU C 18 20.01 1.01 -7.81
C GLU C 18 19.92 0.99 -6.27
N THR C 19 18.75 0.59 -5.78
CA THR C 19 18.50 0.22 -4.38
C THR C 19 18.18 -1.27 -4.28
N HIS C 20 18.89 -1.98 -3.40
CA HIS C 20 18.69 -3.41 -3.16
C HIS C 20 17.41 -3.66 -2.35
N PRO C 21 16.52 -4.61 -2.71
CA PRO C 21 15.23 -4.74 -2.03
C PRO C 21 15.34 -5.12 -0.55
N ASN C 22 16.43 -5.77 -0.13
CA ASN C 22 16.65 -6.23 1.24
C ASN C 22 17.36 -5.20 2.14
N ILE C 23 17.47 -3.95 1.71
CA ILE C 23 18.11 -2.86 2.46
C ILE C 23 17.13 -1.69 2.57
N ASP C 24 17.10 -1.02 3.71
CA ASP C 24 16.29 0.19 3.89
C ASP C 24 16.73 1.25 2.89
N THR C 25 15.95 1.64 1.88
CA THR C 25 16.48 2.52 0.80
C THR C 25 17.07 3.82 1.33
N ALA C 26 16.39 4.50 2.24
CA ALA C 26 16.83 5.77 2.79
C ALA C 26 18.15 5.67 3.58
N SER C 27 18.45 4.52 4.19
CA SER C 27 19.76 4.29 4.83
C SER C 27 20.87 4.20 3.79
N LEU C 28 20.63 3.49 2.68
CA LEU C 28 21.65 3.23 1.67
C LEU C 28 22.15 4.51 0.99
N PHE C 29 21.30 5.50 0.73
CA PHE C 29 21.73 6.75 0.10
C PHE C 29 22.74 7.52 0.96
N ARG C 30 22.45 7.74 2.25
CA ARG C 30 23.35 8.48 3.16
C ARG C 30 24.68 7.76 3.37
N TRP C 31 24.62 6.44 3.35
CA TRP C 31 25.72 5.49 3.51
C TRP C 31 26.62 5.42 2.27
N ARG C 32 26.02 5.44 1.07
CA ARG C 32 26.71 5.54 -0.23
C ARG C 32 27.32 6.93 -0.49
N HIS C 33 26.66 7.99 -0.05
CA HIS C 33 27.23 9.33 -0.04
C HIS C 33 28.49 9.42 0.84
N GLN C 34 28.48 8.79 2.01
CA GLN C 34 29.61 8.82 2.93
C GLN C 34 30.88 8.23 2.29
N ALA C 35 30.75 7.10 1.60
CA ALA C 35 31.87 6.46 0.92
C ALA C 35 32.51 7.36 -0.14
N ARG C 36 31.70 8.05 -0.95
CA ARG C 36 32.20 9.01 -1.96
C ARG C 36 33.08 10.07 -1.33
N VAL C 37 32.61 10.74 -0.27
CA VAL C 37 33.35 11.86 0.31
C VAL C 37 34.64 11.37 0.96
N GLU C 38 34.63 10.25 1.67
CA GLU C 38 35.85 9.70 2.28
C GLU C 38 36.88 9.28 1.22
N ARG C 39 36.46 8.67 0.12
CA ARG C 39 37.34 8.33 -1.02
C ARG C 39 38.02 9.58 -1.58
N MET C 40 37.25 10.64 -1.78
CA MET C 40 37.76 11.92 -2.24
C MET C 40 38.77 12.51 -1.25
N GLU C 41 38.48 12.52 0.05
CA GLU C 41 39.41 13.09 1.04
C GLU C 41 40.74 12.33 1.12
N GLN C 42 40.73 11.00 1.05
CA GLN C 42 42.00 10.24 0.97
C GLN C 42 42.78 10.59 -0.31
N PHE C 43 42.12 10.85 -1.43
CA PHE C 43 42.78 11.26 -2.66
C PHE C 43 43.30 12.72 -2.60
N GLN C 44 42.59 13.62 -1.91
CA GLN C 44 43.12 14.96 -1.60
C GLN C 44 44.36 14.87 -0.71
N LYS C 45 44.34 14.03 0.33
CA LYS C 45 45.51 13.74 1.16
C LYS C 45 46.68 13.22 0.33
N GLU C 46 46.44 12.33 -0.62
CA GLU C 46 47.47 11.87 -1.56
C GLU C 46 48.09 13.03 -2.36
N LYS C 47 47.31 14.03 -2.77
CA LYS C 47 47.86 15.25 -3.38
C LYS C 47 48.76 16.04 -2.42
N GLU C 48 48.43 16.09 -1.12
CA GLU C 48 49.31 16.73 -0.14
C GLU C 48 50.63 15.99 0.04
N GLU C 49 50.60 14.66 0.17
CA GLU C 49 51.83 13.85 0.30
C GLU C 49 52.65 13.82 -1.00
N LEU C 50 52.00 13.85 -2.15
CA LEU C 50 52.63 14.09 -3.45
C LEU C 50 53.39 15.41 -3.45
N ASP C 51 52.73 16.50 -3.07
CA ASP C 51 53.35 17.81 -3.10
C ASP C 51 54.50 17.90 -2.09
N ARG C 52 54.36 17.34 -0.88
CA ARG C 52 55.44 17.19 0.10
C ARG C 52 56.67 16.52 -0.51
N GLY C 53 56.48 15.41 -1.23
CA GLY C 53 57.56 14.70 -1.92
C GLY C 53 58.18 15.51 -3.05
N CYS C 54 57.35 16.16 -3.87
CA CYS C 54 57.80 17.07 -4.92
C CYS C 54 58.61 18.23 -4.33
N ARG C 55 58.12 18.95 -3.32
CA ARG C 55 58.79 20.09 -2.67
C ARG C 55 60.16 19.69 -2.10
N GLU C 56 60.24 18.57 -1.40
CA GLU C 56 61.50 18.06 -0.85
C GLU C 56 62.52 17.78 -1.97
N CYS C 57 62.14 17.05 -3.02
CA CYS C 57 63.02 16.79 -4.16
C CYS C 57 63.42 18.07 -4.88
N LYS C 58 62.46 18.91 -5.25
CA LYS C 58 62.68 20.19 -5.94
C LYS C 58 63.67 21.06 -5.16
N ARG C 59 63.45 21.22 -3.85
CA ARG C 59 64.35 21.98 -2.96
C ARG C 59 65.72 21.32 -2.84
N LYS C 60 65.81 20.02 -2.54
CA LYS C 60 67.10 19.37 -2.29
C LYS C 60 67.96 19.20 -3.55
N VAL C 61 67.36 18.95 -4.71
CA VAL C 61 68.05 19.10 -6.00
C VAL C 61 68.53 20.55 -6.19
N ALA C 62 67.71 21.57 -5.92
CA ALA C 62 68.12 22.97 -6.06
C ALA C 62 69.27 23.39 -5.12
N GLU C 63 69.24 22.97 -3.84
CA GLU C 63 70.34 23.20 -2.89
C GLU C 63 71.63 22.49 -3.32
N CYS C 64 71.51 21.26 -3.83
CA CYS C 64 72.63 20.53 -4.43
C CYS C 64 73.17 21.26 -5.67
N GLN C 65 72.30 21.77 -6.54
CA GLN C 65 72.69 22.56 -7.73
C GLN C 65 73.39 23.88 -7.36
N ARG C 66 72.92 24.61 -6.35
CA ARG C 66 73.60 25.82 -5.86
C ARG C 66 74.99 25.49 -5.35
N LYS C 67 75.13 24.46 -4.50
CA LYS C 67 76.45 24.02 -4.01
C LYS C 67 77.34 23.47 -5.14
N LEU C 68 76.81 22.74 -6.12
CA LEU C 68 77.54 22.35 -7.34
C LEU C 68 78.12 23.56 -8.07
N LYS C 69 77.30 24.60 -8.34
CA LYS C 69 77.75 25.83 -9.02
C LYS C 69 78.81 26.59 -8.21
N GLU C 70 78.68 26.65 -6.88
CA GLU C 70 79.72 27.21 -6.01
C GLU C 70 81.02 26.39 -6.08
N LEU C 71 80.93 25.05 -6.02
CA LEU C 71 82.07 24.14 -6.07
C LEU C 71 82.76 24.12 -7.45
N GLU C 72 82.05 24.39 -8.55
CA GLU C 72 82.66 24.60 -9.87
C GLU C 72 83.51 25.89 -9.93
N VAL C 73 83.19 26.93 -9.14
CA VAL C 73 84.04 28.13 -9.04
C VAL C 73 85.25 27.83 -8.15
N ALA C 74 86.45 28.12 -8.65
CA ALA C 74 87.72 27.79 -7.97
C ALA C 74 87.79 26.30 -7.56
N GLU C 75 87.70 25.41 -8.57
CA GLU C 75 87.78 23.95 -8.40
C GLU C 75 89.05 23.49 -7.66
N GLY C 76 89.02 22.31 -7.03
CA GLY C 76 90.13 21.78 -6.23
C GLY C 76 89.56 21.18 -4.94
N GLY C 77 89.93 19.94 -4.61
CA GLY C 77 89.24 19.14 -3.60
C GLY C 77 87.93 18.55 -4.13
N LYS C 78 88.03 17.58 -5.04
CA LYS C 78 86.90 17.01 -5.79
C LYS C 78 85.83 16.29 -4.95
N ALA C 79 86.11 15.94 -3.70
CA ALA C 79 85.22 15.10 -2.86
C ALA C 79 83.78 15.63 -2.77
N GLU C 80 83.57 16.93 -2.53
CA GLU C 80 82.27 17.58 -2.51
C GLU C 80 81.60 17.53 -3.90
N LEU C 81 82.30 18.01 -4.93
CA LEU C 81 81.77 18.12 -6.30
C LEU C 81 81.36 16.74 -6.86
N GLU C 82 82.15 15.70 -6.56
CA GLU C 82 81.87 14.31 -6.91
C GLU C 82 80.70 13.72 -6.09
N ARG C 83 80.70 13.88 -4.75
CA ARG C 83 79.60 13.37 -3.93
C ARG C 83 78.27 14.04 -4.27
N LEU C 84 78.27 15.33 -4.60
CA LEU C 84 77.06 16.00 -5.08
C LEU C 84 76.52 15.44 -6.41
N GLN C 85 77.33 14.80 -7.25
CA GLN C 85 76.78 14.04 -8.40
C GLN C 85 75.98 12.82 -7.92
N ALA C 86 76.44 12.11 -6.89
CA ALA C 86 75.70 10.99 -6.29
C ALA C 86 74.46 11.47 -5.51
N GLU C 87 74.53 12.60 -4.79
CA GLU C 87 73.36 13.21 -4.16
C GLU C 87 72.34 13.69 -5.20
N ALA C 88 72.76 14.41 -6.24
CA ALA C 88 71.90 14.78 -7.36
C ALA C 88 71.24 13.56 -8.02
N GLN C 89 72.00 12.48 -8.24
CA GLN C 89 71.47 11.23 -8.80
C GLN C 89 70.39 10.61 -7.90
N GLN C 90 70.64 10.46 -6.59
CA GLN C 90 69.65 9.89 -5.66
C GLN C 90 68.40 10.79 -5.54
N LEU C 91 68.59 12.10 -5.42
CA LEU C 91 67.48 13.06 -5.36
C LEU C 91 66.67 13.13 -6.65
N ARG C 92 67.31 13.00 -7.82
CA ARG C 92 66.65 12.88 -9.13
C ARG C 92 65.90 11.55 -9.28
N LYS C 93 66.47 10.43 -8.83
CA LYS C 93 65.82 9.10 -8.85
C LYS C 93 64.55 9.11 -7.99
N GLU C 94 64.65 9.69 -6.80
CA GLU C 94 63.50 9.97 -5.94
C GLU C 94 62.49 10.93 -6.60
N GLU C 95 62.97 12.04 -7.18
CA GLU C 95 62.14 12.99 -7.91
C GLU C 95 61.38 12.33 -9.06
N ARG C 96 62.01 11.40 -9.80
CA ARG C 96 61.36 10.67 -10.88
C ARG C 96 60.22 9.77 -10.38
N SER C 97 60.34 9.22 -9.17
CA SER C 97 59.21 8.55 -8.51
C SER C 97 58.10 9.54 -8.15
N TRP C 98 58.43 10.74 -7.65
CA TRP C 98 57.42 11.78 -7.42
C TRP C 98 56.82 12.35 -8.70
N GLU C 99 57.56 12.41 -9.81
CA GLU C 99 57.02 12.71 -11.15
C GLU C 99 56.08 11.59 -11.64
N GLN C 100 56.41 10.33 -11.41
CA GLN C 100 55.51 9.21 -11.69
C GLN C 100 54.23 9.34 -10.86
N LYS C 101 54.33 9.71 -9.58
CA LYS C 101 53.18 9.98 -8.71
C LYS C 101 52.40 11.22 -9.14
N LEU C 102 53.05 12.26 -9.67
CA LEU C 102 52.40 13.44 -10.23
C LEU C 102 51.60 13.10 -11.49
N GLU C 103 52.13 12.24 -12.36
CA GLU C 103 51.38 11.70 -13.49
C GLU C 103 50.23 10.81 -13.01
N GLU C 104 50.48 9.90 -12.07
CA GLU C 104 49.46 9.00 -11.51
C GLU C 104 48.30 9.78 -10.86
N MET C 105 48.60 10.89 -10.18
CA MET C 105 47.62 11.83 -9.64
C MET C 105 46.68 12.34 -10.73
N ARG C 106 47.19 13.06 -11.74
CA ARG C 106 46.34 13.62 -12.80
C ARG C 106 45.67 12.56 -13.66
N LYS C 107 46.31 11.40 -13.87
CA LYS C 107 45.67 10.25 -14.52
C LYS C 107 44.51 9.69 -13.69
N LYS C 108 44.67 9.54 -12.37
CA LYS C 108 43.58 9.08 -11.49
C LYS C 108 42.46 10.12 -11.37
N GLU C 109 42.77 11.41 -11.34
CA GLU C 109 41.75 12.47 -11.42
C GLU C 109 40.91 12.38 -12.71
N LYS C 110 41.54 12.05 -13.84
CA LYS C 110 40.81 11.78 -15.10
C LYS C 110 40.04 10.45 -15.04
N SER C 111 40.60 9.42 -14.43
CA SER C 111 40.05 8.05 -14.42
C SER C 111 38.93 7.83 -13.39
N MET C 112 38.83 8.63 -12.32
CA MET C 112 37.70 8.60 -11.40
C MET C 112 36.41 9.06 -12.10
N PRO C 113 35.24 8.48 -11.76
CA PRO C 113 33.98 8.84 -12.37
C PRO C 113 33.61 10.30 -12.08
N TRP C 114 32.83 10.89 -12.97
CA TRP C 114 32.20 12.18 -12.71
C TRP C 114 31.20 12.10 -11.55
N ASN C 115 30.85 13.23 -10.95
CA ASN C 115 29.85 13.32 -9.89
C ASN C 115 29.23 14.73 -9.83
N VAL C 116 28.19 14.91 -9.02
CA VAL C 116 27.33 16.11 -9.00
C VAL C 116 28.02 17.47 -8.86
N ASP C 117 29.24 17.54 -8.33
CA ASP C 117 29.98 18.80 -8.14
C ASP C 117 31.34 18.86 -8.86
N THR C 118 31.75 17.82 -9.58
CA THR C 118 32.79 17.95 -10.62
C THR C 118 32.21 18.28 -11.98
N LEU C 119 30.99 17.84 -12.29
CA LEU C 119 30.33 18.12 -13.57
C LEU C 119 29.96 19.59 -13.76
N SER C 120 29.94 20.40 -12.71
CA SER C 120 29.22 21.66 -12.69
C SER C 120 29.79 22.72 -11.75
N LYS C 121 29.63 23.98 -12.13
CA LYS C 121 29.74 25.15 -11.27
C LYS C 121 28.69 26.17 -11.66
N ASP C 122 28.19 26.96 -10.72
CA ASP C 122 27.05 27.84 -10.98
C ASP C 122 27.43 29.05 -11.82
N GLY C 123 26.51 29.47 -12.70
CA GLY C 123 26.54 30.75 -13.39
C GLY C 123 25.70 31.80 -12.66
N PHE C 124 25.05 32.68 -13.41
CA PHE C 124 24.11 33.64 -12.85
C PHE C 124 22.90 32.95 -12.21
N SER C 125 22.25 33.62 -11.25
CA SER C 125 21.07 33.13 -10.56
C SER C 125 20.24 34.30 -10.03
N LYS C 126 18.95 34.30 -10.31
CA LYS C 126 18.01 35.34 -9.91
C LYS C 126 16.70 34.73 -9.45
N SER C 127 16.10 35.28 -8.41
CA SER C 127 14.83 34.82 -7.85
C SER C 127 13.95 36.04 -7.71
N MET C 128 12.75 35.96 -8.27
CA MET C 128 11.82 37.07 -8.28
C MET C 128 10.47 36.56 -7.79
N VAL C 129 9.78 37.41 -7.05
CA VAL C 129 8.41 37.19 -6.56
C VAL C 129 7.48 38.18 -7.25
N ASN C 130 6.37 37.70 -7.81
CA ASN C 130 5.46 38.51 -8.59
C ASN C 130 4.46 39.26 -7.69
N THR C 131 4.89 40.38 -7.13
CA THR C 131 4.07 41.28 -6.31
C THR C 131 2.75 41.62 -7.01
N LYS C 132 1.63 41.35 -6.33
CA LYS C 132 0.34 41.03 -6.97
C LYS C 132 -0.15 42.07 -7.99
N PRO C 133 -0.89 41.64 -9.03
CA PRO C 133 -1.68 42.53 -9.88
C PRO C 133 -2.63 43.42 -9.08
N GLU C 134 -2.93 44.60 -9.61
CA GLU C 134 -3.88 45.53 -9.01
C GLU C 134 -5.32 44.97 -8.95
N LYS C 135 -6.08 45.38 -7.93
CA LYS C 135 -7.52 45.12 -7.77
C LYS C 135 -8.32 46.42 -7.74
N THR C 136 -9.49 46.41 -8.37
CA THR C 136 -10.30 47.60 -8.72
C THR C 136 -11.80 47.25 -8.79
N GLU C 137 -12.66 48.26 -8.85
CA GLU C 137 -14.10 48.11 -9.10
C GLU C 137 -14.63 49.24 -10.00
N GLU C 138 -15.61 48.94 -10.86
CA GLU C 138 -16.17 49.85 -11.88
C GLU C 138 -17.70 49.67 -11.98
N ASP C 139 -18.43 50.66 -12.51
CA ASP C 139 -19.89 50.63 -12.44
C ASP C 139 -20.50 49.56 -13.36
N SER C 140 -21.59 48.93 -12.91
CA SER C 140 -22.30 47.89 -13.66
C SER C 140 -22.65 48.32 -15.08
N GLU C 141 -23.00 49.60 -15.26
CA GLU C 141 -23.32 50.18 -16.57
C GLU C 141 -22.08 50.32 -17.48
N GLU C 142 -20.97 50.87 -16.98
CA GLU C 142 -19.78 51.09 -17.80
C GLU C 142 -19.06 49.78 -18.16
N VAL C 143 -19.04 48.77 -17.27
CA VAL C 143 -18.47 47.47 -17.60
C VAL C 143 -19.36 46.70 -18.59
N ARG C 144 -20.68 46.75 -18.43
CA ARG C 144 -21.63 46.09 -19.36
C ARG C 144 -21.63 46.78 -20.73
N GLU C 145 -21.52 48.10 -20.78
CA GLU C 145 -21.24 48.83 -22.03
C GLU C 145 -19.89 48.43 -22.63
N GLN C 146 -18.80 48.40 -21.86
CA GLN C 146 -17.48 48.07 -22.39
C GLN C 146 -17.42 46.63 -22.94
N LYS C 147 -18.09 45.69 -22.29
CA LYS C 147 -18.24 44.33 -22.81
C LYS C 147 -19.10 44.37 -24.06
N HIS C 148 -20.31 44.91 -24.02
CA HIS C 148 -21.20 44.87 -25.18
C HIS C 148 -20.58 45.53 -26.43
N LYS C 149 -20.01 46.72 -26.30
CA LYS C 149 -19.42 47.46 -27.43
C LYS C 149 -18.23 46.74 -28.07
N THR C 150 -17.48 45.94 -27.30
CA THR C 150 -16.40 45.08 -27.82
C THR C 150 -16.91 43.71 -28.26
N PHE C 151 -18.06 43.28 -27.74
CA PHE C 151 -18.68 41.99 -28.04
C PHE C 151 -19.62 42.01 -29.25
N VAL C 152 -19.93 43.16 -29.85
CA VAL C 152 -20.77 43.19 -31.08
C VAL C 152 -20.16 42.36 -32.21
N GLU C 153 -18.83 42.28 -32.31
CA GLU C 153 -18.17 41.30 -33.18
C GLU C 153 -18.07 39.90 -32.54
N LYS C 154 -17.76 39.80 -31.24
CA LYS C 154 -17.55 38.50 -30.60
C LYS C 154 -18.81 37.64 -30.61
N TYR C 155 -19.97 38.14 -30.18
CA TYR C 155 -21.15 37.27 -30.16
C TYR C 155 -21.74 36.99 -31.56
N GLU C 156 -21.48 37.82 -32.58
CA GLU C 156 -21.70 37.42 -33.98
C GLU C 156 -20.78 36.26 -34.37
N LYS C 157 -19.48 36.39 -34.10
CA LYS C 157 -18.50 35.32 -34.31
C LYS C 157 -18.86 34.06 -33.51
N GLN C 158 -19.52 34.16 -32.38
CA GLN C 158 -19.99 32.98 -31.70
C GLN C 158 -21.20 32.36 -32.36
N ILE C 159 -22.33 33.05 -32.61
CA ILE C 159 -23.45 32.36 -33.27
C ILE C 159 -23.04 31.74 -34.63
N LYS C 160 -22.13 32.35 -35.41
CA LYS C 160 -21.59 31.70 -36.60
C LYS C 160 -20.68 30.52 -36.29
N HIS C 161 -19.66 30.63 -35.41
CA HIS C 161 -18.79 29.46 -35.20
C HIS C 161 -19.44 28.31 -34.42
N PHE C 162 -20.34 28.62 -33.48
CA PHE C 162 -21.23 27.68 -32.80
C PHE C 162 -22.19 26.90 -33.71
N GLY C 163 -22.35 27.33 -34.96
CA GLY C 163 -23.52 27.13 -35.83
C GLY C 163 -24.03 25.70 -36.04
N MET C 164 -23.22 24.65 -35.82
CA MET C 164 -23.67 23.25 -35.69
C MET C 164 -24.12 22.88 -34.27
N LEU C 165 -25.33 22.31 -34.15
CA LEU C 165 -26.10 22.28 -32.91
C LEU C 165 -25.62 21.25 -31.88
N ARG C 166 -25.44 21.70 -30.63
CA ARG C 166 -25.37 20.93 -29.37
C ARG C 166 -24.44 19.70 -29.35
N ARG C 167 -23.34 19.73 -30.09
CA ARG C 167 -22.30 18.68 -30.11
C ARG C 167 -20.87 19.25 -30.20
N TRP C 168 -19.91 18.35 -30.04
CA TRP C 168 -18.46 18.58 -29.85
C TRP C 168 -17.82 19.62 -30.78
N ASP C 169 -18.23 19.69 -32.06
CA ASP C 169 -17.46 20.31 -33.14
C ASP C 169 -16.96 21.74 -32.83
N ASP C 170 -17.86 22.67 -32.49
CA ASP C 170 -17.48 24.04 -32.32
C ASP C 170 -16.67 24.26 -31.03
N SER C 171 -16.63 23.31 -30.09
CA SER C 171 -15.75 23.37 -28.93
C SER C 171 -14.27 23.42 -29.34
N GLN C 172 -13.87 22.68 -30.38
CA GLN C 172 -12.51 22.79 -30.92
C GLN C 172 -12.13 24.22 -31.31
N LYS C 173 -13.02 24.95 -32.00
CA LYS C 173 -12.81 26.38 -32.33
C LYS C 173 -12.99 27.34 -31.14
N TYR C 174 -13.98 27.10 -30.30
CA TYR C 174 -14.50 28.02 -29.28
C TYR C 174 -13.61 28.22 -28.05
N LEU C 175 -13.08 27.14 -27.48
CA LEU C 175 -12.49 27.13 -26.15
C LEU C 175 -11.22 27.99 -26.08
N SER C 176 -10.43 28.02 -27.17
CA SER C 176 -9.34 28.99 -27.29
C SER C 176 -9.85 30.43 -27.39
N ASP C 177 -10.84 30.75 -28.21
CA ASP C 177 -11.42 32.10 -28.28
C ASP C 177 -12.00 32.55 -26.93
N ASN C 178 -12.52 31.61 -26.14
CA ASN C 178 -13.05 31.88 -24.82
C ASN C 178 -12.03 32.43 -23.79
N VAL C 179 -10.71 32.42 -24.05
CA VAL C 179 -9.73 33.12 -23.28
C VAL C 179 -10.01 34.62 -23.26
N HIS C 180 -10.52 35.22 -24.35
CA HIS C 180 -10.97 36.61 -24.35
C HIS C 180 -12.13 36.80 -23.38
N LEU C 181 -13.04 35.84 -23.41
CA LEU C 181 -14.24 35.76 -22.59
C LEU C 181 -13.96 35.29 -21.15
N VAL C 182 -12.71 35.20 -20.70
CA VAL C 182 -12.40 35.00 -19.27
C VAL C 182 -12.98 36.15 -18.40
N CYS C 183 -13.15 37.33 -18.99
CA CYS C 183 -13.71 38.53 -18.34
C CYS C 183 -15.23 38.71 -18.52
N GLU C 184 -15.96 37.71 -19.06
CA GLU C 184 -17.20 37.95 -19.82
C GLU C 184 -18.47 38.46 -19.10
N GLU C 185 -18.84 37.98 -17.90
CA GLU C 185 -20.20 38.23 -17.32
C GLU C 185 -21.35 37.97 -18.34
N THR C 186 -21.16 36.98 -19.22
CA THR C 186 -21.90 36.89 -20.49
C THR C 186 -23.40 36.65 -20.39
N ALA C 187 -23.90 36.28 -19.20
CA ALA C 187 -25.24 35.68 -19.02
C ALA C 187 -26.39 36.48 -19.68
N ASN C 188 -26.21 37.80 -19.75
CA ASN C 188 -27.11 38.76 -20.36
C ASN C 188 -27.26 38.61 -21.88
N TYR C 189 -26.17 38.65 -22.65
CA TYR C 189 -26.21 39.11 -24.04
C TYR C 189 -26.95 38.23 -25.04
N LEU C 190 -26.65 36.94 -25.01
CA LEU C 190 -27.16 35.88 -25.85
C LEU C 190 -28.65 35.71 -25.56
N VAL C 191 -29.05 35.93 -24.31
CA VAL C 191 -30.41 35.89 -23.88
C VAL C 191 -31.15 37.17 -24.23
N ILE C 192 -30.53 38.33 -24.14
CA ILE C 192 -31.09 39.58 -24.65
C ILE C 192 -31.27 39.49 -26.16
N TRP C 193 -30.40 38.75 -26.83
CA TRP C 193 -30.49 38.36 -28.21
C TRP C 193 -31.61 37.36 -28.44
N CYS C 194 -31.82 36.27 -27.69
CA CYS C 194 -33.07 35.51 -27.88
C CYS C 194 -34.32 36.33 -27.52
N ILE C 195 -34.21 37.34 -26.63
CA ILE C 195 -35.24 38.32 -26.36
C ILE C 195 -35.45 39.34 -27.51
N ASP C 196 -34.50 39.52 -28.44
CA ASP C 196 -34.49 40.69 -29.34
C ASP C 196 -35.68 40.73 -30.33
N LEU C 197 -36.01 39.57 -30.92
CA LEU C 197 -37.05 39.36 -31.95
C LEU C 197 -37.94 38.15 -31.64
N GLU C 198 -38.30 37.95 -30.38
CA GLU C 198 -39.12 36.82 -29.91
C GLU C 198 -40.44 36.65 -30.70
N VAL C 199 -41.00 37.76 -31.21
CA VAL C 199 -42.24 37.78 -32.01
C VAL C 199 -42.11 37.07 -33.37
N GLU C 200 -40.91 37.05 -33.96
CA GLU C 200 -40.67 36.82 -35.41
C GLU C 200 -39.51 35.85 -35.71
N GLU C 201 -38.61 35.60 -34.75
CA GLU C 201 -37.33 34.95 -35.05
C GLU C 201 -37.43 33.49 -35.54
N LYS C 202 -36.43 33.12 -36.33
CA LYS C 202 -36.23 31.82 -36.99
C LYS C 202 -35.57 30.82 -36.04
N CYS C 203 -36.00 29.57 -36.14
CA CYS C 203 -35.78 28.55 -35.11
C CYS C 203 -34.29 28.22 -34.91
N ALA C 204 -33.51 28.16 -35.99
CA ALA C 204 -32.11 27.73 -35.94
C ALA C 204 -31.25 28.63 -35.04
N LEU C 205 -31.33 29.95 -35.23
CA LEU C 205 -30.49 30.89 -34.47
C LEU C 205 -30.89 30.95 -33.00
N MET C 206 -32.19 30.84 -32.68
CA MET C 206 -32.59 30.74 -31.27
C MET C 206 -32.25 29.37 -30.66
N GLU C 207 -32.27 28.27 -31.42
CA GLU C 207 -31.84 26.98 -30.90
C GLU C 207 -30.34 26.97 -30.58
N GLN C 208 -29.55 27.76 -31.31
CA GLN C 208 -28.17 28.04 -30.93
C GLN C 208 -28.03 28.91 -29.68
N VAL C 209 -28.87 29.91 -29.44
CA VAL C 209 -28.92 30.50 -28.10
C VAL C 209 -29.23 29.47 -27.02
N ALA C 210 -30.17 28.54 -27.27
CA ALA C 210 -30.48 27.48 -26.28
C ALA C 210 -29.19 26.78 -25.89
N HIS C 211 -28.47 26.30 -26.92
CA HIS C 211 -27.22 25.56 -26.77
C HIS C 211 -26.17 26.40 -26.03
N GLN C 212 -25.81 27.58 -26.51
CA GLN C 212 -24.83 28.43 -25.86
C GLN C 212 -25.21 28.75 -24.43
N THR C 213 -26.47 29.16 -24.23
CA THR C 213 -26.88 29.56 -22.89
C THR C 213 -26.97 28.38 -21.95
N ILE C 214 -27.47 27.22 -22.36
CA ILE C 214 -27.52 26.09 -21.45
C ILE C 214 -26.12 25.66 -21.05
N VAL C 215 -25.18 25.59 -22.00
CA VAL C 215 -23.83 25.14 -21.65
C VAL C 215 -23.14 26.16 -20.77
N MET C 216 -23.11 27.44 -21.14
CA MET C 216 -22.48 28.52 -20.36
C MET C 216 -23.16 28.74 -18.99
N GLN C 217 -24.49 28.72 -18.93
CA GLN C 217 -25.24 28.97 -17.70
C GLN C 217 -25.04 27.85 -16.68
N PHE C 218 -25.01 26.59 -17.13
CA PHE C 218 -24.57 25.47 -16.29
C PHE C 218 -23.18 25.73 -15.73
N ILE C 219 -22.24 26.19 -16.56
CA ILE C 219 -20.87 26.47 -16.11
C ILE C 219 -20.86 27.59 -15.06
N LEU C 220 -21.59 28.67 -15.30
CA LEU C 220 -21.68 29.79 -14.38
C LEU C 220 -22.30 29.37 -13.04
N GLU C 221 -23.35 28.54 -13.06
CA GLU C 221 -23.91 27.91 -11.85
C GLU C 221 -22.85 27.07 -11.11
N LEU C 222 -22.04 26.29 -11.81
CA LEU C 222 -20.93 25.57 -11.16
C LEU C 222 -19.87 26.54 -10.62
N ALA C 223 -19.58 27.64 -11.30
CA ALA C 223 -18.62 28.66 -10.87
C ALA C 223 -19.06 29.46 -9.63
N LYS C 224 -20.38 29.57 -9.40
CA LYS C 224 -20.99 30.06 -8.15
C LYS C 224 -20.97 28.97 -7.08
N SER C 225 -21.15 27.72 -7.50
CA SER C 225 -21.21 26.50 -6.68
C SER C 225 -19.83 25.99 -6.22
N LEU C 226 -18.75 26.57 -6.72
CA LEU C 226 -17.36 26.19 -6.50
C LEU C 226 -16.50 27.47 -6.47
N LYS C 227 -15.18 27.37 -6.37
CA LYS C 227 -14.28 28.54 -6.48
C LYS C 227 -13.88 28.95 -7.93
N VAL C 228 -14.19 28.09 -8.90
CA VAL C 228 -13.48 27.99 -10.20
C VAL C 228 -13.67 29.19 -11.15
N ASP C 229 -12.67 29.44 -12.00
CA ASP C 229 -12.83 30.20 -13.23
C ASP C 229 -13.38 29.29 -14.35
N PRO C 230 -14.43 29.72 -15.09
CA PRO C 230 -14.95 29.09 -16.30
C PRO C 230 -13.98 28.79 -17.45
N ARG C 231 -12.74 29.30 -17.43
CA ARG C 231 -11.67 28.84 -18.32
C ARG C 231 -10.89 27.68 -17.70
N ALA C 232 -10.75 27.68 -16.37
CA ALA C 232 -10.02 26.65 -15.64
C ALA C 232 -10.84 25.34 -15.51
N CYS C 233 -12.07 25.43 -15.02
CA CYS C 233 -13.06 24.38 -15.26
C CYS C 233 -13.48 24.44 -16.73
N PHE C 234 -13.74 23.30 -17.37
CA PHE C 234 -13.54 23.18 -18.81
C PHE C 234 -14.34 22.07 -19.48
N ARG C 235 -14.51 22.15 -20.81
CA ARG C 235 -15.59 21.41 -21.51
C ARG C 235 -15.26 19.94 -21.79
N GLN C 236 -14.19 19.41 -21.19
CA GLN C 236 -13.93 17.96 -20.98
C GLN C 236 -15.14 17.22 -20.41
N PHE C 237 -15.92 17.89 -19.58
CA PHE C 237 -17.15 17.36 -18.96
C PHE C 237 -18.32 17.20 -19.96
N PHE C 238 -18.25 17.84 -21.12
CA PHE C 238 -19.26 17.77 -22.20
C PHE C 238 -19.22 16.45 -22.99
N THR C 239 -18.23 15.58 -22.73
CA THR C 239 -18.16 14.20 -23.25
C THR C 239 -19.26 13.28 -22.66
N LYS C 240 -19.83 13.63 -21.51
CA LYS C 240 -20.72 12.74 -20.74
C LYS C 240 -22.00 12.41 -21.52
N ILE C 241 -22.32 11.12 -21.64
CA ILE C 241 -23.51 10.58 -22.35
C ILE C 241 -24.84 10.86 -21.61
N LYS C 242 -24.75 11.38 -20.38
CA LYS C 242 -25.83 11.36 -19.38
C LYS C 242 -27.12 12.06 -19.81
N THR C 243 -28.19 11.46 -19.32
CA THR C 243 -29.61 11.83 -19.55
C THR C 243 -29.92 13.27 -19.12
N ALA C 244 -29.21 13.74 -18.10
CA ALA C 244 -29.21 15.13 -17.66
C ALA C 244 -28.85 16.15 -18.75
N ASP C 245 -28.04 15.85 -19.77
CA ASP C 245 -27.96 16.75 -20.92
C ASP C 245 -29.23 16.66 -21.79
N ARG C 246 -29.66 15.46 -22.18
CA ARG C 246 -30.66 15.28 -23.25
C ARG C 246 -32.09 15.68 -22.85
N GLN C 247 -32.55 15.15 -21.71
CA GLN C 247 -33.93 15.34 -21.26
C GLN C 247 -34.13 16.78 -20.77
N TYR C 248 -33.19 17.23 -19.95
CA TYR C 248 -33.28 18.53 -19.31
C TYR C 248 -33.09 19.68 -20.29
N MET C 249 -32.25 19.50 -21.32
CA MET C 249 -32.01 20.49 -22.38
C MET C 249 -33.30 20.84 -23.09
N GLU C 250 -34.00 19.84 -23.59
CA GLU C 250 -35.25 20.11 -24.30
C GLU C 250 -36.36 20.63 -23.38
N GLY C 251 -36.42 20.17 -22.13
CA GLY C 251 -37.36 20.71 -21.14
C GLY C 251 -37.18 22.21 -20.91
N PHE C 252 -35.95 22.66 -20.72
CA PHE C 252 -35.65 24.08 -20.59
C PHE C 252 -35.75 24.86 -21.92
N ASN C 253 -35.46 24.25 -23.07
CA ASN C 253 -35.70 24.89 -24.36
C ASN C 253 -37.16 25.33 -24.48
N ASP C 254 -38.09 24.43 -24.15
CA ASP C 254 -39.51 24.76 -24.14
C ASP C 254 -39.85 25.85 -23.12
N GLU C 255 -39.38 25.72 -21.87
CA GLU C 255 -39.68 26.70 -20.82
C GLU C 255 -39.23 28.12 -21.18
N LEU C 256 -37.97 28.27 -21.61
CA LEU C 256 -37.35 29.55 -21.90
C LEU C 256 -37.86 30.16 -23.21
N GLU C 257 -38.24 29.36 -24.19
CA GLU C 257 -38.90 29.90 -25.39
C GLU C 257 -40.33 30.35 -25.12
N ALA C 258 -41.10 29.55 -24.39
CA ALA C 258 -42.54 29.77 -24.27
C ALA C 258 -42.93 30.96 -23.40
N PHE C 259 -42.17 31.25 -22.33
CA PHE C 259 -42.61 32.20 -21.31
C PHE C 259 -42.61 33.68 -21.74
N LYS C 260 -41.65 34.10 -22.58
CA LYS C 260 -41.26 35.51 -22.76
C LYS C 260 -42.38 36.38 -23.35
N ASN D 1 -36.71 30.19 -13.93
CA ASN D 1 -36.10 29.99 -15.26
C ASN D 1 -34.79 29.19 -15.22
N ILE D 2 -33.68 29.69 -14.68
CA ILE D 2 -32.34 29.05 -14.75
C ILE D 2 -32.00 27.98 -13.66
N LEU D 3 -32.91 27.68 -12.73
CA LEU D 3 -32.59 27.13 -11.39
C LEU D 3 -32.20 25.64 -11.30
N LEU D 4 -32.85 24.75 -12.06
CA LEU D 4 -32.89 23.30 -11.76
C LEU D 4 -31.63 22.52 -12.19
N PHE D 5 -31.65 21.20 -11.95
CA PHE D 5 -30.65 20.23 -12.44
C PHE D 5 -29.23 20.42 -11.86
N MET D 6 -29.18 20.85 -10.59
CA MET D 6 -27.98 21.18 -9.79
C MET D 6 -26.89 20.10 -9.73
N GLY D 7 -27.23 18.80 -9.62
CA GLY D 7 -26.27 17.73 -9.37
C GLY D 7 -25.19 17.57 -10.46
N TYR D 8 -23.92 17.46 -10.07
CA TYR D 8 -22.77 17.66 -10.96
C TYR D 8 -21.77 16.50 -11.07
N MET D 9 -21.95 15.41 -10.29
CA MET D 9 -21.34 14.08 -10.54
C MET D 9 -19.82 14.11 -10.86
N THR D 10 -19.05 14.72 -9.95
CA THR D 10 -17.59 14.90 -10.10
C THR D 10 -16.77 13.61 -9.95
N LYS D 11 -15.46 13.69 -10.21
CA LYS D 11 -14.50 12.58 -10.12
C LYS D 11 -14.10 12.24 -8.69
N ASP D 12 -13.72 10.97 -8.43
CA ASP D 12 -13.24 10.45 -7.15
C ASP D 12 -11.82 9.86 -7.25
N ASN D 13 -11.04 9.96 -6.17
CA ASN D 13 -9.61 9.62 -6.14
C ASN D 13 -9.34 8.27 -5.44
N LEU D 14 -8.49 7.43 -6.04
CA LEU D 14 -8.02 6.13 -5.52
C LEU D 14 -6.49 6.04 -5.36
N ALA D 15 -5.75 7.14 -5.49
CA ALA D 15 -4.29 7.16 -5.32
C ALA D 15 -3.90 7.25 -3.82
N ILE D 16 -3.16 6.26 -3.33
CA ILE D 16 -2.81 6.09 -1.92
C ILE D 16 -1.30 6.20 -1.67
N VAL D 17 -0.88 7.12 -0.80
CA VAL D 17 0.50 7.23 -0.30
C VAL D 17 0.74 6.25 0.86
N THR D 18 0.84 4.96 0.54
CA THR D 18 0.86 3.85 1.51
C THR D 18 1.89 4.05 2.64
N GLN D 19 1.42 3.98 3.90
CA GLN D 19 2.26 4.02 5.10
C GLN D 19 3.31 2.92 5.08
N TRP D 20 4.52 3.23 5.55
CA TRP D 20 5.53 2.22 5.83
C TRP D 20 5.57 1.89 7.32
N CYS D 21 5.55 0.61 7.65
CA CYS D 21 5.69 0.12 9.02
C CYS D 21 7.03 0.60 9.62
N GLU D 22 7.00 1.30 10.75
CA GLU D 22 8.18 1.49 11.57
C GLU D 22 8.71 0.11 12.00
N GLY D 23 9.86 -0.35 11.49
CA GLY D 23 10.35 -1.68 11.80
C GLY D 23 10.84 -1.78 13.23
N SER D 24 10.72 -2.94 13.86
CA SER D 24 11.33 -3.24 15.14
C SER D 24 12.82 -3.52 14.95
N SER D 25 13.68 -3.06 15.86
CA SER D 25 15.01 -3.65 16.02
C SER D 25 14.86 -5.12 16.42
N LEU D 26 15.85 -5.99 16.16
CA LEU D 26 15.72 -7.35 16.71
C LEU D 26 15.78 -7.32 18.24
N TYR D 27 16.51 -6.38 18.87
CA TYR D 27 16.40 -6.19 20.32
C TYR D 27 14.95 -5.96 20.77
N LYS D 28 14.19 -5.12 20.05
CA LYS D 28 12.78 -4.84 20.36
C LYS D 28 11.96 -6.09 20.29
N HIS D 29 12.13 -6.84 19.22
CA HIS D 29 11.46 -8.09 18.88
C HIS D 29 11.83 -9.27 19.80
N LEU D 30 13.09 -9.43 20.20
CA LEU D 30 13.61 -10.53 20.99
C LEU D 30 13.65 -10.38 22.50
N HIS D 31 14.42 -9.42 23.03
CA HIS D 31 14.39 -9.10 24.47
C HIS D 31 13.41 -8.06 24.94
N VAL D 32 13.43 -6.90 24.28
CA VAL D 32 12.85 -5.68 24.88
C VAL D 32 11.33 -5.75 24.89
N GLN D 33 10.81 -6.44 23.89
CA GLN D 33 9.57 -7.19 23.88
C GLN D 33 9.99 -8.58 23.34
N GLU D 34 9.15 -9.60 23.48
CA GLU D 34 9.52 -10.99 23.13
C GLU D 34 8.57 -11.56 22.07
N THR D 35 8.19 -10.72 21.10
CA THR D 35 7.33 -11.08 19.97
C THR D 35 7.87 -12.32 19.24
N LYS D 36 6.99 -13.30 19.05
CA LYS D 36 7.16 -14.64 18.63
C LYS D 36 6.71 -14.84 17.20
N PHE D 37 7.55 -15.48 16.39
CA PHE D 37 7.24 -16.03 15.06
C PHE D 37 7.79 -17.47 14.96
N GLN D 38 7.25 -18.29 14.05
CA GLN D 38 7.73 -19.66 13.84
C GLN D 38 9.15 -19.68 13.27
N MET D 39 9.95 -20.70 13.63
CA MET D 39 11.40 -20.77 13.31
C MET D 39 11.70 -20.67 11.80
N PHE D 40 10.82 -21.15 10.93
CA PHE D 40 10.99 -20.96 9.48
C PHE D 40 11.02 -19.47 9.10
N GLN D 41 10.21 -18.63 9.74
CA GLN D 41 10.28 -17.19 9.53
C GLN D 41 11.61 -16.62 10.01
N LEU D 42 12.16 -17.11 11.12
CA LEU D 42 13.46 -16.68 11.62
C LEU D 42 14.58 -17.04 10.61
N ILE D 43 14.53 -18.22 10.01
CA ILE D 43 15.47 -18.59 8.95
C ILE D 43 15.23 -17.78 7.66
N ASP D 44 13.97 -17.47 7.32
CA ASP D 44 13.66 -16.58 6.21
C ASP D 44 14.25 -15.18 6.39
N ILE D 45 14.15 -14.57 7.57
CA ILE D 45 14.76 -13.25 7.80
C ILE D 45 16.29 -13.31 7.84
N ALA D 46 16.88 -14.44 8.26
CA ALA D 46 18.30 -14.68 8.02
C ALA D 46 18.60 -14.67 6.51
N ARG D 47 17.88 -15.45 5.69
CA ARG D 47 18.11 -15.43 4.23
C ARG D 47 17.96 -14.02 3.66
N GLN D 48 16.90 -13.31 4.01
CA GLN D 48 16.61 -11.97 3.51
C GLN D 48 17.76 -11.00 3.81
N THR D 49 18.26 -11.00 5.04
CA THR D 49 19.41 -10.15 5.41
C THR D 49 20.72 -10.63 4.82
N ALA D 50 20.88 -11.94 4.61
CA ALA D 50 22.06 -12.46 3.94
C ALA D 50 22.08 -12.03 2.46
N GLN D 51 20.95 -12.05 1.75
CA GLN D 51 20.85 -11.46 0.42
C GLN D 51 21.19 -9.97 0.46
N GLY D 52 20.64 -9.20 1.40
CA GLY D 52 20.99 -7.79 1.54
C GLY D 52 22.49 -7.57 1.72
N MET D 53 23.14 -8.29 2.63
CA MET D 53 24.58 -8.25 2.82
C MET D 53 25.38 -8.69 1.61
N ASP D 54 24.88 -9.65 0.86
CA ASP D 54 25.55 -10.12 -0.33
C ASP D 54 25.52 -9.03 -1.41
N TYR D 55 24.34 -8.49 -1.68
CA TYR D 55 24.14 -7.41 -2.64
C TYR D 55 24.98 -6.18 -2.26
N LEU D 56 25.08 -5.90 -0.96
CA LEU D 56 25.91 -4.86 -0.37
C LEU D 56 27.41 -5.07 -0.63
N HIS D 57 27.97 -6.18 -0.17
CA HIS D 57 29.43 -6.37 -0.20
C HIS D 57 30.02 -6.36 -1.60
N ALA D 58 29.25 -6.72 -2.61
CA ALA D 58 29.65 -6.63 -4.01
C ALA D 58 30.12 -5.23 -4.46
N LYS D 59 29.83 -4.18 -3.68
CA LYS D 59 30.14 -2.77 -3.95
C LYS D 59 31.24 -2.20 -3.06
N ASN D 60 32.08 -3.05 -2.46
CA ASN D 60 33.13 -2.64 -1.50
C ASN D 60 32.63 -1.74 -0.35
N ILE D 61 31.39 -1.93 0.09
CA ILE D 61 30.80 -1.05 1.08
C ILE D 61 30.73 -1.74 2.42
N ILE D 62 31.38 -1.10 3.38
CA ILE D 62 31.62 -1.55 4.74
C ILE D 62 31.11 -0.49 5.70
N HIS D 63 30.22 -0.91 6.59
CA HIS D 63 29.83 -0.24 7.82
C HIS D 63 30.32 -1.06 9.00
N ARG D 64 31.11 -0.48 9.91
CA ARG D 64 31.57 -1.23 11.09
C ARG D 64 30.44 -1.42 12.10
N ASP D 65 30.54 -2.45 12.94
CA ASP D 65 29.54 -2.77 13.99
C ASP D 65 28.15 -3.08 13.42
N MET D 66 28.08 -4.04 12.49
CA MET D 66 26.82 -4.67 12.08
C MET D 66 26.21 -5.45 13.25
N LYS D 67 24.93 -5.22 13.55
CA LYS D 67 24.27 -5.57 14.81
C LYS D 67 22.82 -5.96 14.55
N SER D 68 22.12 -6.41 15.58
CA SER D 68 20.78 -6.89 15.52
C SER D 68 19.77 -5.75 15.56
N ASN D 69 20.11 -4.58 15.96
CA ASN D 69 19.29 -3.41 16.07
C ASN D 69 19.25 -2.62 14.77
N ASN D 70 20.40 -2.43 14.10
CA ASN D 70 20.39 -1.57 12.93
C ASN D 70 19.58 -2.18 11.78
N ILE D 71 19.22 -3.47 11.84
CA ILE D 71 18.24 -4.20 11.05
C ILE D 71 16.80 -3.90 11.52
N PHE D 72 15.82 -3.76 10.63
CA PHE D 72 14.46 -3.44 11.00
C PHE D 72 13.52 -4.56 10.53
N LEU D 73 12.52 -4.96 11.33
CA LEU D 73 11.51 -5.95 10.96
C LEU D 73 10.14 -5.32 10.83
N HIS D 74 9.52 -5.49 9.67
CA HIS D 74 8.33 -4.76 9.25
C HIS D 74 7.13 -5.67 9.00
N GLU D 75 5.97 -5.11 8.65
CA GLU D 75 4.78 -5.88 8.28
C GLU D 75 5.04 -6.79 7.05
N GLY D 76 4.40 -7.97 7.02
CA GLY D 76 4.78 -9.09 6.16
C GLY D 76 6.08 -9.79 6.61
N LEU D 77 6.53 -10.79 5.84
CA LEU D 77 7.85 -11.44 6.02
C LEU D 77 8.98 -10.52 5.54
N THR D 78 9.33 -9.50 6.32
CA THR D 78 9.96 -8.30 5.80
C THR D 78 11.05 -7.78 6.75
N VAL D 79 12.32 -8.11 6.49
CA VAL D 79 13.46 -7.68 7.32
C VAL D 79 14.61 -7.09 6.51
N LYS D 80 15.10 -5.92 6.96
CA LYS D 80 15.70 -4.92 6.09
C LYS D 80 16.74 -4.04 6.83
N ILE D 81 17.95 -3.93 6.30
CA ILE D 81 19.11 -3.37 7.03
C ILE D 81 19.12 -1.82 7.04
N GLY D 82 19.36 -1.18 8.19
CA GLY D 82 19.43 0.23 8.41
C GLY D 82 20.70 0.70 9.08
N ASP D 83 20.72 1.97 9.47
CA ASP D 83 21.90 2.63 10.06
C ASP D 83 21.62 3.35 11.38
N PHE D 84 20.36 3.50 11.79
CA PHE D 84 19.97 4.22 12.96
C PHE D 84 20.56 3.55 14.20
N GLY D 85 20.40 2.29 14.38
CA GLY D 85 20.89 1.50 15.45
C GLY D 85 20.41 2.00 16.80
N GLY D 104 28.56 1.48 29.42
CA GLY D 104 28.62 1.92 28.04
C GLY D 104 27.56 1.29 27.13
N SER D 105 27.63 1.59 25.83
CA SER D 105 26.72 1.09 24.76
C SER D 105 27.02 -0.34 24.31
N VAL D 106 26.05 -1.04 23.70
CA VAL D 106 26.14 -2.47 23.34
C VAL D 106 26.76 -2.70 21.94
N LEU D 107 28.09 -2.79 21.89
CA LEU D 107 28.87 -3.06 20.67
C LEU D 107 29.11 -4.56 20.46
N TRP D 108 29.16 -4.99 19.19
CA TRP D 108 29.67 -6.32 18.78
C TRP D 108 30.73 -6.17 17.68
N MET D 109 31.86 -6.87 17.85
CA MET D 109 33.12 -6.56 17.17
C MET D 109 33.96 -7.82 16.92
N ALA D 110 34.70 -7.83 15.81
CA ALA D 110 35.85 -8.70 15.63
C ALA D 110 37.06 -8.09 16.36
N PRO D 111 37.92 -8.87 17.00
CA PRO D 111 38.99 -8.33 17.85
C PRO D 111 39.97 -7.41 17.13
N GLU D 112 40.15 -7.57 15.82
CA GLU D 112 40.98 -6.70 14.98
C GLU D 112 40.56 -5.23 15.05
N VAL D 113 39.26 -4.97 15.19
CA VAL D 113 38.62 -3.65 15.33
C VAL D 113 38.82 -3.07 16.73
N ILE D 114 38.95 -3.93 17.73
CA ILE D 114 39.00 -3.57 19.16
C ILE D 114 40.34 -2.91 19.51
N ARG D 115 41.40 -3.52 18.96
CA ARG D 115 42.79 -3.16 19.15
C ARG D 115 43.08 -1.81 18.50
N MET D 116 44.07 -1.11 19.05
CA MET D 116 44.64 0.12 18.48
C MET D 116 45.44 -0.11 17.19
N GLN D 117 45.76 -1.38 16.86
CA GLN D 117 46.85 -1.75 15.96
C GLN D 117 46.73 -1.14 14.56
N ASP D 118 45.62 -1.37 13.83
CA ASP D 118 45.46 -0.88 12.47
C ASP D 118 44.19 0.00 12.42
N ASN D 119 44.29 1.24 11.96
CA ASN D 119 43.24 2.23 12.18
C ASN D 119 42.05 2.15 11.21
N ASN D 120 42.10 1.46 10.14
CA ASN D 120 41.16 1.06 9.17
C ASN D 120 40.96 -0.45 9.09
N PRO D 121 40.32 -1.08 10.11
CA PRO D 121 40.02 -2.51 10.13
C PRO D 121 38.77 -2.83 9.27
N PHE D 122 38.85 -2.45 8.00
CA PHE D 122 37.74 -2.26 7.07
C PHE D 122 37.32 -3.56 6.35
N SER D 123 38.14 -4.60 6.37
CA SER D 123 38.02 -5.81 5.59
C SER D 123 36.71 -6.59 5.90
N PHE D 124 36.04 -7.09 4.86
CA PHE D 124 34.70 -7.70 4.83
C PHE D 124 34.45 -8.80 5.87
N GLN D 125 35.49 -9.55 6.22
CA GLN D 125 35.52 -10.65 7.18
C GLN D 125 34.97 -10.19 8.52
N SER D 126 35.27 -8.96 8.92
CA SER D 126 34.74 -8.38 10.15
C SER D 126 33.21 -8.39 10.12
N ASP D 127 32.63 -7.90 9.03
CA ASP D 127 31.18 -7.86 8.88
C ASP D 127 30.59 -9.26 8.80
N VAL D 128 31.27 -10.20 8.14
CA VAL D 128 30.83 -11.61 8.08
C VAL D 128 30.76 -12.19 9.49
N TYR D 129 31.73 -12.03 10.35
CA TYR D 129 31.76 -12.50 11.69
C TYR D 129 30.76 -11.76 12.55
N SER D 130 30.58 -10.45 12.33
CA SER D 130 29.50 -9.69 12.96
C SER D 130 28.11 -10.14 12.50
N TYR D 131 27.97 -10.60 11.26
CA TYR D 131 26.76 -11.29 10.81
C TYR D 131 26.60 -12.58 11.59
N GLY D 132 27.66 -13.37 11.76
CA GLY D 132 27.67 -14.58 12.58
C GLY D 132 27.20 -14.31 14.01
N ILE D 133 27.58 -13.18 14.61
CA ILE D 133 27.07 -12.76 15.91
C ILE D 133 25.57 -12.49 15.85
N VAL D 134 25.09 -11.71 14.90
CA VAL D 134 23.63 -11.47 14.80
C VAL D 134 22.85 -12.72 14.40
N LEU D 135 23.45 -13.64 13.67
CA LEU D 135 22.83 -14.93 13.45
C LEU D 135 22.74 -15.69 14.77
N TYR D 136 23.79 -15.67 15.62
CA TYR D 136 23.60 -16.29 16.92
C TYR D 136 22.55 -15.52 17.75
N GLU D 137 22.40 -14.19 17.70
CA GLU D 137 21.25 -13.55 18.34
C GLU D 137 19.92 -14.11 17.80
N LEU D 138 19.78 -14.31 16.50
CA LEU D 138 18.56 -14.88 15.91
C LEU D 138 18.25 -16.28 16.46
N MET D 139 19.29 -17.08 16.62
CA MET D 139 19.27 -18.44 17.21
C MET D 139 19.13 -18.53 18.75
N THR D 140 19.56 -17.51 19.49
CA THR D 140 19.49 -17.47 20.96
C THR D 140 18.34 -16.64 21.51
N GLY D 141 17.88 -15.63 20.79
CA GLY D 141 16.87 -14.66 21.22
C GLY D 141 17.20 -13.88 22.49
N GLU D 142 18.46 -13.92 22.93
CA GLU D 142 18.98 -13.26 24.12
C GLU D 142 20.43 -12.86 23.86
N LEU D 143 20.93 -11.78 24.48
CA LEU D 143 22.27 -11.27 24.20
C LEU D 143 23.34 -12.36 24.29
N PRO D 144 24.32 -12.42 23.36
CA PRO D 144 25.49 -13.24 23.57
C PRO D 144 26.22 -12.73 24.82
N TYR D 145 26.88 -13.64 25.54
CA TYR D 145 27.54 -13.30 26.82
C TYR D 145 26.58 -12.69 27.88
N SER D 146 25.26 -12.95 27.88
CA SER D 146 24.36 -12.18 28.77
C SER D 146 24.56 -12.47 30.26
N HIS D 147 24.79 -13.73 30.65
CA HIS D 147 25.07 -14.11 32.05
C HIS D 147 26.57 -14.17 32.38
N ILE D 148 27.43 -14.43 31.39
CA ILE D 148 28.83 -14.84 31.61
C ILE D 148 29.69 -13.74 32.25
N ASN D 149 29.51 -12.49 31.81
CA ASN D 149 30.51 -11.43 31.97
C ASN D 149 29.92 -10.08 32.40
N ASN D 150 30.75 -9.24 33.02
CA ASN D 150 30.63 -7.78 33.04
C ASN D 150 31.61 -7.16 32.02
N ARG D 151 31.70 -5.82 31.93
CA ARG D 151 32.41 -5.16 30.82
C ARG D 151 33.90 -5.50 30.75
N ASP D 152 34.58 -5.62 31.89
CA ASP D 152 36.03 -5.90 31.89
C ASP D 152 36.36 -7.24 31.23
N GLN D 153 35.66 -8.32 31.61
CA GLN D 153 35.91 -9.64 31.05
C GLN D 153 35.48 -9.75 29.59
N ILE D 154 34.31 -9.22 29.22
CA ILE D 154 33.80 -9.33 27.84
C ILE D 154 34.66 -8.52 26.86
N ILE D 155 35.20 -7.37 27.25
CA ILE D 155 36.17 -6.61 26.45
C ILE D 155 37.49 -7.38 26.33
N PHE D 156 38.10 -7.72 27.48
CA PHE D 156 39.47 -8.19 27.51
C PHE D 156 39.62 -9.54 26.83
N MET D 157 38.81 -10.52 27.23
CA MET D 157 38.95 -11.90 26.75
C MET D 157 38.66 -12.01 25.26
N VAL D 158 37.65 -11.29 24.74
CA VAL D 158 37.32 -11.23 23.30
C VAL D 158 38.45 -10.57 22.51
N GLY D 159 38.94 -9.41 22.96
CA GLY D 159 40.05 -8.70 22.32
C GLY D 159 41.31 -9.54 22.23
N ARG D 160 41.62 -10.31 23.29
CA ARG D 160 42.70 -11.31 23.34
C ARG D 160 42.42 -12.58 22.51
N GLY D 161 41.23 -12.69 21.90
CA GLY D 161 40.83 -13.83 21.06
C GLY D 161 40.50 -15.10 21.85
N TYR D 162 40.15 -15.01 23.08
CA TYR D 162 40.17 -15.96 24.17
C TYR D 162 38.78 -16.25 24.75
N ALA D 163 37.72 -16.08 23.96
CA ALA D 163 36.33 -16.20 24.44
C ALA D 163 35.33 -16.63 23.34
N SER D 164 34.23 -17.25 23.77
CA SER D 164 33.10 -17.65 22.94
C SER D 164 31.79 -17.48 23.72
N PRO D 165 30.68 -17.01 23.12
CA PRO D 165 29.36 -17.12 23.75
C PRO D 165 28.92 -18.59 23.82
N ASP D 166 28.14 -18.92 24.84
CA ASP D 166 27.69 -20.30 25.09
C ASP D 166 26.67 -20.80 24.05
N LEU D 167 26.73 -22.06 23.66
CA LEU D 167 25.72 -22.74 22.82
C LEU D 167 24.47 -23.18 23.62
N SER D 168 24.48 -22.99 24.94
CA SER D 168 23.35 -23.32 25.82
C SER D 168 22.06 -22.60 25.44
N LYS D 169 22.17 -21.33 25.03
CA LYS D 169 21.04 -20.47 24.64
C LYS D 169 20.60 -20.64 23.19
N LEU D 170 21.44 -21.21 22.32
CA LEU D 170 21.11 -21.52 20.93
C LEU D 170 20.02 -22.60 20.85
N TYR D 171 18.90 -22.32 20.16
CA TYR D 171 17.72 -23.19 20.23
C TYR D 171 17.89 -24.55 19.57
N LYS D 172 17.47 -25.61 20.27
CA LYS D 172 17.49 -26.99 19.77
C LYS D 172 16.27 -27.36 18.92
N ASN D 173 15.33 -26.43 18.74
CA ASN D 173 14.28 -26.56 17.72
C ASN D 173 14.81 -26.31 16.30
N CYS D 174 16.01 -25.71 16.13
CA CYS D 174 16.76 -25.72 14.88
C CYS D 174 17.18 -27.17 14.56
N PRO D 175 17.12 -27.57 13.27
CA PRO D 175 17.68 -28.83 12.81
C PRO D 175 19.19 -28.73 12.62
N LYS D 176 19.83 -29.89 12.49
CA LYS D 176 21.29 -30.06 12.39
C LYS D 176 21.93 -29.17 11.33
N ALA D 177 21.28 -29.01 10.17
CA ALA D 177 21.79 -28.27 9.03
C ALA D 177 22.19 -26.83 9.40
N MET D 178 21.26 -26.07 9.97
CA MET D 178 21.50 -24.67 10.28
C MET D 178 22.27 -24.53 11.59
N LYS D 179 22.00 -25.32 12.64
CA LYS D 179 22.79 -25.20 13.89
C LYS D 179 24.29 -25.49 13.67
N ARG D 180 24.66 -26.46 12.82
CA ARG D 180 26.06 -26.68 12.41
C ARG D 180 26.64 -25.51 11.62
N LEU D 181 25.88 -24.95 10.67
CA LEU D 181 26.30 -23.74 9.94
C LEU D 181 26.53 -22.56 10.89
N VAL D 182 25.66 -22.36 11.89
CA VAL D 182 25.84 -21.35 12.94
C VAL D 182 27.09 -21.65 13.79
N ALA D 183 27.35 -22.92 14.11
CA ALA D 183 28.58 -23.29 14.80
C ALA D 183 29.82 -22.95 13.94
N ASP D 184 29.76 -23.14 12.62
CA ASP D 184 30.79 -22.64 11.72
C ASP D 184 30.88 -21.10 11.74
N CYS D 185 29.77 -20.40 11.95
CA CYS D 185 29.75 -18.95 12.20
C CYS D 185 30.43 -18.55 13.51
N VAL D 186 30.55 -19.43 14.49
CA VAL D 186 31.49 -19.24 15.61
C VAL D 186 32.93 -19.50 15.15
N LYS D 187 33.20 -20.62 14.48
CA LYS D 187 34.56 -20.99 14.00
C LYS D 187 35.20 -19.89 13.14
N LYS D 188 34.41 -19.13 12.35
CA LYS D 188 34.91 -18.00 11.51
C LYS D 188 35.69 -16.95 12.29
N VAL D 189 35.55 -16.84 13.61
CA VAL D 189 36.49 -15.98 14.37
C VAL D 189 37.97 -16.34 14.14
N LYS D 190 38.25 -17.60 13.82
CA LYS D 190 39.59 -18.17 13.61
C LYS D 190 40.13 -17.95 12.18
N GLU D 191 39.36 -17.27 11.32
CA GLU D 191 39.42 -17.39 9.86
C GLU D 191 39.41 -16.03 9.15
N GLU D 192 39.81 -16.02 7.88
CA GLU D 192 39.88 -14.82 7.02
C GLU D 192 38.96 -14.91 5.78
N ARG D 193 37.91 -15.75 5.81
CA ARG D 193 37.15 -16.15 4.61
C ARG D 193 35.90 -15.26 4.34
N PRO D 194 35.84 -14.49 3.24
CA PRO D 194 34.70 -13.63 2.87
C PRO D 194 33.60 -14.42 2.14
N LEU D 195 32.98 -15.38 2.83
CA LEU D 195 32.13 -16.42 2.23
C LEU D 195 30.73 -15.96 1.77
N PHE D 196 30.31 -14.71 1.97
CA PHE D 196 28.89 -14.27 1.87
C PHE D 196 28.05 -14.90 0.72
N PRO D 197 28.45 -14.90 -0.58
CA PRO D 197 27.59 -15.55 -1.57
C PRO D 197 27.43 -17.05 -1.30
N GLN D 198 28.50 -17.73 -0.88
CA GLN D 198 28.49 -19.15 -0.53
C GLN D 198 27.73 -19.43 0.78
N ILE D 199 27.81 -18.54 1.78
CA ILE D 199 26.93 -18.62 2.95
C ILE D 199 25.49 -18.56 2.51
N LEU D 200 25.11 -17.56 1.69
CA LEU D 200 23.82 -17.41 1.10
C LEU D 200 23.34 -18.63 0.35
N SER D 201 24.22 -19.22 -0.46
CA SER D 201 23.90 -20.49 -1.11
C SER D 201 23.60 -21.54 -0.06
N SER D 202 24.45 -21.63 0.97
CA SER D 202 24.36 -22.69 1.95
C SER D 202 23.05 -22.61 2.70
N ILE D 203 22.72 -21.44 3.28
CA ILE D 203 21.47 -21.28 4.02
C ILE D 203 20.24 -21.50 3.13
N GLU D 204 20.27 -21.00 1.88
CA GLU D 204 19.21 -21.10 0.94
C GLU D 204 18.91 -22.57 0.65
N LEU D 205 19.95 -23.27 0.26
CA LEU D 205 19.77 -24.68 -0.07
C LEU D 205 19.36 -25.51 1.16
N LEU D 206 19.89 -25.21 2.34
CA LEU D 206 19.48 -25.90 3.57
C LEU D 206 18.01 -25.61 3.95
N GLN D 207 17.40 -24.55 3.42
CA GLN D 207 15.94 -24.43 3.45
C GLN D 207 15.28 -25.35 2.43
N GLY E 27 -66.30 -0.57 79.29
CA GLY E 27 -66.01 -1.30 78.08
C GLY E 27 -64.62 -1.89 78.08
N ALA E 28 -64.45 -3.10 77.56
CA ALA E 28 -63.18 -3.87 77.61
C ALA E 28 -61.98 -3.16 76.97
N LEU E 29 -62.21 -2.33 75.95
CA LEU E 29 -61.18 -1.51 75.28
C LEU E 29 -60.36 -0.69 76.27
N LYS E 30 -60.99 -0.11 77.30
CA LYS E 30 -60.29 0.72 78.30
C LYS E 30 -59.26 -0.10 79.10
N ARG E 31 -59.55 -1.36 79.39
CA ARG E 31 -58.60 -2.30 80.01
C ARG E 31 -57.44 -2.61 79.07
N ALA E 32 -57.73 -2.84 77.78
CA ALA E 32 -56.68 -2.98 76.76
C ALA E 32 -55.84 -1.69 76.58
N GLU E 33 -56.41 -0.50 76.71
CA GLU E 33 -55.70 0.79 76.70
C GLU E 33 -54.78 0.97 77.93
N GLU E 34 -55.24 0.59 79.13
CA GLU E 34 -54.39 0.56 80.32
C GLU E 34 -53.24 -0.45 80.18
N LEU E 35 -53.53 -1.65 79.67
CA LEU E 35 -52.56 -2.67 79.30
C LEU E 35 -51.59 -2.16 78.23
N LYS E 36 -52.02 -1.28 77.31
CA LYS E 36 -51.14 -0.60 76.34
C LYS E 36 -50.21 0.43 76.98
N THR E 37 -50.63 1.13 78.03
CA THR E 37 -49.69 2.02 78.76
C THR E 37 -48.54 1.21 79.37
N GLN E 38 -48.82 0.11 80.08
CA GLN E 38 -47.73 -0.76 80.57
C GLN E 38 -47.00 -1.49 79.42
N ALA E 39 -47.67 -1.79 78.30
CA ALA E 39 -47.05 -2.33 77.09
C ALA E 39 -45.99 -1.40 76.52
N ASN E 40 -46.19 -0.08 76.50
CA ASN E 40 -45.17 0.85 76.04
C ASN E 40 -43.96 0.85 77.00
N ASP E 41 -44.17 0.76 78.31
CA ASP E 41 -43.05 0.57 79.24
C ASP E 41 -42.28 -0.74 78.96
N TYR E 42 -43.01 -1.85 78.84
CA TYR E 42 -42.50 -3.19 78.54
C TYR E 42 -41.79 -3.28 77.20
N PHE E 43 -42.33 -2.71 76.15
CA PHE E 43 -41.78 -2.62 74.76
C PHE E 43 -40.38 -1.92 74.82
N LYS E 44 -40.30 -0.79 75.52
CA LYS E 44 -39.05 -0.05 75.73
C LYS E 44 -38.07 -0.79 76.66
N ALA E 45 -38.53 -1.87 77.31
CA ALA E 45 -37.74 -2.86 78.04
C ALA E 45 -37.66 -4.25 77.33
N LYS E 46 -37.97 -4.32 76.03
CA LYS E 46 -37.94 -5.53 75.17
C LYS E 46 -38.82 -6.72 75.61
N ASP E 47 -39.83 -6.50 76.45
CA ASP E 47 -40.84 -7.51 76.80
C ASP E 47 -42.05 -7.47 75.82
N TYR E 48 -41.76 -7.73 74.54
CA TYR E 48 -42.69 -7.56 73.41
C TYR E 48 -43.89 -8.52 73.44
N GLU E 49 -43.76 -9.73 73.97
CA GLU E 49 -44.81 -10.74 73.88
C GLU E 49 -46.05 -10.36 74.69
N ASN E 50 -45.85 -9.80 75.89
CA ASN E 50 -46.92 -9.21 76.70
C ASN E 50 -47.62 -8.09 75.92
N ALA E 51 -46.84 -7.15 75.38
CA ALA E 51 -47.39 -6.05 74.59
C ALA E 51 -48.26 -6.56 73.44
N ILE E 52 -47.78 -7.54 72.68
CA ILE E 52 -48.48 -8.07 71.50
C ILE E 52 -49.77 -8.82 71.89
N LYS E 53 -49.80 -9.52 73.02
CA LYS E 53 -51.06 -10.07 73.58
C LYS E 53 -52.07 -8.97 73.87
N PHE E 54 -51.66 -7.87 74.49
CA PHE E 54 -52.54 -6.74 74.77
C PHE E 54 -52.98 -6.00 73.49
N TYR E 55 -52.11 -5.93 72.47
CA TYR E 55 -52.45 -5.39 71.14
C TYR E 55 -53.54 -6.23 70.46
N SER E 56 -53.46 -7.55 70.54
CA SER E 56 -54.49 -8.45 70.02
C SER E 56 -55.83 -8.24 70.73
N GLN E 57 -55.83 -8.19 72.06
CA GLN E 57 -57.04 -7.90 72.85
C GLN E 57 -57.68 -6.55 72.49
N ALA E 58 -56.88 -5.51 72.24
CA ALA E 58 -57.37 -4.21 71.80
C ALA E 58 -58.08 -4.27 70.45
N ILE E 59 -57.49 -4.88 69.40
CA ILE E 59 -58.08 -5.00 68.04
C ILE E 59 -59.27 -5.97 67.98
N GLU E 60 -59.27 -7.01 68.81
CA GLU E 60 -60.40 -7.94 68.96
C GLU E 60 -61.75 -7.31 69.24
N LEU E 61 -61.69 -6.10 69.82
CA LEU E 61 -62.83 -5.19 69.94
C LEU E 61 -62.75 -4.01 68.97
N ASN E 62 -61.68 -3.19 69.01
CA ASN E 62 -61.67 -1.84 68.43
C ASN E 62 -60.94 -1.77 67.08
N PRO E 63 -61.62 -1.38 65.99
CA PRO E 63 -61.02 -1.21 64.67
C PRO E 63 -60.38 0.18 64.43
N SER E 64 -60.48 1.13 65.38
CA SER E 64 -60.43 2.58 65.07
C SER E 64 -59.40 3.43 65.85
N ASN E 65 -58.65 2.85 66.80
CA ASN E 65 -57.63 3.55 67.60
C ASN E 65 -56.31 3.74 66.82
N ALA E 66 -56.33 4.58 65.78
CA ALA E 66 -55.47 4.79 64.65
C ALA E 66 -54.04 5.08 65.13
N ILE E 67 -53.85 5.98 66.09
CA ILE E 67 -52.51 6.39 66.54
C ILE E 67 -51.80 5.20 67.23
N TYR E 68 -52.51 4.51 68.12
CA TYR E 68 -52.07 3.29 68.74
C TYR E 68 -52.07 2.10 67.74
N TYR E 69 -52.83 2.05 66.64
CA TYR E 69 -52.52 1.06 65.59
C TYR E 69 -51.20 1.29 64.99
N GLY E 70 -50.98 2.52 64.59
CA GLY E 70 -49.64 2.81 64.06
C GLY E 70 -48.51 2.47 65.03
N ASN E 71 -48.73 2.54 66.35
CA ASN E 71 -47.72 2.08 67.31
C ASN E 71 -47.62 0.54 67.38
N ARG E 72 -48.73 -0.21 67.26
CA ARG E 72 -48.53 -1.65 67.02
C ARG E 72 -47.87 -1.88 65.66
N SER E 73 -48.11 -1.04 64.64
CA SER E 73 -47.42 -1.12 63.37
C SER E 73 -45.89 -0.96 63.52
N LEU E 74 -45.44 0.03 64.29
CA LEU E 74 -44.03 0.20 64.68
C LEU E 74 -43.49 -0.99 65.50
N ALA E 75 -44.18 -1.40 66.56
CA ALA E 75 -43.70 -2.49 67.41
C ALA E 75 -43.59 -3.79 66.63
N TYR E 76 -44.51 -4.00 65.69
CA TYR E 76 -44.50 -5.09 64.75
C TYR E 76 -43.30 -5.04 63.80
N LEU E 77 -43.02 -3.88 63.19
CA LEU E 77 -41.81 -3.64 62.40
C LEU E 77 -40.54 -4.02 63.19
N ARG E 78 -40.42 -3.57 64.45
CA ARG E 78 -39.26 -3.90 65.31
C ARG E 78 -39.17 -5.41 65.58
N THR E 79 -40.34 -6.05 65.73
CA THR E 79 -40.49 -7.51 65.85
C THR E 79 -40.71 -8.21 64.50
N GLU E 80 -40.40 -7.66 63.35
CA GLU E 80 -40.45 -8.08 62.02
C GLU E 80 -41.84 -8.64 61.60
N CYS E 81 -42.93 -8.25 62.28
CA CYS E 81 -44.29 -8.60 61.96
C CYS E 81 -44.77 -7.62 60.88
N TYR E 82 -44.20 -7.70 59.72
CA TYR E 82 -44.40 -6.82 58.61
C TYR E 82 -45.86 -6.82 58.19
N GLY E 83 -46.47 -7.95 58.02
CA GLY E 83 -47.77 -8.12 57.45
C GLY E 83 -48.83 -7.44 58.29
N TYR E 84 -48.86 -7.66 59.60
CA TYR E 84 -49.83 -7.08 60.51
C TYR E 84 -49.84 -5.57 60.47
N ALA E 85 -48.65 -4.98 60.61
CA ALA E 85 -48.43 -3.57 60.61
C ALA E 85 -48.84 -2.99 59.25
N LEU E 86 -48.42 -3.61 58.14
CA LEU E 86 -48.75 -3.16 56.79
C LEU E 86 -50.26 -3.14 56.56
N GLY E 87 -50.98 -4.17 57.02
CA GLY E 87 -52.39 -4.27 56.91
C GLY E 87 -53.10 -3.25 57.78
N ASP E 88 -52.62 -3.03 59.01
CA ASP E 88 -53.11 -2.04 59.99
C ASP E 88 -53.01 -0.61 59.47
N ALA E 89 -51.90 -0.30 58.85
CA ALA E 89 -51.70 1.01 58.26
C ALA E 89 -52.59 1.16 57.02
N THR E 90 -52.63 0.17 56.11
CA THR E 90 -53.47 0.22 54.91
C THR E 90 -54.95 0.44 55.23
N ARG E 91 -55.53 -0.33 56.17
CA ARG E 91 -56.89 -0.24 56.58
C ARG E 91 -57.16 1.13 57.21
N ALA E 92 -56.32 1.63 58.06
CA ALA E 92 -56.45 2.88 58.73
C ALA E 92 -56.47 4.02 57.73
N ILE E 93 -55.52 3.98 56.76
CA ILE E 93 -55.38 5.00 55.69
C ILE E 93 -56.55 4.97 54.70
N GLU E 94 -57.14 3.80 54.47
CA GLU E 94 -58.29 3.59 53.65
C GLU E 94 -59.51 4.18 54.33
N LEU E 95 -59.73 3.95 55.59
CA LEU E 95 -60.79 4.48 56.37
C LEU E 95 -60.49 5.90 56.85
N ASP E 96 -59.26 6.28 57.01
CA ASP E 96 -58.78 7.58 57.39
C ASP E 96 -57.71 8.01 56.41
N LYS E 97 -58.04 8.73 55.38
CA LYS E 97 -57.16 9.21 54.36
C LYS E 97 -56.22 10.29 54.87
N LYS E 98 -56.51 10.90 56.03
CA LYS E 98 -55.70 11.93 56.71
C LYS E 98 -54.63 11.35 57.66
N TYR E 99 -54.58 10.04 57.93
CA TYR E 99 -53.66 9.45 58.93
C TYR E 99 -52.19 9.38 58.45
N ILE E 100 -51.56 10.56 58.49
CA ILE E 100 -50.20 10.88 58.06
C ILE E 100 -49.11 10.08 58.79
N LYS E 101 -49.21 9.93 60.12
CA LYS E 101 -48.28 9.06 60.86
C LYS E 101 -48.41 7.61 60.43
N GLY E 102 -49.62 7.13 60.11
CA GLY E 102 -49.83 5.80 59.54
C GLY E 102 -49.14 5.63 58.19
N TYR E 103 -49.26 6.59 57.26
CA TYR E 103 -48.52 6.57 55.99
C TYR E 103 -47.00 6.55 56.22
N TYR E 104 -46.50 7.31 57.20
CA TYR E 104 -45.09 7.29 57.57
C TYR E 104 -44.66 5.91 58.09
N ARG E 105 -45.43 5.28 58.98
CA ARG E 105 -45.17 3.91 59.45
C ARG E 105 -45.19 2.90 58.30
N ARG E 106 -46.15 3.03 57.38
CA ARG E 106 -46.32 2.13 56.24
C ARG E 106 -45.10 2.20 55.33
N ALA E 107 -44.68 3.41 54.97
CA ALA E 107 -43.48 3.64 54.17
C ALA E 107 -42.20 3.13 54.85
N ALA E 108 -42.06 3.32 56.16
CA ALA E 108 -40.94 2.78 56.93
C ALA E 108 -40.91 1.24 56.91
N SER E 109 -42.06 0.59 57.06
CA SER E 109 -42.20 -0.86 56.96
C SER E 109 -41.88 -1.38 55.54
N ASN E 110 -42.35 -0.67 54.50
CA ASN E 110 -42.04 -0.98 53.12
C ASN E 110 -40.53 -0.92 52.84
N MET E 111 -39.86 0.16 53.30
CA MET E 111 -38.41 0.30 53.22
C MET E 111 -37.71 -0.88 53.91
N ALA E 112 -38.13 -1.24 55.13
CA ALA E 112 -37.52 -2.34 55.88
C ALA E 112 -37.66 -3.69 55.17
N LEU E 113 -38.81 -3.92 54.53
CA LEU E 113 -39.10 -5.08 53.68
C LEU E 113 -38.29 -5.07 52.36
N GLY E 114 -37.72 -3.93 51.95
CA GLY E 114 -37.00 -3.70 50.75
C GLY E 114 -37.80 -3.13 49.59
N LYS E 115 -39.01 -2.60 49.79
CA LYS E 115 -39.87 -2.06 48.72
C LYS E 115 -39.80 -0.53 48.65
N PHE E 116 -39.07 0.03 47.67
CA PHE E 116 -38.91 1.48 47.55
C PHE E 116 -40.14 2.16 46.92
N ARG E 117 -40.64 1.73 45.76
CA ARG E 117 -41.72 2.45 45.07
C ARG E 117 -43.03 2.61 45.88
N ALA E 118 -43.41 1.61 46.67
CA ALA E 118 -44.56 1.72 47.58
C ALA E 118 -44.30 2.74 48.70
N ALA E 119 -43.11 2.70 49.30
CA ALA E 119 -42.69 3.69 50.28
C ALA E 119 -42.71 5.12 49.69
N LEU E 120 -42.30 5.30 48.43
CA LEU E 120 -42.41 6.60 47.76
C LEU E 120 -43.86 7.05 47.63
N ARG E 121 -44.77 6.17 47.20
CA ARG E 121 -46.20 6.53 47.08
C ARG E 121 -46.78 6.94 48.42
N ASP E 122 -46.47 6.21 49.48
CA ASP E 122 -46.86 6.59 50.83
C ASP E 122 -46.21 7.91 51.28
N TYR E 123 -44.89 8.06 51.13
CA TYR E 123 -44.17 9.28 51.48
C TYR E 123 -44.72 10.50 50.72
N GLU E 124 -44.90 10.44 49.42
CA GLU E 124 -45.57 11.48 48.63
C GLU E 124 -46.96 11.79 49.22
N THR E 125 -47.69 10.76 49.66
CA THR E 125 -49.03 10.96 50.19
C THR E 125 -49.02 11.59 51.59
N VAL E 126 -48.09 11.18 52.49
CA VAL E 126 -47.80 11.88 53.77
C VAL E 126 -47.49 13.34 53.46
N VAL E 127 -46.54 13.54 52.56
CA VAL E 127 -46.00 14.86 52.20
C VAL E 127 -47.05 15.78 51.58
N LYS E 128 -47.99 15.29 50.76
CA LYS E 128 -49.07 16.15 50.22
C LYS E 128 -50.21 16.37 51.21
N VAL E 129 -50.53 15.38 52.04
CA VAL E 129 -51.58 15.51 53.07
C VAL E 129 -51.10 16.42 54.21
N LYS E 130 -49.84 16.31 54.64
CA LYS E 130 -49.26 17.17 55.69
C LYS E 130 -47.84 17.55 55.25
N PRO E 131 -47.74 18.61 54.44
CA PRO E 131 -46.44 19.12 54.00
C PRO E 131 -45.58 19.71 55.11
N HIS E 132 -46.08 20.00 56.27
CA HIS E 132 -45.46 20.77 57.32
C HIS E 132 -44.47 19.96 58.15
N ASP E 133 -44.49 18.64 58.08
CA ASP E 133 -43.57 17.76 58.83
C ASP E 133 -42.34 17.50 57.94
N LYS E 134 -41.23 18.17 58.25
CA LYS E 134 -39.95 18.02 57.54
C LYS E 134 -39.32 16.63 57.72
N ASP E 135 -39.67 15.86 58.75
CA ASP E 135 -39.14 14.50 58.94
C ASP E 135 -39.64 13.54 57.85
N ALA E 136 -40.94 13.60 57.53
CA ALA E 136 -41.49 12.90 56.38
C ALA E 136 -40.87 13.39 55.05
N LYS E 137 -40.73 14.71 54.89
CA LYS E 137 -40.20 15.33 53.65
C LYS E 137 -38.74 14.94 53.38
N MET E 138 -37.84 15.06 54.36
CA MET E 138 -36.43 14.68 54.17
C MET E 138 -36.30 13.19 53.87
N LYS E 139 -37.10 12.32 54.53
CA LYS E 139 -37.07 10.89 54.27
C LYS E 139 -37.58 10.58 52.86
N TYR E 140 -38.64 11.24 52.41
CA TYR E 140 -39.15 11.06 51.05
C TYR E 140 -38.05 11.34 50.02
N GLN E 141 -37.36 12.47 50.15
CA GLN E 141 -36.32 12.83 49.19
C GLN E 141 -35.07 11.96 49.29
N GLU E 142 -34.69 11.50 50.48
CA GLU E 142 -33.64 10.50 50.63
C GLU E 142 -33.99 9.21 49.89
N CYS E 143 -35.22 8.70 50.08
CA CYS E 143 -35.69 7.51 49.38
C CYS E 143 -35.81 7.74 47.86
N ASN E 144 -36.23 8.92 47.40
CA ASN E 144 -36.18 9.27 45.97
C ASN E 144 -34.74 9.17 45.44
N LYS E 145 -33.77 9.74 46.16
CA LYS E 145 -32.35 9.71 45.77
C LYS E 145 -31.81 8.27 45.72
N ILE E 146 -32.17 7.43 46.69
CA ILE E 146 -31.87 6.00 46.67
C ILE E 146 -32.50 5.31 45.44
N VAL E 147 -33.76 5.61 45.12
CA VAL E 147 -34.42 5.06 43.92
C VAL E 147 -33.74 5.49 42.61
N LYS E 148 -33.17 6.69 42.53
CA LYS E 148 -32.40 7.11 41.34
C LYS E 148 -31.24 6.16 41.04
N GLN E 149 -30.58 5.60 42.07
CA GLN E 149 -29.53 4.58 41.85
C GLN E 149 -30.10 3.33 41.18
N LYS E 150 -31.17 2.73 41.72
CA LYS E 150 -31.77 1.52 41.12
C LYS E 150 -32.35 1.77 39.72
N ALA E 151 -32.93 2.94 39.49
CA ALA E 151 -33.39 3.36 38.18
C ALA E 151 -32.22 3.46 37.17
N PHE E 152 -31.14 4.14 37.55
CA PHE E 152 -29.93 4.23 36.74
C PHE E 152 -29.32 2.85 36.46
N GLU E 153 -29.26 1.97 37.47
CA GLU E 153 -28.81 0.58 37.31
C GLU E 153 -29.63 -0.19 36.27
N ARG E 154 -30.96 -0.07 36.29
CA ARG E 154 -31.82 -0.67 35.26
C ARG E 154 -31.63 -0.06 33.87
N ALA E 155 -31.21 1.20 33.77
CA ALA E 155 -30.91 1.85 32.50
C ALA E 155 -29.51 1.58 31.93
N ILE E 156 -28.52 1.25 32.77
CA ILE E 156 -27.12 1.08 32.33
C ILE E 156 -26.71 -0.38 32.06
N ALA E 157 -27.29 -1.34 32.79
CA ALA E 157 -26.86 -2.75 32.82
C ALA E 157 -27.08 -3.56 31.52
N GLY E 158 -26.38 -4.69 31.42
CA GLY E 158 -26.50 -5.71 30.37
C GLY E 158 -25.76 -7.00 30.76
N ASP E 159 -25.95 -8.10 30.02
CA ASP E 159 -25.34 -9.39 30.37
C ASP E 159 -23.80 -9.40 30.20
N GLU E 160 -23.08 -9.90 31.20
CA GLU E 160 -21.61 -9.85 31.25
C GLU E 160 -20.91 -10.98 30.48
N HIS E 161 -21.12 -11.02 29.16
CA HIS E 161 -20.37 -11.87 28.21
C HIS E 161 -20.36 -11.26 26.81
N LYS E 162 -19.41 -11.64 25.94
CA LYS E 162 -19.56 -11.41 24.48
C LYS E 162 -20.62 -12.36 23.93
N ARG E 163 -21.50 -11.90 23.04
CA ARG E 163 -22.69 -12.68 22.63
C ARG E 163 -22.33 -13.83 21.68
N SER E 164 -21.63 -13.53 20.59
CA SER E 164 -20.97 -14.51 19.70
C SER E 164 -21.87 -15.71 19.33
N VAL E 165 -21.49 -16.92 19.76
CA VAL E 165 -21.97 -18.26 19.38
C VAL E 165 -23.51 -18.42 19.52
N VAL E 166 -24.18 -17.64 20.37
CA VAL E 166 -25.67 -17.60 20.43
C VAL E 166 -26.27 -17.33 19.03
N ASP E 167 -25.56 -16.62 18.16
CA ASP E 167 -25.91 -16.48 16.76
C ASP E 167 -26.11 -17.85 16.05
N SER E 168 -25.43 -18.93 16.45
CA SER E 168 -25.66 -20.29 15.94
C SER E 168 -27.10 -20.77 16.14
N LEU E 169 -27.78 -20.36 17.22
CA LEU E 169 -29.22 -20.59 17.38
C LEU E 169 -30.01 -19.81 16.32
N ASP E 170 -29.64 -18.55 16.11
CA ASP E 170 -30.33 -17.70 15.15
C ASP E 170 -30.19 -18.24 13.72
N ILE E 171 -28.97 -18.60 13.32
CA ILE E 171 -28.65 -19.19 12.01
C ILE E 171 -29.48 -20.46 11.76
N GLU E 172 -29.53 -21.40 12.71
CA GLU E 172 -30.35 -22.60 12.54
C GLU E 172 -31.83 -22.29 12.50
N SER E 173 -32.31 -21.45 13.42
CA SER E 173 -33.71 -21.08 13.45
C SER E 173 -34.10 -20.36 12.15
N MET E 174 -33.10 -19.83 11.40
CA MET E 174 -33.39 -19.24 10.09
C MET E 174 -33.35 -20.25 8.92
N THR E 175 -32.88 -21.48 9.16
CA THR E 175 -32.94 -22.63 8.23
C THR E 175 -32.49 -22.28 6.80
N ILE E 176 -31.23 -21.84 6.65
CA ILE E 176 -30.71 -21.34 5.36
C ILE E 176 -30.70 -22.45 4.28
N GLU E 177 -30.36 -23.67 4.69
CA GLU E 177 -30.82 -24.93 4.11
C GLU E 177 -31.04 -25.91 5.28
N ASP E 178 -31.88 -26.92 5.11
CA ASP E 178 -32.36 -27.76 6.22
C ASP E 178 -31.73 -29.18 6.28
N GLU E 179 -31.57 -29.89 5.20
CA GLU E 179 -31.04 -31.24 5.12
C GLU E 179 -30.40 -31.59 3.78
N TYR E 180 -29.65 -32.70 3.76
CA TYR E 180 -28.54 -32.96 2.84
C TYR E 180 -28.58 -34.42 2.33
N SER E 181 -27.78 -34.77 1.32
CA SER E 181 -27.83 -36.10 0.71
C SER E 181 -27.40 -37.24 1.65
N GLY E 182 -26.47 -36.99 2.57
CA GLY E 182 -25.97 -37.96 3.55
C GLY E 182 -26.82 -38.09 4.83
N PRO E 183 -26.79 -37.09 5.73
CA PRO E 183 -27.49 -37.10 7.02
C PRO E 183 -28.99 -36.81 6.92
N LYS E 184 -29.71 -37.26 7.96
CA LYS E 184 -31.17 -37.09 8.14
C LYS E 184 -31.50 -36.50 9.52
N LEU E 185 -30.61 -35.67 10.09
CA LEU E 185 -30.56 -35.41 11.54
C LEU E 185 -31.90 -34.97 12.18
N GLU E 186 -32.18 -35.50 13.37
CA GLU E 186 -33.26 -35.04 14.24
C GLU E 186 -32.94 -33.67 14.90
N ASP E 187 -33.95 -32.96 15.40
CA ASP E 187 -33.82 -31.68 16.12
C ASP E 187 -32.85 -31.73 17.33
N GLY E 188 -32.76 -32.88 17.99
CA GLY E 188 -31.89 -33.16 19.13
C GLY E 188 -32.03 -34.63 19.53
N LYS E 189 -31.00 -35.21 20.14
CA LYS E 189 -30.87 -36.67 20.34
C LYS E 189 -31.05 -37.45 19.02
N VAL E 190 -30.16 -37.16 18.08
CA VAL E 190 -29.98 -37.90 16.81
C VAL E 190 -29.96 -39.41 17.06
N THR E 191 -30.70 -40.20 16.27
CA THR E 191 -30.79 -41.66 16.50
C THR E 191 -29.41 -42.34 16.39
N ILE E 192 -29.22 -43.47 17.07
CA ILE E 192 -27.98 -44.28 16.93
C ILE E 192 -27.80 -44.73 15.47
N SER E 193 -28.89 -45.06 14.76
CA SER E 193 -28.84 -45.36 13.32
C SER E 193 -28.36 -44.17 12.46
N PHE E 194 -28.71 -42.94 12.79
CA PHE E 194 -28.17 -41.76 12.11
C PHE E 194 -26.73 -41.46 12.53
N MET E 195 -26.34 -41.66 13.79
CA MET E 195 -24.93 -41.58 14.20
C MET E 195 -24.08 -42.63 13.46
N LYS E 196 -24.64 -43.84 13.26
CA LYS E 196 -24.03 -44.89 12.44
C LYS E 196 -23.88 -44.42 11.00
N GLU E 197 -24.95 -43.92 10.37
CA GLU E 197 -24.96 -43.34 9.01
C GLU E 197 -23.87 -42.27 8.82
N LEU E 198 -23.78 -41.34 9.76
CA LEU E 198 -22.82 -40.25 9.77
C LEU E 198 -21.38 -40.74 9.73
N MET E 199 -21.05 -41.71 10.59
CA MET E 199 -19.79 -42.45 10.54
C MET E 199 -19.57 -43.16 9.19
N GLN E 200 -20.58 -43.81 8.60
CA GLN E 200 -20.34 -44.58 7.39
C GLN E 200 -20.31 -43.74 6.10
N TRP E 201 -20.70 -42.47 6.07
CA TRP E 201 -20.23 -41.57 4.99
C TRP E 201 -19.09 -40.64 5.40
N TYR E 202 -18.53 -40.80 6.60
CA TYR E 202 -17.16 -40.34 6.89
C TYR E 202 -16.15 -41.35 6.31
N LYS E 203 -16.50 -42.64 6.21
CA LYS E 203 -15.84 -43.59 5.29
C LYS E 203 -15.90 -43.10 3.84
N ASP E 204 -17.08 -42.67 3.38
CA ASP E 204 -17.25 -42.08 2.03
C ASP E 204 -16.62 -40.68 1.88
N GLN E 205 -16.21 -40.07 3.01
CA GLN E 205 -15.64 -38.73 3.18
C GLN E 205 -16.53 -37.57 2.68
N LYS E 206 -17.82 -37.62 3.06
CA LYS E 206 -18.77 -36.50 2.97
C LYS E 206 -18.81 -35.67 4.27
N LYS E 207 -19.54 -34.54 4.26
CA LYS E 207 -19.72 -33.63 5.41
C LYS E 207 -21.20 -33.42 5.73
N LEU E 208 -21.48 -32.93 6.94
CA LEU E 208 -22.80 -32.44 7.34
C LEU E 208 -23.15 -31.11 6.64
N HIS E 209 -24.43 -30.83 6.42
CA HIS E 209 -24.85 -29.48 6.08
C HIS E 209 -24.62 -28.50 7.23
N ARG E 210 -24.25 -27.25 6.93
CA ARG E 210 -23.80 -26.25 7.92
C ARG E 210 -24.82 -26.04 9.04
N LYS E 211 -26.10 -25.90 8.71
CA LYS E 211 -27.21 -25.78 9.69
C LYS E 211 -27.31 -26.99 10.61
N CYS E 212 -27.20 -28.20 10.08
CA CYS E 212 -27.33 -29.42 10.88
C CYS E 212 -26.06 -29.71 11.72
N ALA E 213 -24.87 -29.36 11.21
CA ALA E 213 -23.65 -29.32 12.00
C ALA E 213 -23.73 -28.30 13.14
N TYR E 214 -24.24 -27.09 12.89
CA TYR E 214 -24.58 -26.13 13.96
C TYR E 214 -25.63 -26.67 14.94
N GLN E 215 -26.68 -27.33 14.44
CA GLN E 215 -27.80 -27.83 15.25
C GLN E 215 -27.33 -28.81 16.33
N ILE E 216 -26.49 -29.78 15.97
CA ILE E 216 -25.86 -30.64 16.96
C ILE E 216 -24.86 -29.86 17.83
N LEU E 217 -24.04 -28.98 17.25
CA LEU E 217 -22.96 -28.32 18.00
C LEU E 217 -23.47 -27.36 19.07
N VAL E 218 -24.53 -26.58 18.81
CA VAL E 218 -25.09 -25.71 19.85
C VAL E 218 -25.78 -26.53 20.95
N GLN E 219 -26.46 -27.63 20.60
CA GLN E 219 -27.06 -28.52 21.59
C GLN E 219 -25.99 -29.21 22.45
N VAL E 220 -24.92 -29.72 21.84
CA VAL E 220 -23.73 -30.24 22.55
C VAL E 220 -23.19 -29.19 23.50
N LYS E 221 -22.97 -27.95 23.02
CA LYS E 221 -22.45 -26.85 23.85
C LYS E 221 -23.35 -26.65 25.05
N GLU E 222 -24.65 -26.51 24.85
CA GLU E 222 -25.60 -26.32 25.95
C GLU E 222 -25.47 -27.43 26.98
N VAL E 223 -25.48 -28.68 26.53
CA VAL E 223 -25.35 -29.83 27.43
C VAL E 223 -24.05 -29.76 28.20
N LEU E 224 -22.91 -29.58 27.54
CA LEU E 224 -21.59 -29.42 28.16
C LEU E 224 -21.53 -28.22 29.12
N SER E 225 -22.23 -27.14 28.84
CA SER E 225 -22.27 -25.97 29.72
C SER E 225 -23.08 -26.21 31.00
N LYS E 226 -24.12 -27.06 30.94
CA LYS E 226 -24.86 -27.53 32.12
C LYS E 226 -24.14 -28.61 32.94
N LEU E 227 -23.47 -29.56 32.28
CA LEU E 227 -22.81 -30.71 32.94
C LEU E 227 -21.78 -30.29 33.99
N SER E 228 -21.59 -31.13 35.03
CA SER E 228 -20.87 -30.82 36.27
C SER E 228 -19.58 -30.03 36.07
N THR E 229 -19.36 -28.95 36.84
CA THR E 229 -18.29 -27.94 36.61
C THR E 229 -16.86 -28.50 36.57
N LEU E 230 -16.61 -29.58 37.33
CA LEU E 230 -15.57 -30.56 37.00
C LEU E 230 -16.03 -31.94 37.48
N VAL E 231 -15.69 -32.99 36.74
CA VAL E 231 -16.41 -34.26 36.81
C VAL E 231 -15.72 -35.23 37.77
N GLU E 232 -16.47 -35.68 38.78
CA GLU E 232 -16.12 -36.81 39.62
C GLU E 232 -17.28 -37.82 39.61
N THR E 233 -16.93 -39.10 39.42
CA THR E 233 -17.85 -40.23 39.21
C THR E 233 -17.43 -41.48 39.98
N THR E 234 -18.38 -42.13 40.65
CA THR E 234 -18.21 -43.51 41.13
C THR E 234 -18.54 -44.51 40.00
N LEU E 235 -17.53 -45.13 39.37
CA LEU E 235 -17.75 -46.14 38.32
C LEU E 235 -18.35 -47.43 38.90
N LYS E 236 -19.24 -48.10 38.15
CA LYS E 236 -20.01 -49.28 38.58
C LYS E 236 -19.29 -50.61 38.28
N GLU E 237 -19.75 -51.71 38.87
CA GLU E 237 -18.90 -52.91 38.98
C GLU E 237 -18.71 -53.72 37.67
N THR E 238 -19.76 -54.08 36.91
CA THR E 238 -19.59 -55.07 35.83
C THR E 238 -19.07 -54.44 34.53
N GLU E 239 -19.08 -53.11 34.44
CA GLU E 239 -18.83 -52.36 33.21
C GLU E 239 -17.33 -52.29 32.85
N LYS E 240 -16.99 -52.47 31.57
CA LYS E 240 -15.61 -52.61 31.09
C LYS E 240 -15.10 -51.32 30.42
N ILE E 241 -13.93 -50.85 30.84
CA ILE E 241 -13.31 -49.61 30.35
C ILE E 241 -12.92 -49.72 28.87
N THR E 242 -13.36 -48.79 28.04
CA THR E 242 -12.60 -48.44 26.83
C THR E 242 -11.97 -47.07 27.04
N VAL E 243 -10.65 -46.98 26.84
CA VAL E 243 -9.91 -45.73 26.83
C VAL E 243 -9.23 -45.49 25.50
N CYS E 244 -9.33 -44.26 25.00
CA CYS E 244 -8.36 -43.70 24.06
C CYS E 244 -7.47 -42.72 24.81
N GLY E 245 -6.16 -42.87 24.62
CA GLY E 245 -5.26 -41.77 24.84
C GLY E 245 -5.36 -40.77 23.70
N ASP E 246 -4.24 -40.20 23.26
CA ASP E 246 -4.25 -39.45 22.01
C ASP E 246 -4.67 -40.30 20.83
N THR E 247 -5.59 -39.77 20.02
CA THR E 247 -6.02 -40.35 18.74
C THR E 247 -6.23 -39.20 17.76
N HIS E 248 -5.13 -38.52 17.40
CA HIS E 248 -5.07 -37.46 16.41
C HIS E 248 -5.88 -37.86 15.15
N GLY E 249 -6.97 -37.14 14.89
CA GLY E 249 -8.17 -37.65 14.19
C GLY E 249 -7.98 -38.29 12.81
N GLN E 250 -8.37 -39.57 12.69
CA GLN E 250 -8.25 -40.39 11.49
C GLN E 250 -9.43 -41.38 11.36
N PHE E 251 -10.05 -41.52 10.18
CA PHE E 251 -11.29 -42.33 10.08
C PHE E 251 -11.05 -43.82 10.27
N TYR E 252 -9.94 -44.35 9.74
CA TYR E 252 -9.50 -45.71 10.03
C TYR E 252 -9.31 -45.95 11.53
N ASP E 253 -8.81 -44.99 12.30
CA ASP E 253 -8.73 -45.17 13.74
C ASP E 253 -10.13 -45.36 14.34
N LEU E 254 -11.14 -44.60 13.91
CA LEU E 254 -12.51 -44.84 14.34
C LEU E 254 -13.00 -46.24 13.96
N LEU E 255 -12.75 -46.68 12.73
CA LEU E 255 -13.14 -48.03 12.31
C LEU E 255 -12.45 -49.07 13.19
N ASN E 256 -11.15 -48.90 13.42
CA ASN E 256 -10.30 -49.81 14.16
C ASN E 256 -10.68 -49.89 15.64
N ILE E 257 -11.10 -48.79 16.28
CA ILE E 257 -11.65 -48.94 17.64
C ILE E 257 -12.99 -49.69 17.68
N PHE E 258 -13.80 -49.61 16.62
CA PHE E 258 -14.97 -50.47 16.45
C PHE E 258 -14.61 -51.92 16.08
N GLU E 259 -13.35 -52.23 15.76
CA GLU E 259 -12.82 -53.62 15.77
C GLU E 259 -12.34 -54.05 17.16
N LEU E 260 -11.60 -53.16 17.83
CA LEU E 260 -10.99 -53.33 19.15
C LEU E 260 -12.03 -53.65 20.24
N ASN E 261 -13.19 -53.00 20.17
CA ASN E 261 -14.29 -53.18 21.12
C ASN E 261 -15.62 -53.20 20.37
N GLY E 262 -16.68 -53.65 21.05
CA GLY E 262 -18.04 -53.29 20.63
C GLY E 262 -18.32 -51.77 20.69
N LEU E 263 -19.59 -51.42 20.44
CA LEU E 263 -20.14 -50.07 20.42
C LEU E 263 -20.23 -49.49 21.85
N PRO E 264 -19.92 -48.20 22.10
CA PRO E 264 -20.04 -47.60 23.44
C PRO E 264 -21.47 -47.71 24.00
N SER E 265 -22.47 -47.25 23.23
CA SER E 265 -23.88 -47.65 23.27
C SER E 265 -24.56 -47.66 24.66
N GLU E 266 -24.20 -46.75 25.57
CA GLU E 266 -24.67 -46.77 26.98
C GLU E 266 -24.45 -48.13 27.68
N THR E 267 -23.47 -48.89 27.22
CA THR E 267 -23.26 -50.31 27.57
C THR E 267 -21.88 -50.59 28.13
N ASN E 268 -20.85 -49.85 27.81
CA ASN E 268 -19.51 -49.79 28.24
C ASN E 268 -19.01 -48.35 28.56
N PRO E 269 -18.35 -48.05 29.69
CA PRO E 269 -17.75 -46.73 29.94
C PRO E 269 -16.67 -46.43 28.91
N TYR E 270 -16.78 -45.26 28.29
CA TYR E 270 -15.98 -44.92 27.12
C TYR E 270 -15.36 -43.57 27.39
N ILE E 271 -14.08 -43.61 27.67
CA ILE E 271 -13.32 -42.41 28.03
C ILE E 271 -12.35 -42.07 26.92
N PHE E 272 -12.46 -40.86 26.41
CA PHE E 272 -11.69 -40.30 25.35
C PHE E 272 -10.88 -39.21 26.00
N ASN E 273 -9.63 -39.58 26.32
CA ASN E 273 -8.68 -38.85 27.15
C ASN E 273 -7.46 -38.48 26.29
N GLY E 274 -7.62 -37.59 25.31
CA GLY E 274 -6.75 -37.59 24.18
C GLY E 274 -6.64 -36.25 23.49
N ASP E 275 -5.60 -36.12 22.73
CA ASP E 275 -5.56 -35.24 21.61
C ASP E 275 -6.30 -35.87 20.43
N PHE E 276 -7.41 -35.28 19.96
CA PHE E 276 -8.19 -35.79 18.83
C PHE E 276 -8.30 -34.90 17.58
N VAL E 277 -7.99 -33.60 17.64
CA VAL E 277 -8.56 -32.58 16.70
C VAL E 277 -7.55 -31.94 15.76
N ASP E 278 -6.42 -32.60 15.70
CA ASP E 278 -5.19 -32.07 15.26
C ASP E 278 -4.31 -33.19 14.74
N ARG E 279 -3.38 -32.90 13.82
CA ARG E 279 -2.45 -33.83 13.16
C ARG E 279 -3.13 -35.05 12.51
N GLY E 280 -4.20 -34.77 11.81
CA GLY E 280 -4.87 -35.72 10.90
C GLY E 280 -6.02 -35.07 10.10
N SER E 281 -6.15 -35.39 8.80
CA SER E 281 -7.04 -34.67 7.89
C SER E 281 -8.53 -34.74 8.28
N PHE E 282 -8.92 -35.82 8.94
CA PHE E 282 -10.28 -36.14 9.34
C PHE E 282 -10.59 -35.65 10.76
N SER E 283 -9.89 -34.62 11.25
CA SER E 283 -9.95 -34.30 12.68
C SER E 283 -11.19 -33.51 13.11
N VAL E 284 -11.87 -32.68 12.29
CA VAL E 284 -13.17 -32.14 12.77
C VAL E 284 -14.24 -33.24 12.78
N GLU E 285 -14.11 -34.21 11.88
CA GLU E 285 -15.04 -35.29 11.74
C GLU E 285 -15.06 -36.22 12.96
N VAL E 286 -13.91 -36.49 13.54
CA VAL E 286 -13.79 -37.28 14.76
C VAL E 286 -14.63 -36.65 15.89
N ILE E 287 -14.45 -35.36 16.19
CA ILE E 287 -15.20 -34.66 17.22
C ILE E 287 -16.67 -34.50 16.85
N LEU E 288 -17.02 -34.32 15.57
CA LEU E 288 -18.42 -34.24 15.15
C LEU E 288 -19.19 -35.52 15.51
N THR E 289 -18.65 -36.72 15.26
CA THR E 289 -19.32 -37.95 15.70
C THR E 289 -19.24 -38.16 17.21
N LEU E 290 -18.07 -37.92 17.83
CA LEU E 290 -17.88 -38.16 19.26
C LEU E 290 -18.75 -37.25 20.11
N PHE E 291 -18.98 -36.01 19.69
CA PHE E 291 -19.91 -35.10 20.33
C PHE E 291 -21.35 -35.62 20.23
N GLY E 292 -21.73 -36.12 19.06
CA GLY E 292 -23.01 -36.81 18.90
C GLY E 292 -23.19 -37.96 19.92
N PHE E 293 -22.21 -38.86 19.99
CA PHE E 293 -22.24 -39.93 20.96
C PHE E 293 -22.34 -39.40 22.40
N LYS E 294 -21.63 -38.32 22.76
CA LYS E 294 -21.76 -37.75 24.11
C LYS E 294 -23.17 -37.26 24.40
N LEU E 295 -23.89 -36.66 23.44
CA LEU E 295 -25.31 -36.29 23.65
C LEU E 295 -26.19 -37.52 23.89
N LEU E 296 -25.94 -38.62 23.17
CA LEU E 296 -26.77 -39.81 23.23
C LEU E 296 -26.39 -40.76 24.37
N TYR E 297 -25.15 -40.72 24.85
CA TYR E 297 -24.64 -41.60 25.89
C TYR E 297 -24.11 -40.84 27.11
N PRO E 298 -24.78 -39.85 27.74
CA PRO E 298 -24.12 -38.86 28.60
C PRO E 298 -23.45 -39.45 29.85
N ASP E 299 -24.10 -40.40 30.52
CA ASP E 299 -23.76 -40.77 31.90
C ASP E 299 -22.37 -41.43 32.10
N HIS E 300 -21.84 -42.17 31.12
CA HIS E 300 -20.55 -42.86 31.24
C HIS E 300 -19.69 -42.80 29.95
N PHE E 301 -19.91 -41.76 29.15
CA PHE E 301 -19.09 -41.36 28.00
C PHE E 301 -18.38 -40.04 28.42
N HIS E 302 -17.07 -40.04 28.63
CA HIS E 302 -16.37 -38.84 29.09
C HIS E 302 -15.18 -38.49 28.22
N LEU E 303 -15.22 -37.27 27.70
CA LEU E 303 -14.37 -36.76 26.66
C LEU E 303 -13.56 -35.63 27.28
N LEU E 304 -12.27 -35.86 27.49
CA LEU E 304 -11.39 -34.96 28.22
C LEU E 304 -10.45 -34.23 27.26
N ARG E 305 -10.27 -32.92 27.52
CA ARG E 305 -9.28 -32.07 26.88
C ARG E 305 -7.92 -32.75 26.71
N GLY E 306 -7.45 -32.86 25.47
CA GLY E 306 -6.03 -32.91 25.25
C GLY E 306 -5.43 -31.54 25.59
N ASN E 307 -4.11 -31.39 25.62
CA ASN E 307 -3.56 -30.07 25.33
C ASN E 307 -3.90 -29.69 23.87
N ALA E 308 -3.88 -30.65 22.89
CA ALA E 308 -3.94 -30.32 21.46
C ALA E 308 -5.34 -29.93 21.06
N GLU E 309 -6.31 -30.02 21.86
CA GLU E 309 -7.63 -29.48 21.59
C GLU E 309 -7.69 -27.97 21.89
N THR E 310 -6.73 -27.40 22.60
CA THR E 310 -6.70 -25.96 22.95
C THR E 310 -6.48 -25.07 21.72
N ASP E 311 -6.75 -23.78 21.69
CA ASP E 311 -6.96 -22.74 20.63
C ASP E 311 -5.64 -22.86 19.77
N ASN E 312 -4.48 -22.52 20.38
CA ASN E 312 -3.24 -22.21 19.63
C ASN E 312 -2.70 -23.41 18.83
N MET E 313 -3.05 -24.62 19.29
CA MET E 313 -2.76 -25.93 18.69
C MET E 313 -3.23 -26.03 17.23
N ASN E 314 -4.37 -25.40 16.98
CA ASN E 314 -5.07 -25.32 15.71
C ASN E 314 -4.39 -24.36 14.74
N GLN E 315 -3.66 -23.37 15.26
CA GLN E 315 -2.85 -22.48 14.43
C GLN E 315 -1.56 -23.20 14.01
N ILE E 316 -0.84 -23.77 14.98
CA ILE E 316 0.46 -24.40 14.75
C ILE E 316 0.40 -25.64 13.85
N TYR E 317 -0.65 -26.46 13.97
CA TYR E 317 -0.91 -27.60 13.08
C TYR E 317 -2.07 -27.35 12.11
N GLY E 318 -2.35 -26.08 11.80
CA GLY E 318 -3.17 -25.62 10.68
C GLY E 318 -4.67 -25.88 10.76
N PHE E 319 -5.16 -26.68 11.72
CA PHE E 319 -6.58 -27.03 11.87
C PHE E 319 -7.53 -25.83 11.81
N GLU E 320 -7.09 -24.67 12.33
CA GLU E 320 -7.82 -23.41 12.24
C GLU E 320 -8.16 -23.04 10.79
N GLY E 321 -7.18 -23.10 9.90
CA GLY E 321 -7.35 -22.90 8.45
C GLY E 321 -7.97 -24.09 7.73
N GLU E 322 -7.70 -25.32 8.18
CA GLU E 322 -8.31 -26.53 7.61
C GLU E 322 -9.83 -26.52 7.82
N VAL E 323 -10.32 -26.18 9.02
CA VAL E 323 -11.74 -25.91 9.22
C VAL E 323 -12.18 -24.74 8.34
N LYS E 324 -11.48 -23.59 8.34
CA LYS E 324 -11.88 -22.40 7.55
C LYS E 324 -12.08 -22.66 6.04
N ALA E 325 -11.39 -23.63 5.46
CA ALA E 325 -11.63 -24.08 4.09
C ALA E 325 -12.90 -24.95 3.96
N LYS E 326 -12.99 -25.94 4.84
CA LYS E 326 -14.08 -26.94 4.98
C LYS E 326 -15.45 -26.33 5.30
N TYR E 327 -15.45 -25.33 6.20
CA TYR E 327 -16.57 -24.47 6.56
C TYR E 327 -16.07 -23.05 6.85
N THR E 328 -16.93 -22.06 6.71
CA THR E 328 -16.66 -20.64 7.06
C THR E 328 -16.24 -20.50 8.53
N ALA E 329 -15.51 -19.44 8.87
CA ALA E 329 -14.70 -19.35 10.09
C ALA E 329 -15.47 -19.53 11.40
N GLN E 330 -16.73 -19.08 11.47
CA GLN E 330 -17.58 -19.20 12.66
C GLN E 330 -17.69 -20.63 13.20
N MET E 331 -17.70 -21.65 12.32
CA MET E 331 -17.63 -23.06 12.75
C MET E 331 -16.39 -23.32 13.61
N TYR E 332 -15.21 -22.90 13.17
CA TYR E 332 -13.98 -23.04 13.93
C TYR E 332 -14.00 -22.27 15.26
N GLU E 333 -14.62 -21.09 15.28
CA GLU E 333 -14.83 -20.36 16.53
C GLU E 333 -15.71 -21.15 17.49
N LEU E 334 -16.79 -21.77 17.02
CA LEU E 334 -17.59 -22.65 17.87
C LEU E 334 -16.76 -23.84 18.36
N PHE E 335 -15.97 -24.49 17.51
CA PHE E 335 -15.13 -25.60 17.98
C PHE E 335 -14.10 -25.14 19.00
N SER E 336 -13.55 -23.95 18.86
CA SER E 336 -12.61 -23.37 19.83
C SER E 336 -13.31 -23.02 21.16
N GLU E 337 -14.56 -22.54 21.11
CA GLU E 337 -15.38 -22.34 22.30
C GLU E 337 -15.72 -23.67 23.00
N VAL E 338 -16.15 -24.68 22.24
CA VAL E 338 -16.42 -26.01 22.80
C VAL E 338 -15.15 -26.66 23.35
N PHE E 339 -13.95 -26.36 22.82
CA PHE E 339 -12.70 -26.81 23.44
C PHE E 339 -12.42 -26.16 24.81
N GLU E 340 -13.00 -25.00 25.13
CA GLU E 340 -13.01 -24.48 26.50
C GLU E 340 -14.16 -25.03 27.34
N TRP E 341 -15.30 -25.39 26.75
CA TRP E 341 -16.34 -26.11 27.49
C TRP E 341 -16.03 -27.59 27.77
N LEU E 342 -15.01 -28.19 27.16
CA LEU E 342 -14.70 -29.61 27.33
C LEU E 342 -14.05 -29.98 28.69
N PRO E 343 -14.46 -31.08 29.37
CA PRO E 343 -13.92 -31.51 30.66
C PRO E 343 -12.39 -31.59 30.72
N LEU E 344 -11.83 -31.13 31.84
CA LEU E 344 -10.40 -30.90 32.00
C LEU E 344 -9.66 -32.13 32.57
N ALA E 345 -10.22 -32.75 33.61
CA ALA E 345 -9.72 -33.96 34.27
C ALA E 345 -10.85 -34.64 35.05
N GLN E 346 -10.79 -35.94 35.29
CA GLN E 346 -11.78 -36.60 36.15
C GLN E 346 -11.27 -37.87 36.81
N CYS E 347 -11.96 -38.28 37.86
CA CYS E 347 -11.67 -39.48 38.65
C CYS E 347 -12.69 -40.60 38.36
N ILE E 348 -12.18 -41.82 38.25
CA ILE E 348 -12.93 -43.05 38.07
C ILE E 348 -12.86 -43.85 39.37
N ASN E 349 -14.03 -44.09 39.96
CA ASN E 349 -14.24 -44.82 41.22
C ASN E 349 -13.49 -44.24 42.44
N GLY E 350 -12.90 -43.03 42.35
CA GLY E 350 -12.02 -42.53 43.40
C GLY E 350 -10.68 -43.28 43.52
N LYS E 351 -10.42 -44.22 42.58
CA LYS E 351 -9.24 -45.10 42.53
C LYS E 351 -8.34 -44.89 41.31
N VAL E 352 -8.82 -44.33 40.20
CA VAL E 352 -7.91 -43.87 39.12
C VAL E 352 -8.23 -42.49 38.60
N LEU E 353 -7.19 -41.67 38.42
CA LEU E 353 -7.30 -40.37 37.76
C LEU E 353 -7.14 -40.59 36.26
N ILE E 354 -8.14 -40.15 35.52
CA ILE E 354 -8.15 -40.13 34.06
C ILE E 354 -7.88 -38.70 33.62
N MET E 355 -6.78 -38.57 32.91
CA MET E 355 -6.06 -37.34 32.88
C MET E 355 -5.18 -37.37 31.67
N HIS E 356 -5.22 -36.28 30.97
CA HIS E 356 -4.22 -35.95 29.99
C HIS E 356 -3.08 -35.25 30.74
N GLY E 357 -2.00 -35.94 31.08
CA GLY E 357 -0.92 -35.41 31.95
C GLY E 357 -1.01 -35.76 33.46
N GLY E 358 -0.99 -34.77 34.36
CA GLY E 358 -0.89 -35.00 35.81
C GLY E 358 -1.12 -33.76 36.68
N LEU E 359 -1.60 -33.91 37.92
CA LEU E 359 -2.06 -32.78 38.75
C LEU E 359 -1.00 -31.68 38.95
N PHE E 360 -1.42 -30.41 38.99
CA PHE E 360 -0.51 -29.25 38.98
C PHE E 360 0.16 -29.01 40.34
N SER E 361 1.35 -28.40 40.33
CA SER E 361 2.07 -27.89 41.51
C SER E 361 2.32 -28.93 42.63
N GLU E 362 1.92 -28.67 43.87
CA GLU E 362 2.21 -29.49 45.06
C GLU E 362 1.26 -30.69 45.18
N ASP E 363 1.60 -31.65 46.03
CA ASP E 363 0.80 -32.87 46.22
C ASP E 363 -0.65 -32.63 46.68
N GLY E 364 -0.98 -31.47 47.30
CA GLY E 364 -2.31 -31.31 47.88
C GLY E 364 -3.47 -31.10 46.90
N VAL E 365 -3.20 -30.88 45.62
CA VAL E 365 -4.26 -30.52 44.65
C VAL E 365 -5.14 -31.70 44.26
N THR E 366 -6.44 -31.54 44.49
CA THR E 366 -7.51 -32.44 44.05
C THR E 366 -8.30 -31.85 42.86
N LEU E 367 -9.12 -32.68 42.20
CA LEU E 367 -10.19 -32.15 41.34
C LEU E 367 -11.19 -31.27 42.10
N ASP E 368 -11.34 -31.42 43.42
CA ASP E 368 -12.19 -30.55 44.25
C ASP E 368 -11.55 -29.17 44.48
N ASP E 369 -10.21 -29.04 44.43
CA ASP E 369 -9.54 -27.75 44.31
C ASP E 369 -9.73 -27.15 42.90
N ILE E 370 -9.50 -27.95 41.85
CA ILE E 370 -9.55 -27.48 40.46
C ILE E 370 -10.97 -27.05 40.05
N ARG E 371 -12.01 -27.78 40.48
CA ARG E 371 -13.43 -27.52 40.17
C ARG E 371 -13.88 -26.09 40.44
N LYS E 372 -13.30 -25.44 41.45
CA LYS E 372 -13.65 -24.06 41.80
C LYS E 372 -13.39 -23.08 40.63
N ILE E 373 -12.42 -23.40 39.76
CA ILE E 373 -12.19 -22.72 38.49
C ILE E 373 -13.08 -23.35 37.41
N GLU E 374 -13.97 -22.51 36.86
CA GLU E 374 -14.97 -22.88 35.85
C GLU E 374 -14.36 -23.13 34.46
N ARG E 375 -15.05 -23.99 33.72
CA ARG E 375 -14.68 -24.52 32.40
C ARG E 375 -15.02 -23.54 31.27
N ASN E 376 -14.41 -22.36 31.33
CA ASN E 376 -14.63 -21.26 30.38
C ASN E 376 -13.33 -20.44 30.18
N ARG E 377 -12.17 -21.11 30.32
CA ARG E 377 -10.87 -20.50 30.60
C ARG E 377 -9.71 -21.40 30.13
N GLN E 378 -8.55 -20.78 29.97
CA GLN E 378 -7.19 -21.36 29.84
C GLN E 378 -6.09 -20.51 30.53
N PRO E 379 -5.29 -20.98 31.50
CA PRO E 379 -4.12 -20.22 31.99
C PRO E 379 -2.98 -20.17 30.95
N PRO E 380 -1.82 -19.57 31.27
CA PRO E 380 -0.65 -19.63 30.41
C PRO E 380 -0.19 -21.06 30.09
N ASP E 381 0.60 -21.24 29.04
CA ASP E 381 0.93 -22.58 28.51
C ASP E 381 1.76 -23.42 29.50
N SER E 382 2.42 -22.77 30.45
CA SER E 382 3.08 -23.38 31.57
C SER E 382 2.26 -23.34 32.86
N GLY E 383 1.06 -22.76 32.83
CA GLY E 383 0.23 -22.39 34.01
C GLY E 383 -0.83 -23.44 34.37
N PRO E 384 -1.66 -23.27 35.42
CA PRO E 384 -2.23 -24.40 36.16
C PRO E 384 -3.01 -25.47 35.38
N MET E 385 -3.97 -25.11 34.51
CA MET E 385 -4.64 -26.13 33.67
C MET E 385 -3.65 -26.78 32.68
N CYS E 386 -2.80 -25.99 32.04
CA CYS E 386 -1.79 -26.47 31.09
C CYS E 386 -0.72 -27.35 31.78
N ASP E 387 -0.41 -27.05 33.03
CA ASP E 387 0.41 -27.87 33.90
C ASP E 387 -0.30 -29.22 34.18
N LEU E 388 -1.63 -29.25 34.27
CA LEU E 388 -2.36 -30.53 34.21
C LEU E 388 -2.07 -31.24 32.90
N LEU E 389 -2.48 -30.60 31.79
CA LEU E 389 -2.60 -31.18 30.45
C LEU E 389 -1.29 -31.72 29.90
N TRP E 390 -0.17 -31.31 30.47
CA TRP E 390 1.12 -31.49 29.85
C TRP E 390 2.24 -31.74 30.87
N SER E 391 2.01 -31.71 32.19
CA SER E 391 3.06 -32.15 33.11
C SER E 391 3.50 -33.57 32.77
N ASP E 392 4.78 -33.71 32.45
CA ASP E 392 5.32 -34.96 31.94
C ASP E 392 5.64 -35.94 33.08
N PRO E 393 5.89 -37.22 32.79
CA PRO E 393 6.40 -38.16 33.79
C PRO E 393 7.91 -38.00 34.01
N GLN E 394 8.38 -38.66 35.07
CA GLN E 394 9.74 -39.19 35.18
C GLN E 394 9.69 -40.46 36.03
N PRO E 395 10.49 -41.49 35.74
CA PRO E 395 10.86 -42.49 36.77
C PRO E 395 11.64 -41.87 37.94
N GLN E 396 12.31 -40.74 37.69
CA GLN E 396 12.92 -39.88 38.70
C GLN E 396 11.82 -39.46 39.67
N ASN E 397 11.93 -39.85 40.92
CA ASN E 397 10.78 -39.88 41.82
C ASN E 397 10.26 -38.49 42.21
N GLY E 398 11.10 -37.47 42.27
CA GLY E 398 10.67 -36.11 42.64
C GLY E 398 9.90 -35.39 41.53
N ARG E 399 9.36 -34.22 41.88
CA ARG E 399 8.97 -33.21 40.89
C ARG E 399 10.21 -32.54 40.28
N SER E 400 10.02 -32.02 39.07
CA SER E 400 11.07 -31.59 38.15
C SER E 400 10.43 -30.69 37.08
N ILE E 401 11.24 -29.98 36.28
CA ILE E 401 10.73 -29.15 35.17
C ILE E 401 11.33 -29.56 33.84
N SER E 402 10.50 -29.50 32.79
CA SER E 402 10.74 -30.20 31.51
C SER E 402 10.98 -29.30 30.30
N LYS E 403 11.82 -29.79 29.37
CA LYS E 403 12.26 -29.09 28.15
C LYS E 403 11.20 -28.89 27.08
N ARG E 404 10.15 -29.71 27.05
CA ARG E 404 9.12 -29.71 25.97
C ARG E 404 8.44 -28.35 25.80
N GLY E 405 8.15 -27.66 26.91
CA GLY E 405 7.62 -26.28 26.93
C GLY E 405 6.73 -25.93 28.12
N VAL E 406 5.99 -26.88 28.71
CA VAL E 406 5.22 -26.62 29.96
C VAL E 406 6.12 -26.33 31.16
N SER E 407 7.41 -26.73 31.14
CA SER E 407 8.33 -26.63 32.26
C SER E 407 7.80 -27.35 33.52
N CYS E 408 7.41 -28.62 33.38
CA CYS E 408 6.94 -29.45 34.49
C CYS E 408 6.99 -30.95 34.16
N GLN E 409 7.55 -31.74 35.08
CA GLN E 409 7.53 -33.20 35.05
C GLN E 409 7.64 -33.86 36.42
N PHE E 410 6.69 -34.75 36.75
CA PHE E 410 6.57 -35.33 38.09
C PHE E 410 6.79 -36.84 38.07
N GLY E 411 7.12 -37.42 39.22
CA GLY E 411 7.47 -38.83 39.32
C GLY E 411 6.96 -39.58 40.55
N PRO E 412 7.34 -40.86 40.69
CA PRO E 412 6.73 -41.87 41.56
C PRO E 412 6.57 -41.53 43.04
N ASP E 413 7.48 -40.77 43.66
CA ASP E 413 7.29 -40.34 45.04
C ASP E 413 6.12 -39.35 45.17
N VAL E 414 6.14 -38.32 44.32
CA VAL E 414 5.11 -37.26 44.23
C VAL E 414 3.76 -37.83 43.81
N THR E 415 3.74 -38.71 42.81
CA THR E 415 2.50 -39.37 42.37
C THR E 415 1.95 -40.28 43.47
N LYS E 416 2.76 -41.04 44.21
CA LYS E 416 2.25 -41.76 45.39
C LYS E 416 1.69 -40.81 46.44
N ALA E 417 2.33 -39.66 46.68
CA ALA E 417 1.77 -38.65 47.58
C ALA E 417 0.40 -38.13 47.09
N PHE E 418 0.23 -37.83 45.80
CA PHE E 418 -1.09 -37.51 45.23
C PHE E 418 -2.11 -38.64 45.43
N LEU E 419 -1.73 -39.90 45.21
CA LEU E 419 -2.64 -41.02 45.41
C LEU E 419 -3.13 -41.09 46.86
N GLU E 420 -2.26 -40.84 47.85
CA GLU E 420 -2.70 -40.79 49.24
C GLU E 420 -3.54 -39.55 49.58
N GLU E 421 -3.08 -38.37 49.19
CA GLU E 421 -3.77 -37.10 49.41
C GLU E 421 -5.19 -37.12 48.84
N ASN E 422 -5.34 -37.70 47.65
CA ASN E 422 -6.57 -37.71 46.87
C ASN E 422 -7.29 -39.07 46.95
N ASN E 423 -6.79 -39.99 47.78
CA ASN E 423 -7.26 -41.36 48.05
C ASN E 423 -7.31 -42.35 46.84
N LEU E 424 -6.61 -42.08 45.74
CA LEU E 424 -6.63 -42.89 44.53
C LEU E 424 -5.68 -44.09 44.73
N ASP E 425 -5.60 -44.98 43.74
CA ASP E 425 -4.71 -46.14 43.72
C ASP E 425 -3.72 -46.14 42.54
N TYR E 426 -4.05 -45.46 41.44
CA TYR E 426 -3.23 -45.34 40.23
C TYR E 426 -3.63 -44.12 39.38
N ILE E 427 -2.82 -43.80 38.37
CA ILE E 427 -3.07 -42.75 37.38
C ILE E 427 -2.93 -43.31 35.97
N ILE E 428 -3.83 -42.92 35.06
CA ILE E 428 -3.67 -43.15 33.63
C ILE E 428 -3.37 -41.86 32.87
N ARG E 429 -2.38 -41.95 32.00
CA ARG E 429 -1.82 -40.88 31.16
C ARG E 429 -1.85 -41.30 29.69
N SER E 430 -1.85 -40.32 28.80
CA SER E 430 -2.31 -40.53 27.42
C SER E 430 -1.62 -39.73 26.32
N HIS E 431 -0.75 -38.81 26.73
CA HIS E 431 -0.14 -37.71 25.94
C HIS E 431 1.11 -38.18 25.18
N GLU E 432 1.81 -39.13 25.77
CA GLU E 432 3.19 -39.53 25.47
C GLU E 432 3.26 -40.52 24.31
N VAL E 433 3.70 -40.06 23.14
CA VAL E 433 3.96 -40.92 21.99
C VAL E 433 5.04 -41.96 22.33
N LYS E 434 4.86 -43.20 21.84
CA LYS E 434 5.71 -44.35 22.11
C LYS E 434 6.25 -44.96 20.81
N ALA E 435 7.50 -45.44 20.83
CA ALA E 435 8.02 -46.30 19.78
C ALA E 435 7.26 -47.64 19.72
N GLU E 436 6.76 -48.14 20.87
CA GLU E 436 5.82 -49.26 20.94
C GLU E 436 4.79 -49.09 22.07
N GLY E 437 3.51 -49.00 21.70
CA GLY E 437 2.42 -49.45 22.57
C GLY E 437 2.11 -48.56 23.77
N TYR E 438 2.21 -49.15 24.96
CA TYR E 438 1.81 -48.58 26.25
C TYR E 438 3.03 -48.22 27.09
N GLU E 439 2.86 -47.79 28.35
CA GLU E 439 3.90 -47.93 29.37
C GLU E 439 3.36 -48.52 30.67
N VAL E 440 4.18 -49.38 31.25
CA VAL E 440 4.18 -49.77 32.66
C VAL E 440 5.52 -49.33 33.24
N ALA E 441 5.50 -48.43 34.22
CA ALA E 441 6.68 -47.83 34.80
C ALA E 441 6.59 -47.77 36.34
N HIS E 442 7.72 -47.74 37.05
CA HIS E 442 7.75 -47.74 38.52
C HIS E 442 6.78 -48.76 39.15
N GLY E 443 6.73 -49.98 38.62
CA GLY E 443 5.88 -51.04 39.19
C GLY E 443 4.42 -51.03 38.75
N GLY E 444 4.03 -50.18 37.79
CA GLY E 444 2.68 -50.19 37.23
C GLY E 444 1.68 -49.29 37.98
N ARG E 445 2.10 -48.52 38.99
CA ARG E 445 1.29 -47.61 39.73
C ARG E 445 0.77 -46.51 38.81
N CYS E 446 1.60 -46.14 37.84
CA CYS E 446 1.28 -45.25 36.75
C CYS E 446 1.19 -46.07 35.46
N VAL E 447 0.19 -45.73 34.66
CA VAL E 447 -0.26 -46.42 33.45
C VAL E 447 -0.26 -45.45 32.28
N THR E 448 0.35 -45.81 31.16
CA THR E 448 0.33 -45.02 29.93
C THR E 448 -0.41 -45.76 28.84
N VAL E 449 -1.30 -45.08 28.12
CA VAL E 449 -1.97 -45.59 26.90
C VAL E 449 -1.82 -44.59 25.76
N PHE E 450 -1.41 -45.02 24.58
CA PHE E 450 -1.27 -44.14 23.42
C PHE E 450 -1.89 -44.77 22.18
N SER E 451 -2.73 -43.99 21.50
CA SER E 451 -3.83 -44.50 20.67
C SER E 451 -3.86 -43.85 19.28
N ALA E 452 -2.69 -43.42 18.78
CA ALA E 452 -2.50 -42.80 17.48
C ALA E 452 -1.35 -43.52 16.73
N PRO E 453 -1.61 -44.62 16.02
CA PRO E 453 -0.56 -45.51 15.51
C PRO E 453 0.31 -44.82 14.45
N ASN E 454 -0.31 -43.98 13.63
CA ASN E 454 0.35 -43.01 12.79
C ASN E 454 -0.07 -41.60 13.21
N TYR E 455 0.93 -40.76 13.48
CA TYR E 455 0.80 -39.33 13.80
C TYR E 455 0.74 -38.52 12.49
N CYS E 456 1.70 -38.77 11.60
CA CYS E 456 1.69 -38.49 10.17
C CYS E 456 2.79 -39.35 9.53
N ASP E 457 3.12 -39.19 8.25
CA ASP E 457 4.21 -39.94 7.58
C ASP E 457 5.63 -39.68 8.16
N GLN E 458 5.80 -38.72 9.06
CA GLN E 458 7.01 -38.59 9.89
C GLN E 458 7.13 -39.69 10.98
N MET E 459 6.01 -40.27 11.39
CA MET E 459 5.85 -41.00 12.66
C MET E 459 4.77 -42.10 12.58
N GLY E 460 5.19 -43.33 12.30
CA GLY E 460 4.38 -44.55 12.37
C GLY E 460 4.99 -45.59 13.32
N ASN E 461 4.21 -46.05 14.29
CA ASN E 461 4.64 -46.89 15.42
C ASN E 461 3.44 -47.62 16.09
N LYS E 462 3.68 -48.57 16.99
CA LYS E 462 2.59 -49.37 17.59
C LYS E 462 1.80 -48.58 18.63
N ALA E 463 0.51 -48.87 18.75
CA ALA E 463 -0.48 -48.28 19.62
C ALA E 463 -1.02 -49.32 20.55
N SER E 464 -1.44 -48.80 21.70
CA SER E 464 -1.98 -49.54 22.80
C SER E 464 -3.39 -49.07 23.11
N TYR E 465 -4.15 -50.03 23.60
CA TYR E 465 -5.47 -49.92 24.13
C TYR E 465 -5.46 -50.71 25.43
N ILE E 466 -6.38 -50.41 26.31
CA ILE E 466 -6.47 -51.03 27.62
C ILE E 466 -7.87 -51.55 27.77
N HIS E 467 -7.94 -52.68 28.46
CA HIS E 467 -9.14 -53.31 28.94
C HIS E 467 -8.90 -53.35 30.45
N LEU E 468 -9.87 -52.83 31.17
CA LEU E 468 -9.92 -52.64 32.62
C LEU E 468 -11.39 -52.76 33.00
N GLN E 469 -11.74 -53.15 34.22
CA GLN E 469 -13.12 -53.46 34.58
C GLN E 469 -13.52 -52.78 35.88
N GLY E 470 -14.72 -52.24 35.97
CA GLY E 470 -15.09 -51.25 36.98
C GLY E 470 -15.25 -51.77 38.41
N SER E 471 -15.29 -53.10 38.60
CA SER E 471 -15.26 -53.79 39.90
C SER E 471 -13.84 -53.98 40.42
N ASP E 472 -13.01 -54.64 39.61
CA ASP E 472 -11.63 -55.03 39.94
C ASP E 472 -10.65 -54.16 39.16
N LEU E 473 -9.65 -53.55 39.80
CA LEU E 473 -8.80 -52.60 39.09
C LEU E 473 -7.30 -52.95 39.19
N ARG E 474 -6.73 -53.26 38.03
CA ARG E 474 -5.30 -53.24 37.65
C ARG E 474 -5.21 -52.93 36.14
N PRO E 475 -4.19 -52.24 35.63
CA PRO E 475 -4.03 -52.04 34.19
C PRO E 475 -3.76 -53.36 33.46
N GLN E 476 -4.46 -53.61 32.34
CA GLN E 476 -4.29 -54.74 31.43
C GLN E 476 -4.41 -54.25 29.98
N PHE E 477 -3.64 -54.84 29.06
CA PHE E 477 -3.22 -54.14 27.84
C PHE E 477 -3.53 -54.91 26.57
N HIS E 478 -3.86 -54.12 25.54
CA HIS E 478 -4.22 -54.54 24.22
C HIS E 478 -3.30 -53.81 23.26
N GLN E 479 -2.83 -54.50 22.23
CA GLN E 479 -1.93 -54.01 21.24
C GLN E 479 -2.61 -53.87 19.89
N PHE E 480 -2.30 -52.77 19.20
CA PHE E 480 -2.87 -52.46 17.92
C PHE E 480 -1.84 -52.15 16.83
N THR E 481 -1.91 -52.87 15.71
CA THR E 481 -0.71 -53.12 14.88
C THR E 481 -0.45 -52.07 13.80
N ALA E 482 -1.44 -51.80 12.94
CA ALA E 482 -1.27 -51.06 11.70
C ALA E 482 -2.52 -50.25 11.34
N VAL E 483 -2.28 -49.16 10.60
CA VAL E 483 -3.30 -48.24 10.04
C VAL E 483 -3.08 -47.99 8.52
N PRO E 484 -4.11 -48.17 7.68
CA PRO E 484 -4.12 -47.67 6.30
C PRO E 484 -4.42 -46.17 6.19
N HIS E 485 -4.42 -45.59 5.05
CA HIS E 485 -4.90 -44.38 4.49
C HIS E 485 -5.42 -44.52 3.08
#